data_5YU8
#
_entry.id   5YU8
#
loop_
_entity.id
_entity.type
_entity.pdbx_description
1 polymer 'Actin, alpha skeletal muscle'
2 polymer Cofilin-2
3 non-polymer 'MAGNESIUM ION'
4 non-polymer "ADENOSINE-5'-DIPHOSPHATE"
#
loop_
_entity_poly.entity_id
_entity_poly.type
_entity_poly.pdbx_seq_one_letter_code
_entity_poly.pdbx_strand_id
1 'polypeptide(L)'
;DEDETTALVCDNGSGLVKAGFAGDDAPRAVFPSIVGRPRHQGVMVGMGQKDSYVGDEAQSKRGILTLKYPIE(HIC)GII
TNWDDMEKIWHHTFYNELRVAPEEHPTLLTEAPLNPKANREKMTQIMFETFNVPAMYVAIQAVLSLYASGRTTGIVLDSG
DGVTHNVPIYEGYALPHAIMRLDLAGRDLTDYLMKILTERGYSFVTTAEREIVRDIKEKLCYVALDFENEMATAASSSSL
EKSYELPDGQVITIGNERFRCPETLFQPSFIGMESAGIHETTYNSIMKCDIDIRKDLYANNVMSGGTTMYPGIADRMQKE
ITALAPSTMKIKIIAPPERKYSVWIGGSILASLSTFQQMWITKQEYDEAGPSIVHRKCF
;
A,B,C,D,E
2 'polypeptide(L)'
;MASGVTVNDEVIKVFNDMKVRKSSTPEEIKKRKKAVLFCLSDDKKQIIVEEAKQILVGDIGDTVEDPYTAFVKLLPLNDC
RYALYDATYETKESKKEDLVFIFWAPESAPLKSKMIYASSKDAIKKKFTGIKHEWQVNGLDDIKDRSTLGEKLGGNVVVS
LEGKPL
;
H,I,J
#
loop_
_chem_comp.id
_chem_comp.type
_chem_comp.name
_chem_comp.formula
ADP non-polymer ADENOSINE-5'-DIPHOSPHATE 'C10 H15 N5 O10 P2'
MG non-polymer 'MAGNESIUM ION' 'Mg 2'
#
# COMPACT_ATOMS: atom_id res chain seq x y z
N THR A 6 68.37 3.10 -3.26
CA THR A 6 66.90 2.95 -3.62
C THR A 6 66.51 3.66 -4.90
N ALA A 7 65.61 3.09 -5.71
CA ALA A 7 65.22 3.66 -6.98
C ALA A 7 63.81 3.24 -7.32
N LEU A 8 63.01 4.11 -7.92
CA LEU A 8 61.67 3.81 -8.38
C LEU A 8 61.69 3.32 -9.80
N VAL A 9 60.92 2.27 -10.13
CA VAL A 9 60.81 1.76 -11.48
C VAL A 9 59.37 1.85 -11.90
N CYS A 10 59.01 2.84 -12.74
CA CYS A 10 57.65 3.10 -13.15
C CYS A 10 57.43 2.74 -14.61
N ASP A 11 56.97 1.51 -14.89
CA ASP A 11 56.65 1.05 -16.22
C ASP A 11 55.38 1.72 -16.78
N ASN A 12 55.52 2.49 -17.87
CA ASN A 12 54.44 3.23 -18.52
C ASN A 12 53.57 2.34 -19.41
N GLY A 13 52.85 1.38 -18.81
CA GLY A 13 51.97 0.44 -19.49
C GLY A 13 50.88 1.00 -20.37
N SER A 14 50.49 0.24 -21.40
CA SER A 14 49.40 0.56 -22.30
C SER A 14 48.04 0.48 -21.63
N GLY A 15 47.82 -0.49 -20.72
CA GLY A 15 46.60 -0.54 -19.94
C GLY A 15 46.78 -0.78 -18.48
N LEU A 16 48.00 -0.95 -17.98
CA LEU A 16 48.26 -1.10 -16.56
C LEU A 16 49.61 -0.51 -16.22
N VAL A 17 49.65 0.56 -15.40
CA VAL A 17 50.90 1.10 -14.88
C VAL A 17 51.44 0.18 -13.80
N LYS A 18 52.61 -0.44 -14.02
CA LYS A 18 53.29 -1.23 -13.02
C LYS A 18 54.35 -0.33 -12.38
N ALA A 19 54.39 -0.26 -11.04
CA ALA A 19 55.37 0.55 -10.38
C ALA A 19 55.77 -0.04 -9.05
N GLY A 20 57.04 0.09 -8.70
CA GLY A 20 57.54 -0.46 -7.45
C GLY A 20 58.91 0.06 -7.18
N PHE A 21 59.52 -0.43 -6.09
CA PHE A 21 60.86 -0.05 -5.70
C PHE A 21 61.83 -1.08 -6.23
N ALA A 22 63.01 -0.64 -6.71
CA ALA A 22 64.02 -1.53 -7.24
C ALA A 22 64.59 -2.49 -6.20
N GLY A 23 64.69 -3.78 -6.58
CA GLY A 23 65.11 -4.86 -5.71
C GLY A 23 63.98 -5.76 -5.26
N ASP A 24 62.71 -5.35 -5.44
CA ASP A 24 61.57 -6.20 -5.19
C ASP A 24 61.29 -7.12 -6.39
N ASP A 25 60.70 -8.30 -6.12
CA ASP A 25 60.40 -9.31 -7.13
C ASP A 25 59.17 -9.00 -7.98
N ALA A 26 58.30 -8.09 -7.53
CA ALA A 26 57.04 -7.82 -8.17
C ALA A 26 56.64 -6.38 -7.89
N PRO A 27 55.87 -5.70 -8.73
CA PRO A 27 55.53 -4.30 -8.52
C PRO A 27 54.56 -4.11 -7.38
N ARG A 28 54.76 -3.04 -6.57
CA ARG A 28 53.90 -2.65 -5.49
C ARG A 28 52.53 -2.14 -5.96
N ALA A 29 52.52 -1.37 -7.05
CA ALA A 29 51.35 -0.73 -7.58
C ALA A 29 51.05 -1.25 -8.98
N VAL A 30 49.86 -1.82 -9.18
CA VAL A 30 49.37 -2.20 -10.50
C VAL A 30 47.98 -1.60 -10.62
N PHE A 31 47.79 -0.60 -11.49
CA PHE A 31 46.53 0.12 -11.59
C PHE A 31 46.26 0.58 -13.04
N PRO A 32 45.03 0.78 -13.49
CA PRO A 32 44.80 1.12 -14.90
C PRO A 32 45.30 2.47 -15.35
N SER A 33 45.64 2.60 -16.64
CA SER A 33 46.13 3.84 -17.23
C SER A 33 45.01 4.75 -17.66
N ILE A 34 44.09 5.08 -16.74
CA ILE A 34 42.85 5.80 -17.01
C ILE A 34 42.83 7.13 -16.27
N VAL A 35 42.45 8.21 -16.97
CA VAL A 35 42.03 9.46 -16.36
C VAL A 35 40.58 9.68 -16.74
N GLY A 36 39.69 9.73 -15.73
CA GLY A 36 38.25 9.90 -15.93
C GLY A 36 37.81 11.27 -15.53
N ARG A 37 36.96 11.90 -16.35
CA ARG A 37 36.43 13.22 -16.09
C ARG A 37 34.91 13.17 -16.09
N PRO A 38 34.18 13.92 -15.26
CA PRO A 38 32.73 13.91 -15.27
C PRO A 38 32.13 14.49 -16.55
N ARG A 39 30.97 13.94 -16.98
CA ARG A 39 30.28 14.35 -18.20
C ARG A 39 29.83 15.81 -18.22
N HIS A 40 29.29 16.32 -17.10
CA HIS A 40 28.82 17.71 -16.99
C HIS A 40 29.25 18.36 -15.65
N LYS A 50 35.54 16.55 -7.38
CA LYS A 50 36.93 16.66 -7.95
C LYS A 50 36.96 16.66 -9.49
N ASP A 51 37.89 17.42 -10.11
CA ASP A 51 37.91 17.69 -11.54
C ASP A 51 38.23 16.46 -12.39
N SER A 52 39.16 15.61 -11.94
CA SER A 52 39.59 14.42 -12.65
C SER A 52 39.87 13.31 -11.67
N TYR A 53 39.45 12.09 -12.01
CA TYR A 53 39.68 10.89 -11.22
C TYR A 53 40.68 10.00 -11.93
N VAL A 54 41.64 9.42 -11.20
CA VAL A 54 42.79 8.76 -11.81
C VAL A 54 42.84 7.31 -11.38
N GLY A 55 43.13 6.39 -12.31
CA GLY A 55 43.36 4.97 -12.02
C GLY A 55 42.17 4.20 -11.51
N ASP A 56 42.23 3.72 -10.25
CA ASP A 56 41.17 2.89 -9.69
C ASP A 56 39.93 3.69 -9.30
N GLU A 57 40.05 5.01 -9.07
CA GLU A 57 38.91 5.87 -8.75
C GLU A 57 37.97 6.01 -9.93
N ALA A 58 38.52 6.16 -11.16
CA ALA A 58 37.74 6.28 -12.37
C ALA A 58 37.19 4.95 -12.88
N GLN A 59 37.69 3.82 -12.34
CA GLN A 59 37.16 2.50 -12.61
C GLN A 59 36.03 2.16 -11.65
N SER A 60 36.04 2.75 -10.44
CA SER A 60 35.03 2.50 -9.41
C SER A 60 33.75 3.28 -9.64
N LYS A 61 33.84 4.59 -9.97
CA LYS A 61 32.68 5.42 -10.28
C LYS A 61 31.96 5.04 -11.58
N ARG A 62 30.62 5.22 -11.60
CA ARG A 62 29.77 4.67 -12.65
C ARG A 62 28.67 5.64 -13.05
N GLY A 63 28.41 5.75 -14.37
CA GLY A 63 27.30 6.52 -14.94
C GLY A 63 27.53 8.01 -15.04
N ILE A 64 28.70 8.50 -14.60
CA ILE A 64 28.97 9.93 -14.51
C ILE A 64 30.27 10.32 -15.18
N LEU A 65 31.22 9.38 -15.42
CA LEU A 65 32.52 9.68 -16.00
C LEU A 65 32.68 9.28 -17.45
N THR A 66 33.51 10.05 -18.18
CA THR A 66 34.00 9.75 -19.50
C THR A 66 35.47 9.41 -19.34
N LEU A 67 35.89 8.22 -19.79
CA LEU A 67 37.23 7.70 -19.53
C LEU A 67 38.17 7.95 -20.68
N LYS A 68 39.37 8.52 -20.39
CA LYS A 68 40.41 8.77 -21.37
C LYS A 68 41.69 8.04 -20.98
N TYR A 69 42.47 7.61 -21.98
CA TYR A 69 43.73 6.93 -21.81
C TYR A 69 44.84 7.81 -22.36
N PRO A 70 45.89 8.19 -21.64
CA PRO A 70 46.99 8.94 -22.22
C PRO A 70 48.03 8.05 -22.89
N ILE A 71 48.03 6.72 -22.66
CA ILE A 71 48.99 5.82 -23.27
C ILE A 71 48.23 4.75 -24.05
N GLU A 72 47.20 5.15 -24.80
CA GLU A 72 46.19 4.26 -25.36
C GLU A 72 46.70 3.13 -26.25
N GLY A 74 50.20 2.71 -26.65
CA GLY A 74 51.60 2.51 -26.23
C GLY A 74 52.50 3.70 -26.41
N ILE A 75 52.04 4.75 -27.11
CA ILE A 75 52.78 5.99 -27.29
C ILE A 75 51.97 7.06 -26.59
N ILE A 76 52.62 7.91 -25.76
CA ILE A 76 51.93 8.90 -24.94
C ILE A 76 51.29 9.99 -25.78
N THR A 77 49.94 10.05 -25.78
CA THR A 77 49.17 10.96 -26.62
C THR A 77 48.93 12.31 -25.98
N ASN A 78 48.58 12.34 -24.67
CA ASN A 78 48.20 13.55 -23.98
C ASN A 78 49.07 13.75 -22.74
N TRP A 79 49.90 14.80 -22.75
CA TRP A 79 50.81 15.10 -21.66
C TRP A 79 50.20 15.87 -20.49
N ASP A 80 48.98 16.40 -20.62
CA ASP A 80 48.28 16.97 -19.47
C ASP A 80 47.54 15.89 -18.68
N ASP A 81 47.24 14.75 -19.31
CA ASP A 81 46.67 13.60 -18.63
C ASP A 81 47.76 12.67 -18.10
N MET A 82 48.92 12.58 -18.76
CA MET A 82 50.00 11.73 -18.29
C MET A 82 50.69 12.23 -17.03
N GLU A 83 50.67 13.56 -16.79
CA GLU A 83 51.15 14.14 -15.56
C GLU A 83 50.30 13.77 -14.35
N LYS A 84 48.97 13.59 -14.55
CA LYS A 84 48.03 13.10 -13.57
C LYS A 84 48.35 11.66 -13.16
N ILE A 85 48.50 10.75 -14.15
CA ILE A 85 48.86 9.35 -13.95
C ILE A 85 50.12 9.19 -13.09
N TRP A 86 51.21 9.92 -13.41
CA TRP A 86 52.44 9.87 -12.66
C TRP A 86 52.38 10.52 -11.29
N HIS A 87 51.56 11.57 -11.11
CA HIS A 87 51.31 12.17 -9.81
C HIS A 87 50.56 11.22 -8.89
N HIS A 88 49.65 10.40 -9.45
CA HIS A 88 48.97 9.38 -8.72
C HIS A 88 49.86 8.18 -8.40
N THR A 89 50.91 7.91 -9.21
CA THR A 89 51.82 6.81 -8.93
C THR A 89 52.73 7.10 -7.77
N PHE A 90 53.37 8.30 -7.72
CA PHE A 90 54.36 8.57 -6.71
C PHE A 90 53.75 8.79 -5.33
N TYR A 91 52.70 9.62 -5.23
CA TYR A 91 52.15 9.99 -3.95
C TYR A 91 51.13 9.01 -3.42
N ASN A 92 50.13 8.61 -4.22
CA ASN A 92 49.02 7.84 -3.70
C ASN A 92 49.22 6.33 -3.75
N GLU A 93 50.18 5.79 -4.53
CA GLU A 93 50.36 4.36 -4.67
C GLU A 93 51.71 3.84 -4.23
N LEU A 94 52.84 4.42 -4.69
CA LEU A 94 54.15 4.10 -4.15
C LEU A 94 54.34 4.62 -2.74
N ARG A 95 53.86 5.86 -2.50
CA ARG A 95 53.76 6.53 -1.21
C ARG A 95 55.06 7.18 -0.79
N VAL A 96 55.95 7.48 -1.75
CA VAL A 96 57.18 8.22 -1.50
C VAL A 96 57.29 9.44 -2.36
N ALA A 97 57.88 10.51 -1.79
CA ALA A 97 58.14 11.75 -2.48
C ALA A 97 59.13 11.58 -3.65
N PRO A 98 58.92 12.12 -4.85
CA PRO A 98 59.77 11.83 -5.99
C PRO A 98 61.08 12.60 -5.94
N GLU A 99 61.21 13.68 -5.17
CA GLU A 99 62.41 14.50 -5.19
C GLU A 99 63.57 13.90 -4.42
N GLU A 100 63.32 12.83 -3.63
CA GLU A 100 64.33 12.12 -2.89
C GLU A 100 64.65 10.74 -3.47
N HIS A 101 64.03 10.34 -4.59
CA HIS A 101 64.22 9.02 -5.17
C HIS A 101 64.50 9.07 -6.67
N PRO A 102 65.54 8.48 -7.24
CA PRO A 102 65.72 8.43 -8.69
C PRO A 102 64.73 7.49 -9.36
N THR A 103 64.30 7.84 -10.59
CA THR A 103 63.10 7.26 -11.19
C THR A 103 63.40 6.72 -12.56
N LEU A 104 63.55 5.40 -12.69
CA LEU A 104 63.62 4.77 -14.00
C LEU A 104 62.24 4.76 -14.65
N LEU A 105 62.19 4.92 -15.98
CA LEU A 105 60.97 4.88 -16.76
C LEU A 105 61.20 3.97 -17.94
N THR A 106 60.12 3.57 -18.61
CA THR A 106 60.20 2.74 -19.80
C THR A 106 59.43 3.36 -20.93
N GLU A 107 59.86 3.14 -22.19
CA GLU A 107 59.13 3.60 -23.36
C GLU A 107 58.93 2.45 -24.32
N ALA A 108 57.86 2.51 -25.13
CA ALA A 108 57.56 1.53 -26.15
C ALA A 108 58.57 1.53 -27.29
N PRO A 109 58.84 0.45 -28.01
CA PRO A 109 59.57 0.51 -29.27
C PRO A 109 58.88 1.41 -30.30
N LEU A 110 59.66 2.05 -31.20
CA LEU A 110 59.19 3.05 -32.15
C LEU A 110 58.53 4.28 -31.51
N ASN A 111 59.12 4.77 -30.39
CA ASN A 111 58.70 6.00 -29.75
C ASN A 111 59.42 7.19 -30.39
N PRO A 112 58.78 8.23 -30.89
CA PRO A 112 59.46 9.32 -31.60
C PRO A 112 60.36 10.14 -30.67
N LYS A 113 61.38 10.80 -31.24
CA LYS A 113 62.43 11.48 -30.50
C LYS A 113 61.97 12.66 -29.66
N ALA A 114 60.89 13.35 -30.10
CA ALA A 114 60.30 14.43 -29.34
C ALA A 114 59.55 13.97 -28.09
N ASN A 115 59.03 12.73 -28.10
CA ASN A 115 58.27 12.18 -26.99
C ASN A 115 59.20 11.66 -25.90
N ARG A 116 60.47 11.39 -26.27
CA ARG A 116 61.50 10.92 -25.36
C ARG A 116 62.18 12.07 -24.61
N GLU A 117 62.04 13.30 -25.11
CA GLU A 117 62.53 14.52 -24.48
C GLU A 117 61.50 15.12 -23.54
N LYS A 118 60.20 15.06 -23.90
CA LYS A 118 59.12 15.55 -23.07
C LYS A 118 58.92 14.68 -21.83
N MET A 119 59.23 13.38 -21.93
CA MET A 119 59.22 12.46 -20.80
C MET A 119 60.34 12.74 -19.80
N THR A 120 61.45 13.34 -20.26
CA THR A 120 62.60 13.70 -19.42
C THR A 120 62.39 15.08 -18.83
N GLN A 121 61.82 16.02 -19.58
CA GLN A 121 61.48 17.33 -19.07
C GLN A 121 60.45 17.35 -17.93
N ILE A 122 59.45 16.45 -17.93
CA ILE A 122 58.45 16.39 -16.87
C ILE A 122 59.04 15.88 -15.57
N MET A 123 59.93 14.87 -15.61
CA MET A 123 60.56 14.35 -14.42
C MET A 123 61.48 15.35 -13.73
N PHE A 124 62.24 16.17 -14.48
CA PHE A 124 63.16 17.11 -13.87
C PHE A 124 62.52 18.44 -13.53
N GLU A 125 61.57 18.95 -14.34
CA GLU A 125 60.98 20.26 -14.08
C GLU A 125 59.71 20.20 -13.24
N THR A 126 58.81 19.21 -13.44
CA THR A 126 57.58 19.12 -12.64
C THR A 126 57.80 18.38 -11.34
N PHE A 127 58.36 17.15 -11.40
CA PHE A 127 58.47 16.32 -10.21
C PHE A 127 59.79 16.48 -9.48
N ASN A 128 60.78 17.14 -10.11
CA ASN A 128 62.06 17.47 -9.53
C ASN A 128 62.86 16.24 -9.06
N VAL A 129 62.93 15.17 -9.88
CA VAL A 129 63.71 13.98 -9.59
C VAL A 129 65.22 14.27 -9.45
N PRO A 130 65.99 13.57 -8.63
CA PRO A 130 67.42 13.79 -8.54
C PRO A 130 68.15 13.15 -9.71
N ALA A 131 67.61 12.05 -10.26
CA ALA A 131 68.17 11.38 -11.40
C ALA A 131 67.12 10.51 -12.07
N MET A 132 67.31 10.16 -13.35
CA MET A 132 66.41 9.28 -14.05
C MET A 132 67.12 8.51 -15.15
N TYR A 133 66.39 7.62 -15.82
CA TYR A 133 66.89 6.81 -16.90
C TYR A 133 65.66 6.32 -17.65
N VAL A 134 65.75 6.06 -18.96
CA VAL A 134 64.65 5.59 -19.76
C VAL A 134 65.12 4.38 -20.56
N ALA A 135 64.46 3.23 -20.42
CA ALA A 135 64.84 2.04 -21.14
C ALA A 135 63.75 1.60 -22.11
N ILE A 136 64.06 0.60 -22.97
CA ILE A 136 63.13 0.12 -23.98
C ILE A 136 62.45 -1.12 -23.43
N GLN A 137 61.11 -1.24 -23.61
CA GLN A 137 60.36 -2.35 -23.04
C GLN A 137 60.64 -3.71 -23.65
N ALA A 138 61.08 -3.79 -24.92
CA ALA A 138 61.36 -5.05 -25.55
C ALA A 138 62.75 -5.59 -25.21
N VAL A 139 63.74 -4.71 -24.97
CA VAL A 139 65.10 -5.12 -24.69
C VAL A 139 65.22 -5.72 -23.29
N LEU A 140 64.52 -5.15 -22.29
CA LEU A 140 64.54 -5.66 -20.93
C LEU A 140 63.82 -7.00 -20.81
N SER A 141 62.88 -7.31 -21.72
CA SER A 141 62.25 -8.62 -21.79
C SER A 141 63.17 -9.71 -22.32
N LEU A 142 64.11 -9.36 -23.20
CA LEU A 142 65.01 -10.32 -23.82
C LEU A 142 66.19 -10.60 -22.93
N TYR A 143 66.70 -9.56 -22.24
CA TYR A 143 67.78 -9.72 -21.30
C TYR A 143 67.38 -10.55 -20.08
N ALA A 144 66.08 -10.52 -19.68
CA ALA A 144 65.59 -11.31 -18.57
C ALA A 144 65.12 -12.70 -19.02
N SER A 145 65.44 -13.13 -20.26
CA SER A 145 65.37 -14.53 -20.65
C SER A 145 66.75 -15.06 -21.00
N GLY A 146 67.82 -14.33 -20.62
CA GLY A 146 69.20 -14.79 -20.75
C GLY A 146 69.71 -14.79 -22.17
N ARG A 147 69.29 -13.80 -22.96
CA ARG A 147 69.61 -13.71 -24.37
C ARG A 147 69.95 -12.27 -24.70
N THR A 148 70.68 -12.05 -25.80
CA THR A 148 70.84 -10.71 -26.35
C THR A 148 70.42 -10.65 -27.81
N THR A 149 70.05 -11.80 -28.40
CA THR A 149 69.57 -11.92 -29.77
C THR A 149 68.33 -12.78 -29.74
N GLY A 150 67.20 -12.28 -30.25
CA GLY A 150 65.94 -13.01 -30.25
C GLY A 150 64.77 -12.10 -30.49
N ILE A 151 63.72 -12.59 -31.17
CA ILE A 151 62.54 -11.81 -31.48
C ILE A 151 61.54 -11.79 -30.33
N VAL A 152 61.16 -10.58 -29.86
CA VAL A 152 60.37 -10.41 -28.65
C VAL A 152 58.93 -10.10 -28.97
N LEU A 153 58.01 -11.06 -28.77
CA LEU A 153 56.58 -10.85 -28.86
C LEU A 153 56.04 -10.22 -27.58
N ASP A 154 55.77 -8.91 -27.59
CA ASP A 154 55.32 -8.18 -26.43
C ASP A 154 53.85 -7.81 -26.59
N SER A 155 52.94 -8.68 -26.12
CA SER A 155 51.51 -8.56 -26.30
C SER A 155 50.87 -7.99 -25.05
N GLY A 156 50.63 -6.67 -25.02
CA GLY A 156 50.08 -6.01 -23.84
C GLY A 156 48.58 -5.88 -23.89
N ASP A 157 48.05 -4.92 -23.14
CA ASP A 157 46.64 -4.61 -23.15
C ASP A 157 46.18 -3.92 -24.43
N GLY A 158 46.89 -2.86 -24.87
CA GLY A 158 46.46 -2.01 -25.98
C GLY A 158 47.20 -2.15 -27.27
N VAL A 159 48.39 -2.79 -27.26
CA VAL A 159 49.21 -2.91 -28.45
C VAL A 159 50.03 -4.19 -28.39
N THR A 160 50.33 -4.80 -29.56
CA THR A 160 51.11 -6.02 -29.65
C THR A 160 52.28 -5.78 -30.57
N HIS A 161 53.51 -5.87 -30.05
CA HIS A 161 54.71 -5.64 -30.84
C HIS A 161 55.50 -6.91 -31.06
N ASN A 162 56.12 -7.04 -32.24
CA ASN A 162 57.20 -7.97 -32.47
C ASN A 162 58.46 -7.19 -32.72
N VAL A 163 59.45 -7.30 -31.82
CA VAL A 163 60.68 -6.55 -31.92
C VAL A 163 61.83 -7.52 -32.12
N PRO A 164 62.44 -7.64 -33.29
CA PRO A 164 63.63 -8.44 -33.47
C PRO A 164 64.83 -7.68 -32.99
N ILE A 165 65.65 -8.33 -32.16
CA ILE A 165 66.81 -7.73 -31.54
C ILE A 165 67.98 -8.61 -31.92
N TYR A 166 69.05 -8.02 -32.46
CA TYR A 166 70.27 -8.71 -32.83
C TYR A 166 71.42 -8.02 -32.12
N GLU A 167 72.08 -8.73 -31.18
CA GLU A 167 73.21 -8.25 -30.40
C GLU A 167 72.90 -7.01 -29.56
N GLY A 168 71.72 -6.99 -28.90
CA GLY A 168 71.36 -5.91 -27.99
C GLY A 168 70.86 -4.63 -28.63
N TYR A 169 70.50 -4.64 -29.92
CA TYR A 169 69.98 -3.49 -30.62
C TYR A 169 68.80 -3.85 -31.51
N ALA A 170 67.61 -3.32 -31.19
CA ALA A 170 66.37 -3.55 -31.91
C ALA A 170 66.39 -2.97 -33.32
N LEU A 171 66.01 -3.74 -34.34
CA LEU A 171 66.09 -3.32 -35.73
C LEU A 171 64.85 -2.53 -36.17
N PRO A 172 64.86 -1.21 -36.32
CA PRO A 172 63.64 -0.40 -36.31
C PRO A 172 62.78 -0.55 -37.54
N HIS A 173 63.35 -0.94 -38.70
CA HIS A 173 62.58 -1.14 -39.90
C HIS A 173 61.82 -2.45 -39.89
N ALA A 174 62.20 -3.38 -39.00
CA ALA A 174 61.60 -4.69 -38.93
C ALA A 174 60.58 -4.83 -37.80
N ILE A 175 60.48 -3.86 -36.87
CA ILE A 175 59.49 -3.88 -35.80
C ILE A 175 58.06 -3.80 -36.30
N MET A 176 57.32 -4.93 -36.20
CA MET A 176 55.91 -4.99 -36.50
C MET A 176 55.07 -4.52 -35.33
N ARG A 177 53.92 -3.92 -35.63
CA ARG A 177 52.97 -3.50 -34.63
C ARG A 177 51.59 -3.94 -35.07
N LEU A 178 50.93 -4.73 -34.23
CA LEU A 178 49.59 -5.19 -34.43
C LEU A 178 48.75 -4.43 -33.40
N ASP A 179 47.53 -3.97 -33.78
CA ASP A 179 46.70 -3.18 -32.91
C ASP A 179 45.66 -4.04 -32.19
N LEU A 180 45.68 -5.36 -32.44
CA LEU A 180 44.92 -6.35 -31.71
C LEU A 180 45.72 -6.75 -30.49
N ALA A 181 45.08 -6.76 -29.32
CA ALA A 181 45.74 -6.88 -28.06
C ALA A 181 44.69 -7.28 -27.03
N GLY A 182 45.07 -7.44 -25.75
CA GLY A 182 44.19 -8.04 -24.75
C GLY A 182 42.97 -7.26 -24.34
N ARG A 183 42.90 -5.96 -24.64
CA ARG A 183 41.75 -5.11 -24.38
C ARG A 183 40.58 -5.42 -25.31
N ASP A 184 40.87 -5.78 -26.57
CA ASP A 184 39.88 -6.15 -27.55
C ASP A 184 39.42 -7.60 -27.40
N LEU A 185 40.10 -8.40 -26.55
CA LEU A 185 39.59 -9.69 -26.14
C LEU A 185 38.57 -9.59 -25.00
N THR A 186 38.70 -8.59 -24.09
CA THR A 186 37.68 -8.31 -23.08
C THR A 186 36.37 -7.87 -23.70
N ASP A 187 36.43 -6.93 -24.67
CA ASP A 187 35.24 -6.43 -25.33
C ASP A 187 34.68 -7.38 -26.39
N TYR A 188 35.34 -8.53 -26.63
CA TYR A 188 34.77 -9.63 -27.40
C TYR A 188 34.19 -10.68 -26.48
N LEU A 189 34.74 -10.88 -25.26
CA LEU A 189 34.20 -11.82 -24.30
C LEU A 189 32.88 -11.35 -23.69
N MET A 190 32.59 -10.03 -23.70
CA MET A 190 31.28 -9.52 -23.35
C MET A 190 30.23 -9.77 -24.43
N LYS A 191 30.64 -10.09 -25.69
CA LYS A 191 29.72 -10.42 -26.75
C LYS A 191 29.39 -11.89 -26.77
N ILE A 192 30.38 -12.79 -26.64
CA ILE A 192 30.13 -14.22 -26.70
C ILE A 192 29.58 -14.80 -25.39
N LEU A 193 29.62 -14.07 -24.26
CA LEU A 193 28.86 -14.45 -23.07
C LEU A 193 27.47 -13.84 -23.05
N THR A 194 27.19 -12.86 -23.95
CA THR A 194 25.83 -12.38 -24.20
C THR A 194 25.03 -13.38 -25.02
N GLU A 195 25.70 -14.25 -25.81
CA GLU A 195 25.07 -15.36 -26.51
C GLU A 195 24.41 -16.37 -25.57
N ARG A 196 25.07 -16.73 -24.45
CA ARG A 196 24.49 -17.59 -23.43
C ARG A 196 23.32 -16.93 -22.69
N GLY A 197 23.41 -15.62 -22.42
CA GLY A 197 22.35 -14.89 -21.74
C GLY A 197 22.84 -14.02 -20.62
N TYR A 198 24.15 -14.01 -20.34
CA TYR A 198 24.72 -13.20 -19.28
C TYR A 198 24.96 -11.78 -19.79
N SER A 199 24.00 -10.87 -19.60
CA SER A 199 24.04 -9.51 -20.13
C SER A 199 24.96 -8.56 -19.39
N PHE A 200 26.29 -8.81 -19.41
CA PHE A 200 27.30 -7.89 -18.93
C PHE A 200 27.37 -6.64 -19.82
N VAL A 201 27.24 -5.43 -19.25
CA VAL A 201 27.23 -4.22 -20.04
C VAL A 201 27.81 -3.02 -19.31
N THR A 202 27.81 -2.98 -17.96
CA THR A 202 28.31 -1.82 -17.24
C THR A 202 29.82 -1.82 -17.09
N THR A 203 30.39 -0.73 -16.55
CA THR A 203 31.83 -0.59 -16.36
C THR A 203 32.35 -1.53 -15.28
N ALA A 204 31.61 -1.70 -14.17
CA ALA A 204 31.94 -2.68 -13.14
C ALA A 204 31.70 -4.13 -13.56
N GLU A 205 30.86 -4.37 -14.60
CA GLU A 205 30.69 -5.67 -15.20
C GLU A 205 31.64 -5.91 -16.37
N ARG A 206 32.59 -4.99 -16.64
CA ARG A 206 33.68 -5.24 -17.56
C ARG A 206 34.90 -5.77 -16.84
N GLU A 207 35.16 -5.31 -15.60
CA GLU A 207 36.22 -5.86 -14.77
C GLU A 207 35.99 -7.31 -14.38
N ILE A 208 34.73 -7.73 -14.18
CA ILE A 208 34.40 -9.12 -13.88
C ILE A 208 34.64 -10.02 -15.09
N VAL A 209 34.28 -9.57 -16.31
CA VAL A 209 34.60 -10.26 -17.55
C VAL A 209 36.09 -10.36 -17.81
N ARG A 210 36.86 -9.32 -17.43
CA ARG A 210 38.29 -9.35 -17.51
C ARG A 210 38.93 -10.29 -16.48
N ASP A 211 38.24 -10.66 -15.38
CA ASP A 211 38.72 -11.61 -14.42
C ASP A 211 38.27 -13.05 -14.74
N ILE A 212 37.19 -13.24 -15.52
CA ILE A 212 36.84 -14.51 -16.14
C ILE A 212 37.89 -14.91 -17.16
N LYS A 213 38.40 -13.92 -17.92
CA LYS A 213 39.38 -14.10 -18.96
C LYS A 213 40.72 -14.61 -18.45
N GLU A 214 41.23 -14.04 -17.33
CA GLU A 214 42.47 -14.51 -16.71
C GLU A 214 42.37 -15.95 -16.22
N LYS A 215 41.29 -16.30 -15.51
CA LYS A 215 41.22 -17.54 -14.78
C LYS A 215 40.69 -18.74 -15.56
N LEU A 216 39.94 -18.55 -16.66
CA LEU A 216 39.29 -19.67 -17.32
C LEU A 216 39.55 -19.81 -18.81
N CYS A 217 40.24 -18.86 -19.48
CA CYS A 217 40.53 -18.98 -20.90
C CYS A 217 41.81 -19.75 -21.19
N TYR A 218 41.89 -20.40 -22.37
CA TYR A 218 43.06 -21.12 -22.81
C TYR A 218 43.06 -21.20 -24.33
N VAL A 219 44.24 -21.39 -24.97
CA VAL A 219 44.30 -21.40 -26.43
C VAL A 219 44.13 -22.81 -26.94
N ALA A 220 43.16 -23.05 -27.85
CA ALA A 220 42.96 -24.36 -28.44
C ALA A 220 44.13 -24.81 -29.31
N LEU A 221 44.56 -26.07 -29.18
CA LEU A 221 45.67 -26.61 -29.97
C LEU A 221 45.28 -26.79 -31.44
N ASP A 222 44.05 -27.24 -31.69
CA ASP A 222 43.43 -27.17 -32.99
C ASP A 222 41.99 -26.76 -32.77
N PHE A 223 41.52 -25.68 -33.43
CA PHE A 223 40.24 -25.08 -33.13
C PHE A 223 39.06 -25.93 -33.56
N GLU A 224 39.15 -26.60 -34.72
CA GLU A 224 38.06 -27.41 -35.24
C GLU A 224 37.83 -28.67 -34.42
N ASN A 225 38.89 -29.37 -33.98
CA ASN A 225 38.74 -30.58 -33.19
C ASN A 225 38.43 -30.31 -31.73
N GLU A 226 38.74 -29.09 -31.21
CA GLU A 226 38.34 -28.69 -29.88
C GLU A 226 36.88 -28.26 -29.86
N MET A 227 36.43 -27.49 -30.87
CA MET A 227 35.04 -27.04 -30.94
C MET A 227 34.05 -28.16 -31.31
N ALA A 228 34.49 -29.19 -32.06
CA ALA A 228 33.70 -30.38 -32.27
C ALA A 228 33.63 -31.29 -31.04
N THR A 229 34.66 -31.26 -30.17
CA THR A 229 34.66 -31.94 -28.87
C THR A 229 33.84 -31.18 -27.84
N ALA A 230 33.65 -29.87 -28.02
CA ALA A 230 32.93 -29.00 -27.11
C ALA A 230 31.43 -29.22 -27.09
N ALA A 231 30.87 -29.85 -28.15
CA ALA A 231 29.46 -30.17 -28.24
C ALA A 231 29.11 -31.40 -27.40
N SER A 232 29.93 -32.46 -27.47
CA SER A 232 29.64 -33.73 -26.81
C SER A 232 30.26 -33.90 -25.43
N SER A 233 31.42 -33.27 -25.14
CA SER A 233 32.13 -33.47 -23.88
C SER A 233 31.67 -32.55 -22.77
N SER A 234 31.77 -33.02 -21.51
CA SER A 234 31.40 -32.29 -20.31
C SER A 234 32.59 -31.83 -19.50
N SER A 235 33.83 -32.17 -19.91
CA SER A 235 35.06 -31.73 -19.26
C SER A 235 35.33 -30.23 -19.36
N LEU A 236 35.00 -29.63 -20.51
CA LEU A 236 35.23 -28.25 -20.88
C LEU A 236 34.53 -27.22 -20.02
N GLU A 237 33.25 -27.45 -19.69
CA GLU A 237 32.37 -26.49 -19.05
C GLU A 237 32.74 -26.15 -17.60
N LYS A 238 33.05 -24.86 -17.32
CA LYS A 238 33.41 -24.36 -16.01
C LYS A 238 32.34 -23.49 -15.37
N SER A 239 32.49 -23.20 -14.07
CA SER A 239 31.55 -22.40 -13.30
C SER A 239 32.29 -21.32 -12.55
N TYR A 240 31.89 -20.05 -12.76
CA TYR A 240 32.50 -18.89 -12.14
C TYR A 240 31.52 -18.25 -11.17
N GLU A 241 32.01 -17.61 -10.09
CA GLU A 241 31.19 -17.02 -9.05
C GLU A 241 31.41 -15.52 -9.01
N LEU A 242 30.35 -14.73 -9.26
CA LEU A 242 30.38 -13.29 -9.37
C LEU A 242 30.55 -12.61 -8.00
N PRO A 243 30.92 -11.32 -7.90
CA PRO A 243 31.02 -10.60 -6.63
C PRO A 243 29.80 -10.59 -5.72
N ASP A 244 28.58 -10.80 -6.23
CA ASP A 244 27.37 -10.93 -5.44
C ASP A 244 26.96 -12.39 -5.19
N GLY A 245 27.84 -13.35 -5.51
CA GLY A 245 27.66 -14.77 -5.20
C GLY A 245 26.85 -15.57 -6.19
N GLN A 246 26.33 -14.94 -7.26
CA GLN A 246 25.69 -15.64 -8.37
C GLN A 246 26.69 -16.48 -9.16
N VAL A 247 26.25 -17.62 -9.74
CA VAL A 247 27.12 -18.54 -10.45
C VAL A 247 26.79 -18.56 -11.93
N ILE A 248 27.72 -18.08 -12.77
CA ILE A 248 27.62 -18.12 -14.22
C ILE A 248 28.43 -19.29 -14.76
N THR A 249 27.93 -19.94 -15.82
CA THR A 249 28.53 -21.14 -16.37
C THR A 249 29.07 -20.85 -17.76
N ILE A 250 30.40 -20.85 -17.93
CA ILE A 250 31.07 -20.61 -19.20
C ILE A 250 31.39 -21.93 -19.89
N GLY A 251 31.19 -22.01 -21.22
CA GLY A 251 31.32 -23.27 -21.95
C GLY A 251 32.46 -23.25 -22.92
N ASN A 252 32.17 -23.14 -24.22
CA ASN A 252 33.16 -23.07 -25.27
C ASN A 252 33.60 -21.64 -25.60
N GLU A 253 33.34 -20.68 -24.70
CA GLU A 253 33.85 -19.33 -24.79
C GLU A 253 35.20 -19.19 -24.09
N ARG A 254 35.73 -20.31 -23.57
CA ARG A 254 37.05 -20.38 -22.98
C ARG A 254 38.18 -20.33 -24.00
N PHE A 255 38.02 -21.04 -25.14
CA PHE A 255 39.04 -21.05 -26.18
C PHE A 255 38.67 -20.27 -27.41
N ARG A 256 37.40 -19.83 -27.53
CA ARG A 256 36.94 -19.00 -28.63
C ARG A 256 37.35 -17.54 -28.48
N CYS A 257 37.68 -17.11 -27.24
CA CYS A 257 38.22 -15.79 -26.96
C CYS A 257 39.69 -15.60 -27.33
N PRO A 258 40.71 -16.35 -26.89
CA PRO A 258 42.09 -16.06 -27.24
C PRO A 258 42.44 -16.60 -28.62
N GLU A 259 41.52 -17.27 -29.32
CA GLU A 259 41.70 -17.67 -30.71
C GLU A 259 41.53 -16.49 -31.66
N THR A 260 40.99 -15.35 -31.16
CA THR A 260 40.98 -14.09 -31.88
C THR A 260 42.38 -13.59 -32.21
N LEU A 261 43.38 -13.86 -31.35
CA LEU A 261 44.77 -13.50 -31.61
C LEU A 261 45.38 -14.24 -32.80
N PHE A 262 44.84 -15.42 -33.17
CA PHE A 262 45.35 -16.23 -34.25
C PHE A 262 44.44 -16.14 -35.48
N GLN A 263 43.18 -15.69 -35.30
CA GLN A 263 42.26 -15.40 -36.37
C GLN A 263 41.57 -14.05 -36.12
N PRO A 264 42.12 -12.90 -36.53
CA PRO A 264 41.54 -11.59 -36.22
C PRO A 264 40.27 -11.27 -36.97
N SER A 265 39.85 -12.13 -37.92
CA SER A 265 38.58 -12.01 -38.62
C SER A 265 37.36 -12.21 -37.73
N PHE A 266 37.51 -12.86 -36.55
CA PHE A 266 36.48 -12.92 -35.51
C PHE A 266 36.08 -11.56 -34.96
N ILE A 267 37.05 -10.66 -34.75
CA ILE A 267 36.78 -9.30 -34.26
C ILE A 267 36.70 -8.32 -35.43
N GLY A 268 36.67 -8.86 -36.67
CA GLY A 268 36.30 -8.13 -37.87
C GLY A 268 37.36 -7.35 -38.58
N MET A 269 38.63 -7.42 -38.14
CA MET A 269 39.72 -6.74 -38.81
C MET A 269 40.49 -7.65 -39.75
N GLU A 270 41.19 -7.09 -40.75
CA GLU A 270 41.81 -7.88 -41.81
C GLU A 270 43.27 -8.20 -41.53
N SER A 271 43.79 -7.71 -40.39
CA SER A 271 45.17 -7.90 -39.95
C SER A 271 45.61 -9.34 -39.78
N ALA A 272 46.91 -9.60 -40.01
CA ALA A 272 47.54 -10.87 -39.70
C ALA A 272 47.53 -11.22 -38.21
N GLY A 273 47.40 -12.51 -37.86
CA GLY A 273 47.49 -12.99 -36.47
C GLY A 273 48.88 -12.89 -35.88
N ILE A 274 49.04 -13.26 -34.59
CA ILE A 274 50.34 -13.14 -33.93
C ILE A 274 51.32 -14.25 -34.30
N HIS A 275 50.88 -15.24 -35.08
CA HIS A 275 51.76 -16.24 -35.67
C HIS A 275 52.18 -15.89 -37.08
N GLU A 276 51.74 -14.72 -37.61
CA GLU A 276 52.11 -14.30 -38.94
C GLU A 276 52.70 -12.89 -38.92
N THR A 277 52.38 -12.04 -37.93
CA THR A 277 53.17 -10.82 -37.70
C THR A 277 54.52 -11.13 -37.08
N THR A 278 54.67 -12.27 -36.39
CA THR A 278 55.96 -12.79 -35.96
C THR A 278 56.80 -13.25 -37.14
N TYR A 279 56.19 -13.98 -38.10
CA TYR A 279 56.89 -14.47 -39.28
C TYR A 279 57.28 -13.35 -40.25
N ASN A 280 56.41 -12.34 -40.44
CA ASN A 280 56.69 -11.22 -41.32
C ASN A 280 57.60 -10.18 -40.67
N SER A 281 58.05 -10.41 -39.43
CA SER A 281 59.09 -9.63 -38.80
C SER A 281 60.44 -10.32 -38.85
N ILE A 282 60.48 -11.67 -38.96
CA ILE A 282 61.73 -12.39 -39.20
C ILE A 282 62.15 -12.28 -40.67
N MET A 283 61.18 -12.34 -41.61
CA MET A 283 61.43 -12.23 -43.04
C MET A 283 61.87 -10.84 -43.47
N LYS A 284 61.62 -9.80 -42.65
CA LYS A 284 61.99 -8.44 -42.96
C LYS A 284 63.39 -8.09 -42.45
N CYS A 285 64.00 -8.98 -41.65
CA CYS A 285 65.39 -8.86 -41.18
C CYS A 285 66.35 -9.42 -42.20
N ASP A 286 67.65 -9.09 -42.09
CA ASP A 286 68.69 -9.55 -43.00
C ASP A 286 68.84 -11.07 -43.07
N ILE A 287 69.23 -11.60 -44.25
CA ILE A 287 69.18 -13.01 -44.56
C ILE A 287 70.05 -13.91 -43.69
N ASP A 288 71.21 -13.41 -43.23
CA ASP A 288 72.14 -14.14 -42.41
C ASP A 288 71.74 -14.31 -40.94
N ILE A 289 70.82 -13.48 -40.39
CA ILE A 289 70.47 -13.52 -38.97
C ILE A 289 69.10 -14.12 -38.69
N ARG A 290 68.34 -14.60 -39.70
CA ARG A 290 67.01 -15.13 -39.48
C ARG A 290 66.98 -16.45 -38.72
N LYS A 291 68.03 -17.29 -38.85
CA LYS A 291 68.10 -18.55 -38.14
C LYS A 291 68.28 -18.41 -36.64
N ASP A 292 68.94 -17.31 -36.19
CA ASP A 292 69.04 -17.01 -34.76
C ASP A 292 67.90 -16.10 -34.28
N LEU A 293 66.81 -15.97 -35.07
CA LEU A 293 65.56 -15.40 -34.61
C LEU A 293 64.46 -16.45 -34.60
N TYR A 294 64.46 -17.41 -35.55
CA TYR A 294 63.57 -18.56 -35.54
C TYR A 294 63.71 -19.43 -34.29
N ALA A 295 64.95 -19.60 -33.80
CA ALA A 295 65.23 -20.45 -32.67
C ALA A 295 65.21 -19.71 -31.33
N ASN A 296 64.81 -18.41 -31.33
CA ASN A 296 64.81 -17.60 -30.13
C ASN A 296 63.63 -16.64 -30.10
N ASN A 297 62.40 -17.10 -30.40
CA ASN A 297 61.19 -16.34 -30.11
C ASN A 297 60.99 -16.24 -28.60
N VAL A 298 60.91 -15.04 -28.03
CA VAL A 298 60.71 -14.83 -26.60
C VAL A 298 59.42 -14.06 -26.44
N MET A 299 58.54 -14.47 -25.52
CA MET A 299 57.28 -13.77 -25.31
C MET A 299 57.26 -12.98 -24.01
N SER A 300 56.38 -11.96 -23.94
CA SER A 300 56.14 -11.20 -22.73
C SER A 300 54.78 -10.52 -22.75
N GLY A 301 54.51 -9.68 -21.73
CA GLY A 301 53.27 -8.95 -21.56
C GLY A 301 52.15 -9.80 -21.04
N GLY A 302 51.08 -9.16 -20.54
CA GLY A 302 49.97 -9.84 -19.90
C GLY A 302 49.17 -10.79 -20.77
N THR A 303 49.14 -10.58 -22.08
CA THR A 303 48.24 -11.30 -22.98
C THR A 303 48.90 -12.55 -23.55
N THR A 304 50.18 -12.82 -23.21
CA THR A 304 50.82 -14.09 -23.60
C THR A 304 50.78 -15.08 -22.45
N MET A 305 50.04 -14.78 -21.37
CA MET A 305 49.92 -15.64 -20.20
C MET A 305 48.99 -16.82 -20.34
N TYR A 306 48.19 -16.90 -21.42
CA TYR A 306 47.27 -18.02 -21.63
C TYR A 306 47.97 -19.37 -21.69
N PRO A 307 47.45 -20.45 -21.11
CA PRO A 307 48.07 -21.75 -21.25
C PRO A 307 47.78 -22.31 -22.64
N GLY A 308 48.77 -23.01 -23.24
CA GLY A 308 48.64 -23.53 -24.59
C GLY A 308 48.95 -22.55 -25.70
N ILE A 309 49.58 -21.40 -25.40
CA ILE A 309 49.92 -20.45 -26.46
C ILE A 309 51.36 -20.59 -26.93
N ALA A 310 52.26 -21.16 -26.12
CA ALA A 310 53.58 -21.53 -26.58
C ALA A 310 53.55 -22.78 -27.46
N ASP A 311 52.54 -23.64 -27.27
CA ASP A 311 52.33 -24.84 -28.06
C ASP A 311 51.57 -24.55 -29.35
N ARG A 312 50.89 -23.40 -29.46
CA ARG A 312 50.16 -23.02 -30.65
C ARG A 312 51.01 -22.12 -31.54
N MET A 313 51.84 -21.24 -30.95
CA MET A 313 52.77 -20.44 -31.72
C MET A 313 53.85 -21.25 -32.42
N GLN A 314 54.31 -22.36 -31.81
CA GLN A 314 55.25 -23.24 -32.44
C GLN A 314 54.66 -24.00 -33.61
N LYS A 315 53.39 -24.41 -33.51
CA LYS A 315 52.70 -25.12 -34.57
C LYS A 315 52.40 -24.24 -35.78
N GLU A 316 51.97 -22.99 -35.55
CA GLU A 316 51.52 -22.14 -36.63
C GLU A 316 52.67 -21.46 -37.36
N ILE A 317 53.77 -21.10 -36.66
CA ILE A 317 54.97 -20.57 -37.31
C ILE A 317 55.70 -21.65 -38.11
N THR A 318 55.72 -22.91 -37.63
CA THR A 318 56.32 -24.05 -38.34
C THR A 318 55.61 -24.35 -39.65
N ALA A 319 54.29 -24.12 -39.73
CA ALA A 319 53.54 -24.30 -40.95
C ALA A 319 53.80 -23.21 -42.00
N LEU A 320 54.33 -22.04 -41.61
CA LEU A 320 54.68 -20.98 -42.52
C LEU A 320 56.15 -21.03 -42.90
N ALA A 321 57.05 -21.13 -41.92
CA ALA A 321 58.49 -21.18 -42.11
C ALA A 321 59.01 -22.37 -42.93
N PRO A 322 60.09 -22.26 -43.70
CA PRO A 322 60.69 -23.39 -44.42
C PRO A 322 61.14 -24.51 -43.49
N SER A 323 61.23 -25.75 -44.01
CA SER A 323 61.25 -26.95 -43.19
C SER A 323 62.56 -27.28 -42.50
N THR A 324 63.68 -26.66 -42.91
CA THR A 324 65.00 -26.95 -42.35
C THR A 324 65.38 -26.01 -41.22
N MET A 325 64.52 -25.03 -40.89
CA MET A 325 64.73 -24.09 -39.82
C MET A 325 64.10 -24.57 -38.52
N LYS A 326 64.80 -24.35 -37.39
CA LYS A 326 64.36 -24.83 -36.08
C LYS A 326 63.52 -23.75 -35.41
N ILE A 327 62.19 -23.98 -35.27
CA ILE A 327 61.30 -23.01 -34.67
C ILE A 327 61.15 -23.30 -33.19
N LYS A 328 61.51 -22.33 -32.33
CA LYS A 328 61.44 -22.51 -30.90
C LYS A 328 60.83 -21.29 -30.24
N ILE A 329 59.79 -21.50 -29.42
CA ILE A 329 59.11 -20.45 -28.67
C ILE A 329 59.49 -20.59 -27.21
N ILE A 330 60.06 -19.54 -26.62
CA ILE A 330 60.46 -19.49 -25.23
C ILE A 330 59.47 -18.66 -24.46
N ALA A 331 58.75 -19.30 -23.51
CA ALA A 331 57.83 -18.64 -22.63
C ALA A 331 58.34 -18.77 -21.20
N PRO A 332 58.89 -17.74 -20.55
CA PRO A 332 59.31 -17.84 -19.17
C PRO A 332 58.07 -17.75 -18.26
N PRO A 333 58.04 -18.29 -17.05
CA PRO A 333 56.81 -18.39 -16.27
C PRO A 333 56.40 -17.07 -15.64
N GLU A 334 57.32 -16.10 -15.48
CA GLU A 334 57.03 -14.78 -14.93
C GLU A 334 57.04 -13.70 -16.00
N ARG A 335 56.65 -14.06 -17.25
CA ARG A 335 56.67 -13.17 -18.39
C ARG A 335 55.66 -12.03 -18.38
N LYS A 336 54.67 -12.06 -17.46
CA LYS A 336 53.74 -10.97 -17.24
C LYS A 336 54.41 -9.67 -16.80
N TYR A 337 55.41 -9.77 -15.92
CA TYR A 337 56.10 -8.62 -15.38
C TYR A 337 57.58 -8.63 -15.74
N SER A 338 58.01 -9.25 -16.86
CA SER A 338 59.43 -9.36 -17.16
C SER A 338 60.10 -8.07 -17.56
N VAL A 339 59.34 -7.12 -18.11
CA VAL A 339 59.80 -5.78 -18.42
C VAL A 339 60.04 -4.97 -17.15
N TRP A 340 59.22 -5.21 -16.12
CA TRP A 340 59.38 -4.56 -14.83
C TRP A 340 60.48 -5.21 -14.01
N ILE A 341 60.54 -6.56 -13.95
CA ILE A 341 61.54 -7.28 -13.16
C ILE A 341 62.94 -7.03 -13.69
N GLY A 342 63.09 -6.92 -15.03
CA GLY A 342 64.35 -6.53 -15.64
C GLY A 342 64.81 -5.13 -15.35
N GLY A 343 63.88 -4.23 -15.01
CA GLY A 343 64.22 -2.87 -14.62
C GLY A 343 64.38 -2.72 -13.13
N SER A 344 64.03 -3.76 -12.34
CA SER A 344 64.18 -3.76 -10.90
C SER A 344 65.49 -4.38 -10.49
N ILE A 345 65.99 -5.36 -11.26
CA ILE A 345 67.34 -5.86 -11.11
C ILE A 345 68.36 -4.83 -11.56
N LEU A 346 68.16 -4.23 -12.75
CA LEU A 346 69.16 -3.34 -13.34
C LEU A 346 69.32 -2.01 -12.61
N ALA A 347 68.28 -1.54 -11.90
CA ALA A 347 68.37 -0.32 -11.12
C ALA A 347 68.74 -0.56 -9.66
N SER A 348 68.86 -1.82 -9.22
CA SER A 348 69.29 -2.15 -7.87
C SER A 348 70.73 -2.61 -7.83
N LEU A 349 71.41 -2.69 -9.00
CA LEU A 349 72.86 -2.83 -9.10
C LEU A 349 73.61 -1.67 -8.45
N SER A 350 74.70 -1.98 -7.71
CA SER A 350 75.54 -0.97 -7.07
C SER A 350 76.48 -0.29 -8.03
N THR A 351 76.74 -0.93 -9.19
CA THR A 351 77.63 -0.43 -10.24
C THR A 351 76.87 0.29 -11.34
N PHE A 352 75.55 0.50 -11.15
CA PHE A 352 74.71 1.25 -12.08
C PHE A 352 74.65 2.73 -11.69
N GLN A 353 75.30 3.13 -10.58
CA GLN A 353 75.11 4.43 -9.97
C GLN A 353 75.67 5.61 -10.76
N GLN A 354 76.57 5.37 -11.72
CA GLN A 354 77.05 6.41 -12.62
C GLN A 354 76.39 6.35 -14.00
N MET A 355 75.51 5.36 -14.26
CA MET A 355 74.78 5.27 -15.51
C MET A 355 73.69 6.32 -15.66
N TRP A 356 72.96 6.63 -14.56
CA TRP A 356 71.86 7.59 -14.51
C TRP A 356 72.12 8.97 -15.11
N ILE A 357 71.06 9.69 -15.51
CA ILE A 357 71.12 11.09 -15.90
C ILE A 357 70.80 11.92 -14.67
N THR A 358 71.80 12.61 -14.10
CA THR A 358 71.60 13.48 -12.94
C THR A 358 70.94 14.82 -13.29
N LYS A 359 70.46 15.56 -12.27
CA LYS A 359 69.81 16.85 -12.48
C LYS A 359 70.79 17.92 -12.97
N GLN A 360 72.07 17.82 -12.57
CA GLN A 360 73.10 18.73 -13.06
C GLN A 360 73.39 18.56 -14.55
N GLU A 361 73.31 17.31 -15.07
CA GLU A 361 73.48 17.04 -16.49
C GLU A 361 72.31 17.53 -17.33
N TYR A 362 71.09 17.63 -16.76
CA TYR A 362 69.97 18.30 -17.40
C TYR A 362 70.17 19.81 -17.43
N ASP A 363 70.77 20.41 -16.39
CA ASP A 363 70.92 21.85 -16.31
C ASP A 363 71.99 22.39 -17.25
N GLU A 364 72.90 21.53 -17.74
CA GLU A 364 74.00 21.90 -18.62
C GLU A 364 73.83 21.33 -20.03
N ALA A 365 72.70 20.68 -20.36
CA ALA A 365 72.49 20.15 -21.69
C ALA A 365 71.02 20.02 -22.11
N GLY A 366 70.05 20.47 -21.28
CA GLY A 366 68.62 20.40 -21.55
C GLY A 366 68.08 18.99 -21.79
N PRO A 367 66.94 18.84 -22.47
CA PRO A 367 66.37 17.53 -22.76
C PRO A 367 67.19 16.68 -23.72
N SER A 368 68.25 17.24 -24.35
CA SER A 368 69.05 16.57 -25.36
C SER A 368 69.94 15.47 -24.78
N ILE A 369 70.14 15.48 -23.45
CA ILE A 369 70.91 14.50 -22.70
C ILE A 369 70.38 13.08 -22.81
N VAL A 370 69.05 12.89 -22.99
CA VAL A 370 68.41 11.59 -22.99
C VAL A 370 68.85 10.69 -24.13
N HIS A 371 69.04 11.23 -25.35
CA HIS A 371 69.60 10.51 -26.47
C HIS A 371 71.02 10.02 -26.25
N ARG A 372 71.87 10.84 -25.61
CA ARG A 372 73.27 10.54 -25.34
C ARG A 372 73.47 9.41 -24.34
N LYS A 373 72.73 9.39 -23.21
CA LYS A 373 72.97 8.43 -22.14
C LYS A 373 71.92 7.33 -21.98
N CYS A 374 70.76 7.42 -22.68
CA CYS A 374 69.71 6.41 -22.60
C CYS A 374 69.43 5.89 -24.00
N PHE A 375 70.50 5.48 -24.70
CA PHE A 375 70.46 5.00 -26.07
C PHE A 375 69.82 3.58 -26.27
N THR B 6 -0.15 -20.57 -50.64
CA THR B 6 -0.34 -20.04 -49.23
C THR B 6 0.84 -20.34 -48.31
N ALA B 7 1.21 -19.42 -47.40
CA ALA B 7 2.35 -19.60 -46.52
C ALA B 7 2.12 -18.82 -45.25
N LEU B 8 2.55 -19.35 -44.10
CA LEU B 8 2.48 -18.69 -42.81
C LEU B 8 3.74 -17.89 -42.56
N VAL B 9 3.61 -16.67 -42.04
CA VAL B 9 4.75 -15.85 -41.69
C VAL B 9 4.68 -15.54 -40.21
N CYS B 10 5.50 -16.22 -39.39
CA CYS B 10 5.47 -16.10 -37.94
C CYS B 10 6.70 -15.36 -37.43
N ASP B 11 6.61 -14.03 -37.25
CA ASP B 11 7.67 -13.22 -36.68
C ASP B 11 7.87 -13.48 -35.18
N ASN B 12 9.05 -13.99 -34.79
CA ASN B 12 9.40 -14.31 -33.43
C ASN B 12 9.80 -13.08 -32.60
N GLY B 13 8.85 -12.16 -32.35
CA GLY B 13 9.05 -10.94 -31.60
C GLY B 13 9.58 -11.05 -30.20
N SER B 14 10.30 -10.00 -29.75
CA SER B 14 10.82 -9.87 -28.41
C SER B 14 9.73 -9.69 -27.37
N GLY B 15 8.66 -8.94 -27.68
CA GLY B 15 7.52 -8.81 -26.79
C GLY B 15 6.17 -8.97 -27.44
N LEU B 16 6.10 -9.17 -28.75
CA LEU B 16 4.84 -9.41 -29.43
C LEU B 16 5.06 -10.33 -30.63
N VAL B 17 4.49 -11.53 -30.61
CA VAL B 17 4.50 -12.42 -31.76
C VAL B 17 3.53 -11.91 -32.82
N LYS B 18 4.04 -11.51 -33.99
CA LYS B 18 3.21 -11.13 -35.12
C LYS B 18 3.11 -12.33 -36.03
N ALA B 19 1.89 -12.72 -36.43
CA ALA B 19 1.73 -13.86 -37.31
C ALA B 19 0.53 -13.69 -38.21
N GLY B 20 0.65 -14.14 -39.46
CA GLY B 20 -0.43 -14.01 -40.42
C GLY B 20 -0.15 -14.85 -41.62
N PHE B 21 -1.03 -14.77 -42.61
CA PHE B 21 -0.88 -15.48 -43.87
C PHE B 21 -0.23 -14.58 -44.88
N ALA B 22 0.68 -15.12 -45.71
CA ALA B 22 1.37 -14.36 -46.72
C ALA B 22 0.44 -13.79 -47.80
N GLY B 23 0.62 -12.51 -48.12
CA GLY B 23 -0.22 -11.76 -49.05
C GLY B 23 -1.14 -10.77 -48.38
N ASP B 24 -1.34 -10.88 -47.05
CA ASP B 24 -2.08 -9.89 -46.28
C ASP B 24 -1.21 -8.68 -45.93
N ASP B 25 -1.84 -7.51 -45.78
CA ASP B 25 -1.17 -6.25 -45.49
C ASP B 25 -0.74 -6.09 -44.03
N ALA B 26 -1.29 -6.89 -43.12
CA ALA B 26 -1.08 -6.74 -41.70
C ALA B 26 -1.25 -8.10 -41.02
N PRO B 27 -0.62 -8.39 -39.90
CA PRO B 27 -0.71 -9.70 -39.28
C PRO B 27 -2.07 -9.96 -38.66
N ARG B 28 -2.58 -11.20 -38.79
CA ARG B 28 -3.81 -11.66 -38.19
C ARG B 28 -3.75 -11.75 -36.67
N ALA B 29 -2.62 -12.24 -36.15
CA ALA B 29 -2.42 -12.49 -34.75
C ALA B 29 -1.31 -11.61 -34.22
N VAL B 30 -1.60 -10.77 -33.21
CA VAL B 30 -0.60 -10.01 -32.48
C VAL B 30 -0.86 -10.27 -31.00
N PHE B 31 0.05 -10.98 -30.31
CA PHE B 31 -0.16 -11.38 -28.94
C PHE B 31 1.16 -11.43 -28.16
N PRO B 32 1.21 -11.26 -26.84
CA PRO B 32 2.49 -11.21 -26.13
C PRO B 32 3.28 -12.49 -26.11
N SER B 33 4.62 -12.38 -26.02
CA SER B 33 5.53 -13.51 -25.98
C SER B 33 5.70 -14.07 -24.57
N ILE B 34 4.58 -14.41 -23.90
CA ILE B 34 4.54 -14.78 -22.50
C ILE B 34 4.06 -16.21 -22.33
N VAL B 35 4.75 -17.00 -21.50
CA VAL B 35 4.24 -18.25 -20.95
C VAL B 35 4.14 -18.07 -19.45
N GLY B 36 2.92 -18.18 -18.90
CA GLY B 36 2.65 -18.00 -17.48
C GLY B 36 2.35 -19.31 -16.82
N ARG B 37 2.93 -19.55 -15.64
CA ARG B 37 2.72 -20.76 -14.87
C ARG B 37 2.19 -20.40 -13.49
N PRO B 38 1.30 -21.16 -12.86
CA PRO B 38 0.83 -20.87 -11.52
C PRO B 38 1.90 -20.98 -10.45
N ARG B 39 1.83 -20.13 -9.41
CA ARG B 39 2.79 -20.10 -8.31
C ARG B 39 2.90 -21.39 -7.51
N HIS B 40 1.76 -22.04 -7.19
CA HIS B 40 1.72 -23.28 -6.43
C HIS B 40 0.72 -24.30 -7.03
N LYS B 50 -5.15 -25.77 -15.65
CA LYS B 50 -4.13 -26.03 -16.75
C LYS B 50 -2.70 -25.68 -16.33
N ASP B 51 -1.69 -26.44 -16.82
CA ASP B 51 -0.32 -26.37 -16.36
C ASP B 51 0.39 -25.06 -16.73
N SER B 52 0.15 -24.55 -17.95
CA SER B 52 0.76 -23.35 -18.45
C SER B 52 -0.23 -22.57 -19.29
N TYR B 53 -0.26 -21.24 -19.13
CA TYR B 53 -1.10 -20.33 -19.88
C TYR B 53 -0.24 -19.52 -20.83
N VAL B 54 -0.69 -19.33 -22.08
CA VAL B 54 0.16 -18.79 -23.14
C VAL B 54 -0.46 -17.53 -23.70
N GLY B 55 0.35 -16.49 -23.95
CA GLY B 55 -0.06 -15.26 -24.61
C GLY B 55 -1.05 -14.40 -23.86
N ASP B 56 -2.28 -14.25 -24.40
CA ASP B 56 -3.28 -13.38 -23.81
C ASP B 56 -3.93 -13.99 -22.56
N GLU B 57 -3.89 -15.32 -22.39
CA GLU B 57 -4.44 -15.98 -21.21
C GLU B 57 -3.63 -15.65 -19.97
N ALA B 58 -2.29 -15.61 -20.08
CA ALA B 58 -1.41 -15.28 -18.99
C ALA B 58 -1.32 -13.79 -18.68
N GLN B 59 -1.83 -12.95 -19.60
CA GLN B 59 -1.97 -11.52 -19.38
C GLN B 59 -3.29 -11.19 -18.71
N SER B 60 -4.32 -12.04 -18.90
CA SER B 60 -5.65 -11.84 -18.34
C SER B 60 -5.74 -12.26 -16.88
N LYS B 61 -5.20 -13.45 -16.53
CA LYS B 61 -5.17 -13.94 -15.15
C LYS B 61 -4.26 -13.13 -14.22
N ARG B 62 -4.65 -13.03 -12.92
CA ARG B 62 -4.05 -12.08 -11.99
C ARG B 62 -3.90 -12.69 -10.61
N GLY B 63 -2.73 -12.44 -9.96
CA GLY B 63 -2.46 -12.83 -8.58
C GLY B 63 -2.06 -14.26 -8.36
N ILE B 64 -1.99 -15.06 -9.44
CA ILE B 64 -1.76 -16.49 -9.34
C ILE B 64 -0.65 -16.98 -10.24
N LEU B 65 -0.26 -16.21 -11.29
CA LEU B 65 0.77 -16.63 -12.23
C LEU B 65 2.10 -15.93 -12.08
N THR B 66 3.18 -16.66 -12.43
CA THR B 66 4.53 -16.17 -12.58
C THR B 66 4.82 -16.19 -14.07
N LEU B 67 5.18 -15.03 -14.65
CA LEU B 67 5.30 -14.87 -16.09
C LEU B 67 6.73 -15.02 -16.57
N LYS B 68 6.95 -15.87 -17.60
CA LYS B 68 8.24 -16.10 -18.21
C LYS B 68 8.18 -15.74 -19.69
N TYR B 69 9.32 -15.26 -20.25
CA TYR B 69 9.47 -14.91 -21.65
C TYR B 69 10.49 -15.84 -22.27
N PRO B 70 10.23 -16.58 -23.33
CA PRO B 70 11.26 -17.38 -23.99
C PRO B 70 12.08 -16.59 -24.99
N ILE B 71 11.67 -15.38 -25.41
CA ILE B 71 12.41 -14.56 -26.36
C ILE B 71 12.70 -13.21 -25.73
N GLU B 72 13.12 -13.21 -24.44
CA GLU B 72 13.17 -12.03 -23.60
C GLU B 72 14.00 -10.86 -24.10
N GLY B 74 15.47 -11.07 -27.33
CA GLY B 74 15.51 -11.26 -28.79
C GLY B 74 16.17 -12.53 -29.26
N ILE B 75 16.83 -13.27 -28.35
CA ILE B 75 17.45 -14.55 -28.64
C ILE B 75 16.69 -15.57 -27.82
N ILE B 76 16.27 -16.71 -28.44
CA ILE B 76 15.42 -17.70 -27.77
C ILE B 76 16.17 -18.41 -26.65
N THR B 77 15.73 -18.20 -25.39
CA THR B 77 16.39 -18.71 -24.20
C THR B 77 15.93 -20.10 -23.80
N ASN B 78 14.60 -20.35 -23.84
CA ASN B 78 14.02 -21.59 -23.38
C ASN B 78 13.19 -22.25 -24.48
N TRP B 79 13.65 -23.42 -24.96
CA TRP B 79 12.99 -24.14 -26.03
C TRP B 79 11.82 -25.02 -25.60
N ASP B 80 11.61 -25.25 -24.30
CA ASP B 80 10.41 -25.92 -23.82
C ASP B 80 9.25 -24.94 -23.66
N ASP B 81 9.54 -23.63 -23.51
CA ASP B 81 8.56 -22.58 -23.48
C ASP B 81 8.27 -22.05 -24.88
N MET B 82 9.26 -22.05 -25.79
CA MET B 82 9.06 -21.56 -27.14
C MET B 82 8.18 -22.47 -28.00
N GLU B 83 8.17 -23.78 -27.70
CA GLU B 83 7.28 -24.72 -28.34
C GLU B 83 5.81 -24.48 -28.00
N LYS B 84 5.53 -23.99 -26.76
CA LYS B 84 4.22 -23.57 -26.32
C LYS B 84 3.72 -22.36 -27.10
N ILE B 85 4.55 -21.29 -27.20
CA ILE B 85 4.26 -20.08 -27.97
C ILE B 85 3.86 -20.37 -29.41
N TRP B 86 4.62 -21.22 -30.12
CA TRP B 86 4.34 -21.59 -31.49
C TRP B 86 3.14 -22.53 -31.65
N HIS B 87 2.88 -23.41 -30.67
CA HIS B 87 1.67 -24.22 -30.66
C HIS B 87 0.41 -23.38 -30.48
N HIS B 88 0.52 -22.30 -29.69
CA HIS B 88 -0.56 -21.35 -29.55
C HIS B 88 -0.75 -20.47 -30.77
N THR B 89 0.31 -20.23 -31.58
CA THR B 89 0.18 -19.43 -32.79
C THR B 89 -0.55 -20.16 -33.89
N PHE B 90 -0.19 -21.44 -34.17
CA PHE B 90 -0.76 -22.15 -35.31
C PHE B 90 -2.21 -22.55 -35.08
N TYR B 91 -2.51 -23.14 -33.92
CA TYR B 91 -3.83 -23.69 -33.67
C TYR B 91 -4.82 -22.68 -33.15
N ASN B 92 -4.48 -21.91 -32.10
CA ASN B 92 -5.45 -21.07 -31.44
C ASN B 92 -5.58 -19.66 -32.01
N GLU B 93 -4.61 -19.16 -32.81
CA GLU B 93 -4.65 -17.80 -33.31
C GLU B 93 -4.69 -17.69 -34.83
N LEU B 94 -3.79 -18.36 -35.57
CA LEU B 94 -3.91 -18.45 -37.02
C LEU B 94 -5.08 -19.30 -37.46
N ARG B 95 -5.27 -20.44 -36.76
CA ARG B 95 -6.39 -21.36 -36.85
C ARG B 95 -6.24 -22.33 -38.00
N VAL B 96 -5.01 -22.58 -38.47
CA VAL B 96 -4.71 -23.58 -39.48
C VAL B 96 -3.68 -24.58 -39.02
N ALA B 97 -3.85 -25.84 -39.44
CA ALA B 97 -2.92 -26.91 -39.14
C ALA B 97 -1.53 -26.68 -39.77
N PRO B 98 -0.40 -26.87 -39.09
CA PRO B 98 0.90 -26.49 -39.62
C PRO B 98 1.41 -27.50 -40.64
N GLU B 99 0.90 -28.74 -40.69
CA GLU B 99 1.45 -29.76 -41.57
C GLU B 99 1.03 -29.60 -43.03
N GLU B 100 0.04 -28.72 -43.30
CA GLU B 100 -0.42 -28.41 -44.63
C GLU B 100 0.01 -27.03 -45.13
N HIS B 101 0.78 -26.26 -44.35
CA HIS B 101 1.17 -24.90 -44.71
C HIS B 101 2.67 -24.67 -44.51
N PRO B 102 3.46 -24.19 -45.47
CA PRO B 102 4.85 -23.83 -45.24
C PRO B 102 5.00 -22.59 -44.37
N THR B 103 6.05 -22.53 -43.54
CA THR B 103 6.12 -21.61 -42.41
C THR B 103 7.40 -20.83 -42.45
N LEU B 104 7.37 -19.58 -42.90
CA LEU B 104 8.51 -18.68 -42.76
C LEU B 104 8.66 -18.25 -41.30
N LEU B 105 9.90 -18.07 -40.83
CA LEU B 105 10.20 -17.61 -39.51
C LEU B 105 11.24 -16.51 -39.61
N THR B 106 11.45 -15.77 -38.53
CA THR B 106 12.44 -14.71 -38.49
C THR B 106 13.33 -14.89 -37.28
N GLU B 107 14.61 -14.46 -37.38
CA GLU B 107 15.52 -14.48 -36.26
C GLU B 107 16.17 -13.12 -36.11
N ALA B 108 16.58 -12.77 -34.87
CA ALA B 108 17.27 -11.55 -34.56
C ALA B 108 18.67 -11.49 -35.17
N PRO B 109 19.26 -10.34 -35.49
CA PRO B 109 20.68 -10.24 -35.80
C PRO B 109 21.55 -10.73 -34.63
N LEU B 110 22.75 -11.28 -34.91
CA LEU B 110 23.63 -11.91 -33.95
C LEU B 110 23.01 -13.10 -33.20
N ASN B 111 22.25 -13.94 -33.92
CA ASN B 111 21.70 -15.18 -33.40
C ASN B 111 22.72 -16.30 -33.57
N PRO B 112 23.14 -17.06 -32.55
CA PRO B 112 24.19 -18.06 -32.69
C PRO B 112 23.77 -19.24 -33.57
N LYS B 113 24.74 -19.94 -34.17
CA LYS B 113 24.52 -20.98 -35.17
C LYS B 113 23.76 -22.20 -34.67
N ALA B 114 23.91 -22.54 -33.37
CA ALA B 114 23.18 -23.63 -32.75
C ALA B 114 21.70 -23.32 -32.55
N ASN B 115 21.34 -22.04 -32.39
CA ASN B 115 19.96 -21.62 -32.16
C ASN B 115 19.18 -21.57 -33.46
N ARG B 116 19.90 -21.50 -34.60
CA ARG B 116 19.33 -21.45 -35.93
C ARG B 116 19.04 -22.85 -36.47
N GLU B 117 19.66 -23.88 -35.86
CA GLU B 117 19.42 -25.28 -36.17
C GLU B 117 18.30 -25.87 -35.33
N LYS B 118 18.20 -25.47 -34.05
CA LYS B 118 17.14 -25.92 -33.17
C LYS B 118 15.78 -25.33 -33.56
N MET B 119 15.77 -24.13 -34.16
CA MET B 119 14.58 -23.53 -34.73
C MET B 119 14.06 -24.26 -35.97
N THR B 120 14.96 -24.93 -36.70
CA THR B 120 14.62 -25.70 -37.89
C THR B 120 14.21 -27.12 -37.52
N GLN B 121 14.87 -27.72 -36.52
CA GLN B 121 14.49 -29.02 -36.00
C GLN B 121 13.08 -29.10 -35.39
N ILE B 122 12.61 -28.03 -34.70
CA ILE B 122 11.29 -28.02 -34.09
C ILE B 122 10.19 -27.96 -35.15
N MET B 123 10.38 -27.17 -36.22
CA MET B 123 9.39 -27.09 -37.28
C MET B 123 9.21 -28.38 -38.06
N PHE B 124 10.30 -29.13 -38.32
CA PHE B 124 10.18 -30.36 -39.10
C PHE B 124 9.87 -31.58 -38.25
N GLU B 125 10.38 -31.69 -37.01
CA GLU B 125 10.15 -32.86 -36.19
C GLU B 125 8.93 -32.75 -35.29
N THR B 126 8.66 -31.58 -34.66
CA THR B 126 7.50 -31.44 -33.77
C THR B 126 6.25 -31.08 -34.55
N PHE B 127 6.29 -30.01 -35.37
CA PHE B 127 5.10 -29.51 -36.03
C PHE B 127 4.88 -30.10 -37.41
N ASN B 128 5.90 -30.79 -37.97
CA ASN B 128 5.84 -31.50 -39.23
C ASN B 128 5.48 -30.60 -40.43
N VAL B 129 6.10 -29.41 -40.54
CA VAL B 129 5.90 -28.50 -41.65
C VAL B 129 6.32 -29.10 -43.00
N PRO B 130 5.70 -28.78 -44.13
CA PRO B 130 6.12 -29.30 -45.43
C PRO B 130 7.35 -28.56 -45.93
N ALA B 131 7.51 -27.28 -45.57
CA ALA B 131 8.65 -26.49 -45.93
C ALA B 131 8.79 -25.30 -45.01
N MET B 132 9.99 -24.71 -44.91
CA MET B 132 10.20 -23.52 -44.12
C MET B 132 11.34 -22.69 -44.66
N TYR B 133 11.57 -21.52 -44.03
CA TYR B 133 12.62 -20.60 -44.40
C TYR B 133 12.82 -19.72 -43.18
N VAL B 134 14.05 -19.19 -42.96
CA VAL B 134 14.33 -18.33 -41.85
C VAL B 134 15.05 -17.09 -42.36
N ALA B 135 14.51 -15.89 -42.10
CA ALA B 135 15.13 -14.66 -42.56
C ALA B 135 15.59 -13.80 -41.40
N ILE B 136 16.34 -12.71 -41.70
CA ILE B 136 16.89 -11.83 -40.68
C ILE B 136 15.96 -10.64 -40.54
N GLN B 137 15.66 -10.22 -39.30
CA GLN B 137 14.71 -9.15 -39.05
C GLN B 137 15.14 -7.76 -39.50
N ALA B 138 16.46 -7.48 -39.56
CA ALA B 138 16.95 -6.19 -39.99
C ALA B 138 17.00 -6.03 -41.50
N VAL B 139 17.26 -7.13 -42.25
CA VAL B 139 17.37 -7.08 -43.69
C VAL B 139 16.03 -6.86 -44.36
N LEU B 140 14.95 -7.50 -43.85
CA LEU B 140 13.62 -7.32 -44.39
C LEU B 140 13.05 -5.93 -44.12
N SER B 141 13.53 -5.25 -43.07
CA SER B 141 13.18 -3.86 -42.81
C SER B 141 13.81 -2.88 -43.80
N LEU B 142 15.00 -3.20 -44.33
CA LEU B 142 15.72 -2.31 -45.23
C LEU B 142 15.25 -2.50 -46.65
N TYR B 143 14.93 -3.74 -47.04
CA TYR B 143 14.40 -4.03 -48.35
C TYR B 143 13.00 -3.45 -48.54
N ALA B 144 12.20 -3.32 -47.46
CA ALA B 144 10.88 -2.71 -47.53
C ALA B 144 10.92 -1.20 -47.34
N SER B 145 12.11 -0.57 -47.39
CA SER B 145 12.23 0.87 -47.59
C SER B 145 12.93 1.18 -48.90
N GLY B 146 13.05 0.18 -49.80
CA GLY B 146 13.56 0.37 -51.15
C GLY B 146 15.05 0.61 -51.21
N ARG B 147 15.80 -0.06 -50.34
CA ARG B 147 17.23 0.11 -50.21
C ARG B 147 17.88 -1.25 -50.05
N THR B 148 19.18 -1.35 -50.34
CA THR B 148 19.96 -2.53 -49.98
C THR B 148 21.19 -2.16 -49.16
N THR B 149 21.43 -0.84 -48.96
CA THR B 149 22.52 -0.32 -48.16
C THR B 149 21.94 0.74 -47.26
N GLY B 150 22.12 0.61 -45.93
CA GLY B 150 21.58 1.55 -44.97
C GLY B 150 21.56 0.98 -43.58
N ILE B 151 21.76 1.82 -42.55
CA ILE B 151 21.78 1.39 -41.16
C ILE B 151 20.38 1.30 -40.57
N VAL B 152 20.01 0.12 -40.03
CA VAL B 152 18.64 -0.16 -39.61
C VAL B 152 18.51 -0.10 -38.10
N LEU B 153 17.88 0.96 -37.57
CA LEU B 153 17.51 1.06 -36.16
C LEU B 153 16.24 0.28 -35.87
N ASP B 154 16.37 -0.92 -35.28
CA ASP B 154 15.25 -1.79 -35.00
C ASP B 154 14.97 -1.81 -33.49
N SER B 155 14.09 -0.91 -33.03
CA SER B 155 13.80 -0.70 -31.62
C SER B 155 12.51 -1.40 -31.24
N GLY B 156 12.61 -2.61 -30.68
CA GLY B 156 11.44 -3.41 -30.34
C GLY B 156 11.01 -3.21 -28.91
N ASP B 157 10.28 -4.20 -28.37
CA ASP B 157 9.87 -4.20 -26.99
C ASP B 157 11.02 -4.48 -26.02
N GLY B 158 11.83 -5.53 -26.27
CA GLY B 158 12.85 -5.97 -25.32
C GLY B 158 14.28 -5.70 -25.68
N VAL B 159 14.56 -5.33 -26.94
CA VAL B 159 15.92 -5.10 -27.39
C VAL B 159 15.94 -4.06 -28.50
N THR B 160 17.03 -3.27 -28.60
CA THR B 160 17.18 -2.25 -29.63
C THR B 160 18.46 -2.49 -30.38
N HIS B 161 18.38 -2.77 -31.68
CA HIS B 161 19.54 -3.05 -32.51
C HIS B 161 19.82 -1.95 -33.50
N ASN B 162 21.10 -1.67 -33.77
CA ASN B 162 21.52 -0.96 -34.95
C ASN B 162 22.30 -1.89 -35.82
N VAL B 163 21.78 -2.19 -37.02
CA VAL B 163 22.40 -3.13 -37.93
C VAL B 163 22.82 -2.39 -39.19
N PRO B 164 24.09 -2.13 -39.44
CA PRO B 164 24.53 -1.57 -40.70
C PRO B 164 24.60 -2.66 -41.75
N ILE B 165 24.00 -2.39 -42.92
CA ILE B 165 23.91 -3.34 -44.00
C ILE B 165 24.51 -2.65 -45.20
N TYR B 166 25.47 -3.31 -45.87
CA TYR B 166 26.10 -2.80 -47.07
C TYR B 166 25.94 -3.85 -48.16
N GLU B 167 25.17 -3.52 -49.22
CA GLU B 167 24.89 -4.39 -50.36
C GLU B 167 24.21 -5.70 -49.98
N GLY B 168 23.21 -5.65 -49.08
CA GLY B 168 22.41 -6.82 -48.72
C GLY B 168 23.04 -7.79 -47.74
N TYR B 169 24.12 -7.39 -47.04
CA TYR B 169 24.78 -8.23 -46.05
C TYR B 169 25.16 -7.44 -44.82
N ALA B 170 24.55 -7.78 -43.66
CA ALA B 170 24.76 -7.13 -42.38
C ALA B 170 26.17 -7.38 -41.84
N LEU B 171 26.88 -6.31 -41.40
CA LEU B 171 28.26 -6.41 -40.97
C LEU B 171 28.38 -6.81 -39.49
N PRO B 172 28.73 -8.04 -39.11
CA PRO B 172 28.43 -8.57 -37.78
C PRO B 172 29.27 -7.96 -36.68
N HIS B 173 30.47 -7.43 -36.97
CA HIS B 173 31.31 -6.80 -35.96
C HIS B 173 30.83 -5.40 -35.62
N ALA B 174 29.99 -4.81 -36.47
CA ALA B 174 29.51 -3.45 -36.28
C ALA B 174 28.10 -3.38 -35.71
N ILE B 175 27.36 -4.49 -35.62
CA ILE B 175 26.03 -4.54 -35.02
C ILE B 175 26.03 -4.20 -33.53
N MET B 176 25.52 -3.01 -33.18
CA MET B 176 25.31 -2.59 -31.82
C MET B 176 24.02 -3.15 -31.25
N ARG B 177 24.00 -3.40 -29.95
CA ARG B 177 22.83 -3.85 -29.25
C ARG B 177 22.71 -3.06 -27.97
N LEU B 178 21.58 -2.37 -27.82
CA LEU B 178 21.25 -1.62 -26.63
C LEU B 178 20.13 -2.41 -25.95
N ASP B 179 20.15 -2.51 -24.61
CA ASP B 179 19.18 -3.30 -23.88
C ASP B 179 18.04 -2.44 -23.35
N LEU B 180 18.07 -1.13 -23.65
CA LEU B 180 16.98 -0.20 -23.42
C LEU B 180 16.04 -0.27 -24.62
N ALA B 181 14.75 -0.42 -24.36
CA ALA B 181 13.77 -0.72 -25.37
C ALA B 181 12.41 -0.36 -24.80
N GLY B 182 11.32 -0.58 -25.56
CA GLY B 182 10.00 -0.07 -25.19
C GLY B 182 9.34 -0.66 -23.97
N ARG B 183 9.80 -1.83 -23.48
CA ARG B 183 9.31 -2.45 -22.26
C ARG B 183 9.73 -1.71 -21.01
N ASP B 184 10.94 -1.13 -21.02
CA ASP B 184 11.46 -0.35 -19.92
C ASP B 184 10.94 1.09 -19.92
N LEU B 185 10.25 1.51 -21.00
CA LEU B 185 9.50 2.75 -20.99
C LEU B 185 8.12 2.59 -20.36
N THR B 186 7.47 1.40 -20.47
CA THR B 186 6.23 1.11 -19.74
C THR B 186 6.44 1.09 -18.25
N ASP B 187 7.51 0.42 -17.78
CA ASP B 187 7.80 0.33 -16.36
C ASP B 187 8.46 1.59 -15.79
N TYR B 188 8.72 2.61 -16.62
CA TYR B 188 9.06 3.94 -16.18
C TYR B 188 7.85 4.86 -16.19
N LEU B 189 6.88 4.65 -17.09
CA LEU B 189 5.65 5.42 -17.12
C LEU B 189 4.72 5.11 -15.96
N MET B 190 4.84 3.91 -15.34
CA MET B 190 4.15 3.61 -14.09
C MET B 190 4.78 4.31 -12.88
N LYS B 191 6.03 4.82 -12.99
CA LYS B 191 6.66 5.57 -11.92
C LYS B 191 6.34 7.05 -12.00
N ILE B 192 6.40 7.67 -13.19
CA ILE B 192 6.14 9.09 -13.32
C ILE B 192 4.66 9.45 -13.34
N LEU B 193 3.73 8.48 -13.51
CA LEU B 193 2.32 8.72 -13.25
C LEU B 193 1.93 8.40 -11.81
N THR B 194 2.82 7.75 -11.04
CA THR B 194 2.68 7.63 -9.60
C THR B 194 3.02 8.93 -8.88
N GLU B 195 3.84 9.80 -9.51
CA GLU B 195 4.11 11.15 -9.01
C GLU B 195 2.85 12.03 -8.94
N ARG B 196 1.97 11.97 -9.97
CA ARG B 196 0.69 12.66 -9.95
C ARG B 196 -0.28 12.11 -8.91
N GLY B 197 -0.29 10.78 -8.72
CA GLY B 197 -1.17 10.13 -7.75
C GLY B 197 -1.91 8.95 -8.29
N TYR B 198 -1.73 8.61 -9.58
CA TYR B 198 -2.40 7.48 -10.19
C TYR B 198 -1.62 6.20 -9.89
N SER B 199 -1.97 5.48 -8.81
CA SER B 199 -1.25 4.30 -8.34
C SER B 199 -1.48 3.04 -9.16
N PHE B 200 -1.06 3.02 -10.44
CA PHE B 200 -1.02 1.82 -11.25
C PHE B 200 0.02 0.83 -10.75
N VAL B 201 -0.36 -0.42 -10.46
CA VAL B 201 0.57 -1.39 -9.90
C VAL B 201 0.27 -2.82 -10.33
N THR B 202 -0.98 -3.16 -10.70
CA THR B 202 -1.30 -4.55 -11.06
C THR B 202 -0.93 -4.88 -12.50
N THR B 203 -1.07 -6.16 -12.88
CA THR B 203 -0.75 -6.64 -14.22
C THR B 203 -1.72 -6.09 -15.26
N ALA B 204 -3.03 -6.04 -14.94
CA ALA B 204 -4.03 -5.42 -15.79
C ALA B 204 -3.95 -3.90 -15.84
N GLU B 205 -3.31 -3.26 -14.84
CA GLU B 205 -3.00 -1.84 -14.85
C GLU B 205 -1.64 -1.53 -15.46
N ARG B 206 -0.93 -2.53 -16.01
CA ARG B 206 0.25 -2.29 -16.82
C ARG B 206 -0.09 -2.21 -18.29
N GLU B 207 -1.08 -2.99 -18.76
CA GLU B 207 -1.59 -2.88 -20.11
C GLU B 207 -2.26 -1.54 -20.41
N ILE B 208 -2.93 -0.93 -19.41
CA ILE B 208 -3.53 0.38 -19.56
C ILE B 208 -2.48 1.48 -19.68
N VAL B 209 -1.39 1.41 -18.88
CA VAL B 209 -0.24 2.29 -19.00
C VAL B 209 0.48 2.14 -20.33
N ARG B 210 0.55 0.92 -20.86
CA ARG B 210 1.09 0.66 -22.18
C ARG B 210 0.21 1.19 -23.30
N ASP B 211 -1.10 1.42 -23.07
CA ASP B 211 -1.99 2.01 -24.04
C ASP B 211 -2.08 3.54 -23.92
N ILE B 212 -1.73 4.12 -22.75
CA ILE B 212 -1.48 5.55 -22.60
C ILE B 212 -0.24 5.95 -23.38
N LYS B 213 0.79 5.09 -23.37
CA LYS B 213 2.06 5.30 -24.02
C LYS B 213 1.95 5.40 -25.54
N GLU B 214 1.18 4.50 -26.17
CA GLU B 214 0.93 4.55 -27.61
C GLU B 214 0.22 5.83 -28.05
N LYS B 215 -0.86 6.20 -27.35
CA LYS B 215 -1.76 7.24 -27.82
C LYS B 215 -1.40 8.66 -27.43
N LEU B 216 -0.59 8.89 -26.37
CA LEU B 216 -0.37 10.25 -25.88
C LEU B 216 1.08 10.66 -25.74
N CYS B 217 2.07 9.78 -25.92
CA CYS B 217 3.47 10.17 -25.82
C CYS B 217 4.05 10.71 -27.12
N TYR B 218 5.07 11.58 -27.02
CA TYR B 218 5.76 12.15 -28.17
C TYR B 218 7.16 12.58 -27.76
N VAL B 219 8.11 12.67 -28.70
CA VAL B 219 9.49 13.01 -28.35
C VAL B 219 9.68 14.51 -28.42
N ALA B 220 10.17 15.14 -27.33
CA ALA B 220 10.45 16.56 -27.32
C ALA B 220 11.57 16.95 -28.27
N LEU B 221 11.40 18.04 -29.05
CA LEU B 221 12.41 18.51 -29.98
C LEU B 221 13.62 19.10 -29.26
N ASP B 222 13.37 19.84 -28.17
CA ASP B 222 14.39 20.20 -27.21
C ASP B 222 13.77 20.05 -25.83
N PHE B 223 14.40 19.27 -24.93
CA PHE B 223 13.78 18.88 -23.68
C PHE B 223 13.66 20.04 -22.69
N GLU B 224 14.66 20.93 -22.62
CA GLU B 224 14.65 22.04 -21.69
C GLU B 224 13.62 23.10 -22.03
N ASN B 225 13.46 23.45 -23.33
CA ASN B 225 12.47 24.44 -23.74
C ASN B 225 11.06 23.89 -23.79
N GLU B 226 10.88 22.56 -23.91
CA GLU B 226 9.56 21.95 -23.81
C GLU B 226 9.12 21.82 -22.36
N MET B 227 10.02 21.42 -21.44
CA MET B 227 9.70 21.29 -20.04
C MET B 227 9.54 22.63 -19.31
N ALA B 228 10.22 23.71 -19.78
CA ALA B 228 9.97 25.05 -19.30
C ALA B 228 8.65 25.64 -19.83
N THR B 229 8.19 25.19 -21.02
CA THR B 229 6.88 25.54 -21.57
C THR B 229 5.76 24.74 -20.91
N ALA B 230 6.09 23.56 -20.33
CA ALA B 230 5.13 22.68 -19.71
C ALA B 230 4.58 23.20 -18.38
N ALA B 231 5.28 24.15 -17.74
CA ALA B 231 4.85 24.76 -16.50
C ALA B 231 3.75 25.79 -16.73
N SER B 232 3.92 26.66 -17.76
CA SER B 232 3.01 27.77 -18.02
C SER B 232 1.91 27.48 -19.02
N SER B 233 2.13 26.59 -20.00
CA SER B 233 1.16 26.35 -21.08
C SER B 233 0.11 25.30 -20.73
N SER B 234 -1.10 25.44 -21.31
CA SER B 234 -2.21 24.54 -21.10
C SER B 234 -2.50 23.66 -22.32
N SER B 235 -1.76 23.84 -23.43
CA SER B 235 -1.88 23.01 -24.63
C SER B 235 -1.47 21.56 -24.46
N LEU B 236 -0.41 21.33 -23.66
CA LEU B 236 0.23 20.06 -23.41
C LEU B 236 -0.64 19.01 -22.73
N GLU B 237 -1.42 19.41 -21.71
CA GLU B 237 -2.16 18.52 -20.83
C GLU B 237 -3.32 17.79 -21.49
N LYS B 238 -3.27 16.43 -21.51
CA LYS B 238 -4.29 15.59 -22.09
C LYS B 238 -5.10 14.83 -21.05
N SER B 239 -6.21 14.21 -21.49
CA SER B 239 -7.13 13.46 -20.63
C SER B 239 -7.40 12.10 -21.23
N TYR B 240 -7.14 11.03 -20.48
CA TYR B 240 -7.34 9.66 -20.90
C TYR B 240 -8.46 9.02 -20.10
N GLU B 241 -9.20 8.06 -20.69
CA GLU B 241 -10.34 7.43 -20.08
C GLU B 241 -10.08 5.94 -19.89
N LEU B 242 -10.07 5.46 -18.64
CA LEU B 242 -9.73 4.11 -18.26
C LEU B 242 -10.84 3.10 -18.63
N PRO B 243 -10.61 1.79 -18.65
CA PRO B 243 -11.64 0.78 -18.92
C PRO B 243 -12.89 0.80 -18.05
N ASP B 244 -12.86 1.38 -16.83
CA ASP B 244 -14.01 1.56 -15.98
C ASP B 244 -14.61 2.96 -16.06
N GLY B 245 -14.18 3.77 -17.03
CA GLY B 245 -14.74 5.09 -17.33
C GLY B 245 -14.22 6.24 -16.51
N GLN B 246 -13.30 6.00 -15.56
CA GLN B 246 -12.60 7.06 -14.85
C GLN B 246 -11.66 7.84 -15.77
N VAL B 247 -11.45 9.14 -15.49
CA VAL B 247 -10.64 10.01 -16.33
C VAL B 247 -9.38 10.44 -15.61
N ILE B 248 -8.21 9.99 -16.10
CA ILE B 248 -6.90 10.39 -15.61
C ILE B 248 -6.31 11.47 -16.51
N THR B 249 -5.60 12.43 -15.92
CA THR B 249 -5.07 13.59 -16.63
C THR B 249 -3.56 13.52 -16.65
N ILE B 250 -2.96 13.29 -17.83
CA ILE B 250 -1.52 13.22 -18.02
C ILE B 250 -0.98 14.57 -18.47
N GLY B 251 0.17 15.02 -17.94
CA GLY B 251 0.71 16.35 -18.17
C GLY B 251 1.98 16.32 -18.95
N ASN B 252 3.12 16.59 -18.26
CA ASN B 252 4.44 16.56 -18.86
C ASN B 252 5.11 15.20 -18.80
N GLU B 253 4.34 14.12 -18.56
CA GLU B 253 4.81 12.76 -18.65
C GLU B 253 4.63 12.20 -20.05
N ARG B 254 4.14 13.03 -20.99
CA ARG B 254 4.03 12.68 -22.39
C ARG B 254 5.36 12.65 -23.12
N PHE B 255 6.26 13.63 -22.84
CA PHE B 255 7.55 13.68 -23.49
C PHE B 255 8.70 13.29 -22.58
N ARG B 256 8.47 13.16 -21.27
CA ARG B 256 9.45 12.72 -20.31
C ARG B 256 9.68 11.21 -20.35
N CYS B 257 8.72 10.45 -20.89
CA CYS B 257 8.85 9.02 -21.10
C CYS B 257 9.70 8.63 -22.32
N PRO B 258 9.51 9.03 -23.57
CA PRO B 258 10.36 8.56 -24.68
C PRO B 258 11.67 9.32 -24.74
N GLU B 259 11.90 10.32 -23.87
CA GLU B 259 13.18 10.98 -23.75
C GLU B 259 14.20 10.11 -23.01
N THR B 260 13.74 9.03 -22.35
CA THR B 260 14.60 7.99 -21.79
C THR B 260 15.45 7.31 -22.86
N LEU B 261 14.95 7.17 -24.10
CA LEU B 261 15.71 6.62 -25.21
C LEU B 261 16.90 7.47 -25.62
N PHE B 262 16.88 8.77 -25.33
CA PHE B 262 17.93 9.71 -25.71
C PHE B 262 18.78 10.09 -24.50
N GLN B 263 18.26 9.87 -23.28
CA GLN B 263 19.00 10.03 -22.04
C GLN B 263 18.75 8.83 -21.12
N PRO B 264 19.50 7.72 -21.21
CA PRO B 264 19.22 6.52 -20.42
C PRO B 264 19.54 6.65 -18.94
N SER B 265 20.14 7.77 -18.52
CA SER B 265 20.39 8.07 -17.11
C SER B 265 19.12 8.30 -16.29
N PHE B 266 17.98 8.61 -16.94
CA PHE B 266 16.67 8.64 -16.31
C PHE B 266 16.23 7.30 -15.74
N ILE B 267 16.50 6.19 -16.45
CA ILE B 267 16.16 4.84 -15.99
C ILE B 267 17.38 4.19 -15.31
N GLY B 268 18.44 5.00 -15.07
CA GLY B 268 19.55 4.67 -14.19
C GLY B 268 20.69 3.87 -14.77
N MET B 269 20.69 3.59 -16.08
CA MET B 269 21.79 2.87 -16.71
C MET B 269 22.77 3.82 -17.39
N GLU B 270 24.02 3.36 -17.60
CA GLU B 270 25.09 4.24 -18.08
C GLU B 270 25.26 4.18 -19.59
N SER B 271 24.46 3.35 -20.27
CA SER B 271 24.48 3.15 -21.71
C SER B 271 24.24 4.39 -22.54
N ALA B 272 24.84 4.43 -23.75
CA ALA B 272 24.57 5.44 -24.75
C ALA B 272 23.12 5.42 -25.26
N GLY B 273 22.54 6.60 -25.59
CA GLY B 273 21.21 6.70 -26.19
C GLY B 273 21.14 6.20 -27.62
N ILE B 274 19.94 6.21 -28.23
CA ILE B 274 19.78 5.69 -29.58
C ILE B 274 20.27 6.62 -30.68
N HIS B 275 20.69 7.84 -30.31
CA HIS B 275 21.38 8.75 -31.21
C HIS B 275 22.89 8.66 -31.10
N GLU B 276 23.41 7.77 -30.25
CA GLU B 276 24.84 7.59 -30.09
C GLU B 276 25.24 6.14 -30.27
N THR B 277 24.35 5.15 -30.03
CA THR B 277 24.59 3.79 -30.51
C THR B 277 24.42 3.66 -32.00
N THR B 278 23.65 4.57 -32.63
CA THR B 278 23.61 4.70 -34.09
C THR B 278 24.90 5.24 -34.64
N TYR B 279 25.47 6.28 -34.01
CA TYR B 279 26.73 6.87 -34.43
C TYR B 279 27.94 5.96 -34.22
N ASN B 280 27.98 5.21 -33.12
CA ASN B 280 29.07 4.29 -32.81
C ASN B 280 28.94 2.97 -33.55
N SER B 281 27.89 2.83 -34.39
CA SER B 281 27.77 1.72 -35.32
C SER B 281 28.16 2.12 -36.73
N ILE B 282 28.06 3.41 -37.11
CA ILE B 282 28.60 3.90 -38.37
C ILE B 282 30.12 4.06 -38.31
N MET B 283 30.66 4.54 -37.16
CA MET B 283 32.09 4.71 -36.95
C MET B 283 32.86 3.40 -36.86
N LYS B 284 32.17 2.27 -36.59
CA LYS B 284 32.80 0.97 -36.48
C LYS B 284 32.85 0.24 -37.82
N CYS B 285 32.16 0.77 -38.86
CA CYS B 285 32.21 0.28 -40.24
C CYS B 285 33.40 0.86 -40.98
N ASP B 286 33.77 0.25 -42.12
CA ASP B 286 34.90 0.70 -42.93
C ASP B 286 34.77 2.12 -43.47
N ILE B 287 35.91 2.82 -43.62
CA ILE B 287 35.97 4.26 -43.86
C ILE B 287 35.30 4.73 -45.16
N ASP B 288 35.34 3.91 -46.22
CA ASP B 288 34.77 4.23 -47.50
C ASP B 288 33.25 4.13 -47.61
N ILE B 289 32.57 3.40 -46.68
CA ILE B 289 31.13 3.18 -46.78
C ILE B 289 30.31 3.94 -45.76
N ARG B 290 30.92 4.79 -44.90
CA ARG B 290 30.19 5.51 -43.88
C ARG B 290 29.26 6.60 -44.42
N LYS B 291 29.60 7.20 -45.57
CA LYS B 291 28.77 8.24 -46.17
C LYS B 291 27.45 7.71 -46.74
N ASP B 292 27.42 6.44 -47.18
CA ASP B 292 26.19 5.79 -47.59
C ASP B 292 25.50 5.05 -46.44
N LEU B 293 25.89 5.32 -45.17
CA LEU B 293 25.13 4.92 -44.01
C LEU B 293 24.59 6.14 -43.28
N TYR B 294 25.32 7.28 -43.26
CA TYR B 294 24.84 8.55 -42.74
C TYR B 294 23.59 9.05 -43.45
N ALA B 295 23.51 8.85 -44.79
CA ALA B 295 22.42 9.34 -45.59
C ALA B 295 21.29 8.33 -45.76
N ASN B 296 21.36 7.18 -45.06
CA ASN B 296 20.37 6.12 -45.18
C ASN B 296 20.11 5.44 -43.84
N ASN B 297 19.91 6.20 -42.74
CA ASN B 297 19.34 5.64 -41.52
C ASN B 297 17.89 5.25 -41.73
N VAL B 298 17.52 3.98 -41.51
CA VAL B 298 16.17 3.49 -41.67
C VAL B 298 15.71 2.98 -40.33
N MET B 299 14.49 3.33 -39.89
CA MET B 299 13.99 2.88 -38.60
C MET B 299 12.90 1.81 -38.74
N SER B 300 12.70 1.01 -37.68
CA SER B 300 11.62 0.05 -37.60
C SER B 300 11.28 -0.32 -36.18
N GLY B 301 10.37 -1.29 -36.00
CA GLY B 301 9.93 -1.78 -34.70
C GLY B 301 8.92 -0.87 -34.05
N GLY B 302 8.21 -1.38 -33.04
CA GLY B 302 7.14 -0.66 -32.37
C GLY B 302 7.53 0.61 -31.64
N THR B 303 8.77 0.72 -31.18
CA THR B 303 9.20 1.79 -30.29
C THR B 303 9.74 2.99 -31.06
N THR B 304 9.82 2.91 -32.41
CA THR B 304 10.18 4.07 -33.23
C THR B 304 8.95 4.77 -33.78
N MET B 305 7.76 4.38 -33.33
CA MET B 305 6.49 4.93 -33.78
C MET B 305 6.12 6.28 -33.19
N TYR B 306 6.84 6.77 -32.17
CA TYR B 306 6.55 8.06 -31.56
C TYR B 306 6.63 9.23 -32.55
N PRO B 307 5.75 10.22 -32.52
CA PRO B 307 5.88 11.38 -33.40
C PRO B 307 6.99 12.29 -32.89
N GLY B 308 7.76 12.88 -33.80
CA GLY B 308 8.89 13.72 -33.44
C GLY B 308 10.18 13.00 -33.15
N ILE B 309 10.30 11.70 -33.50
CA ILE B 309 11.54 10.97 -33.27
C ILE B 309 12.44 10.93 -34.49
N ALA B 310 11.89 11.10 -35.72
CA ALA B 310 12.71 11.30 -36.90
C ALA B 310 13.31 12.69 -36.95
N ASP B 311 12.67 13.67 -36.29
CA ASP B 311 13.15 15.03 -36.19
C ASP B 311 14.13 15.23 -35.05
N ARG B 312 14.19 14.28 -34.09
CA ARG B 312 15.12 14.36 -32.97
C ARG B 312 16.36 13.53 -33.26
N MET B 313 16.24 12.40 -33.96
CA MET B 313 17.38 11.62 -34.39
C MET B 313 18.27 12.34 -35.40
N GLN B 314 17.68 13.16 -36.29
CA GLN B 314 18.44 13.96 -37.21
C GLN B 314 19.21 15.07 -36.53
N LYS B 315 18.63 15.70 -35.50
CA LYS B 315 19.27 16.76 -34.76
C LYS B 315 20.44 16.26 -33.90
N GLU B 316 20.28 15.11 -33.23
CA GLU B 316 21.26 14.63 -32.28
C GLU B 316 22.43 13.93 -32.96
N ILE B 317 22.21 13.20 -34.07
CA ILE B 317 23.30 12.61 -34.85
C ILE B 317 24.11 13.68 -35.58
N THR B 318 23.47 14.76 -36.06
CA THR B 318 24.15 15.88 -36.72
C THR B 318 25.09 16.63 -35.78
N ALA B 319 24.76 16.68 -34.48
CA ALA B 319 25.61 17.30 -33.48
C ALA B 319 26.85 16.46 -33.13
N LEU B 320 26.84 15.14 -33.43
CA LEU B 320 27.97 14.27 -33.21
C LEU B 320 28.82 14.12 -34.46
N ALA B 321 28.19 13.79 -35.61
CA ALA B 321 28.84 13.60 -36.89
C ALA B 321 29.58 14.82 -37.45
N PRO B 322 30.68 14.68 -38.19
CA PRO B 322 31.37 15.79 -38.83
C PRO B 322 30.47 16.55 -39.82
N SER B 323 30.79 17.83 -40.08
CA SER B 323 29.85 18.79 -40.65
C SER B 323 29.59 18.67 -42.14
N THR B 324 30.45 17.95 -42.89
CA THR B 324 30.32 17.83 -44.34
C THR B 324 29.55 16.60 -44.76
N MET B 325 29.11 15.77 -43.80
CA MET B 325 28.33 14.57 -44.06
C MET B 325 26.83 14.85 -43.98
N LYS B 326 26.05 14.24 -44.88
CA LYS B 326 24.62 14.47 -44.98
C LYS B 326 23.88 13.47 -44.11
N ILE B 327 23.26 13.93 -42.99
CA ILE B 327 22.56 13.04 -42.08
C ILE B 327 21.10 13.00 -42.44
N LYS B 328 20.57 11.81 -42.77
CA LYS B 328 19.19 11.65 -43.16
C LYS B 328 18.57 10.45 -42.45
N ILE B 329 17.42 10.68 -41.79
CA ILE B 329 16.67 9.64 -41.10
C ILE B 329 15.41 9.36 -41.90
N ILE B 330 15.22 8.11 -42.32
CA ILE B 330 14.07 7.66 -43.07
C ILE B 330 13.15 6.88 -42.15
N ALA B 331 11.94 7.41 -41.94
CA ALA B 331 10.91 6.77 -41.17
C ALA B 331 9.73 6.45 -42.09
N PRO B 332 9.48 5.21 -42.50
CA PRO B 332 8.31 4.90 -43.31
C PRO B 332 7.07 4.85 -42.40
N PRO B 333 5.85 5.08 -42.86
CA PRO B 333 4.70 5.25 -41.98
C PRO B 333 4.18 3.92 -41.44
N GLU B 334 4.50 2.78 -42.06
CA GLU B 334 4.10 1.46 -41.61
C GLU B 334 5.26 0.67 -41.02
N ARG B 335 6.23 1.38 -40.41
CA ARG B 335 7.45 0.81 -39.85
C ARG B 335 7.27 -0.09 -38.63
N LYS B 336 6.09 -0.07 -37.99
CA LYS B 336 5.75 -0.96 -36.90
C LYS B 336 5.77 -2.43 -37.30
N TYR B 337 5.26 -2.75 -38.51
CA TYR B 337 5.17 -4.11 -38.99
C TYR B 337 6.01 -4.31 -40.24
N SER B 338 7.09 -3.55 -40.48
CA SER B 338 7.82 -3.66 -41.74
C SER B 338 8.62 -4.93 -41.90
N VAL B 339 9.03 -5.55 -40.79
CA VAL B 339 9.68 -6.85 -40.78
C VAL B 339 8.71 -7.96 -41.14
N TRP B 340 7.43 -7.81 -40.74
CA TRP B 340 6.40 -8.76 -41.08
C TRP B 340 5.89 -8.56 -42.51
N ILE B 341 5.65 -7.30 -42.94
CA ILE B 341 5.14 -7.00 -44.28
C ILE B 341 6.14 -7.40 -45.34
N GLY B 342 7.45 -7.22 -45.07
CA GLY B 342 8.50 -7.70 -45.96
C GLY B 342 8.60 -9.19 -46.09
N GLY B 343 8.11 -9.95 -45.09
CA GLY B 343 8.08 -11.40 -45.16
C GLY B 343 6.77 -11.92 -45.69
N SER B 344 5.76 -11.04 -45.87
CA SER B 344 4.47 -11.41 -46.42
C SER B 344 4.43 -11.19 -47.91
N ILE B 345 5.15 -10.17 -48.41
CA ILE B 345 5.39 -9.99 -49.83
C ILE B 345 6.31 -11.09 -50.36
N LEU B 346 7.45 -11.34 -49.69
CA LEU B 346 8.46 -12.24 -50.20
C LEU B 346 8.05 -13.70 -50.20
N ALA B 347 7.12 -14.11 -49.32
CA ALA B 347 6.62 -15.47 -49.30
C ALA B 347 5.35 -15.66 -50.12
N SER B 348 4.78 -14.58 -50.69
CA SER B 348 3.61 -14.67 -51.56
C SER B 348 3.98 -14.54 -53.03
N LEU B 349 5.28 -14.34 -53.34
CA LEU B 349 5.84 -14.46 -54.68
C LEU B 349 5.67 -15.86 -55.25
N SER B 350 5.30 -15.97 -56.54
CA SER B 350 5.14 -17.25 -57.22
C SER B 350 6.46 -17.85 -57.65
N THR B 351 7.51 -17.03 -57.72
CA THR B 351 8.86 -17.43 -58.11
C THR B 351 9.76 -17.71 -56.90
N PHE B 352 9.17 -17.70 -55.68
CA PHE B 352 9.88 -18.02 -54.45
C PHE B 352 9.73 -19.50 -54.11
N GLN B 353 8.96 -20.27 -54.93
CA GLN B 353 8.54 -21.61 -54.58
C GLN B 353 9.65 -22.67 -54.56
N GLN B 354 10.81 -22.40 -55.18
CA GLN B 354 11.97 -23.27 -55.08
C GLN B 354 13.02 -22.76 -54.10
N MET B 355 12.81 -21.59 -53.48
CA MET B 355 13.72 -21.05 -52.47
C MET B 355 13.66 -21.80 -51.14
N TRP B 356 12.44 -22.21 -50.70
CA TRP B 356 12.18 -22.90 -49.44
C TRP B 356 13.04 -24.14 -49.16
N ILE B 357 13.17 -24.51 -47.88
CA ILE B 357 13.78 -25.76 -47.45
C ILE B 357 12.65 -26.77 -47.29
N THR B 358 12.57 -27.77 -48.18
CA THR B 358 11.57 -28.83 -48.10
C THR B 358 11.88 -29.88 -47.04
N LYS B 359 10.89 -30.73 -46.68
CA LYS B 359 11.07 -31.77 -45.68
C LYS B 359 12.01 -32.88 -46.17
N GLN B 360 12.06 -33.14 -47.49
CA GLN B 360 13.00 -34.09 -48.05
C GLN B 360 14.46 -33.64 -47.94
N GLU B 361 14.72 -32.31 -48.05
CA GLU B 361 16.05 -31.76 -47.87
C GLU B 361 16.52 -31.80 -46.42
N TYR B 362 15.60 -31.78 -45.44
CA TYR B 362 15.92 -32.04 -44.05
C TYR B 362 16.27 -33.51 -43.82
N ASP B 363 15.58 -34.45 -44.51
CA ASP B 363 15.78 -35.87 -44.28
C ASP B 363 17.11 -36.37 -44.86
N GLU B 364 17.72 -35.62 -45.79
CA GLU B 364 18.96 -35.98 -46.46
C GLU B 364 20.13 -35.09 -46.05
N ALA B 365 19.96 -34.17 -45.08
CA ALA B 365 21.04 -33.30 -44.64
C ALA B 365 20.92 -32.79 -43.21
N GLY B 366 19.89 -33.21 -42.43
CA GLY B 366 19.66 -32.79 -41.06
C GLY B 366 19.48 -31.29 -40.86
N PRO B 367 19.71 -30.75 -39.66
CA PRO B 367 19.58 -29.33 -39.40
C PRO B 367 20.62 -28.47 -40.10
N SER B 368 21.64 -29.06 -40.76
CA SER B 368 22.74 -28.35 -41.38
C SER B 368 22.33 -27.62 -42.66
N ILE B 369 21.16 -27.98 -43.22
CA ILE B 369 20.56 -27.38 -44.40
C ILE B 369 20.27 -25.89 -44.26
N VAL B 370 19.95 -25.40 -43.04
CA VAL B 370 19.54 -24.04 -42.79
C VAL B 370 20.61 -22.99 -43.11
N HIS B 371 21.88 -23.28 -42.80
CA HIS B 371 23.01 -22.43 -43.17
C HIS B 371 23.20 -22.30 -44.68
N ARG B 372 23.02 -23.41 -45.43
CA ARG B 372 23.18 -23.46 -46.87
C ARG B 372 22.14 -22.66 -47.64
N LYS B 373 20.84 -22.76 -47.29
CA LYS B 373 19.77 -22.15 -48.07
C LYS B 373 19.10 -20.94 -47.44
N CYS B 374 19.37 -20.61 -46.16
CA CYS B 374 18.80 -19.46 -45.47
C CYS B 374 19.92 -18.58 -44.96
N PHE B 375 20.86 -18.24 -45.84
CA PHE B 375 22.05 -17.46 -45.55
C PHE B 375 21.79 -15.94 -45.27
N THR C 6 17.29 26.82 19.72
CA THR C 6 16.00 26.02 19.63
C THR C 6 15.50 25.87 18.21
N ALA C 7 14.91 24.71 17.85
CA ALA C 7 14.45 24.44 16.50
C ALA C 7 13.32 23.45 16.56
N LEU C 8 12.31 23.60 15.68
CA LEU C 8 11.20 22.68 15.56
C LEU C 8 11.50 21.61 14.54
N VAL C 9 11.17 20.35 14.83
CA VAL C 9 11.36 19.25 13.90
C VAL C 9 10.00 18.63 13.62
N CYS C 10 9.40 18.92 12.46
CA CYS C 10 8.06 18.47 12.10
C CYS C 10 8.12 17.41 11.02
N ASP C 11 8.13 16.12 11.41
CA ASP C 11 8.09 15.01 10.48
C ASP C 11 6.72 14.86 9.80
N ASN C 12 6.67 15.00 8.47
CA ASN C 12 5.47 14.92 7.67
C ASN C 12 5.03 13.49 7.39
N GLY C 13 4.63 12.75 8.44
CA GLY C 13 4.18 11.36 8.37
C GLY C 13 3.04 11.03 7.43
N SER C 14 3.03 9.78 6.93
CA SER C 14 1.97 9.24 6.09
C SER C 14 0.67 9.05 6.86
N GLY C 15 0.73 8.61 8.14
CA GLY C 15 -0.46 8.53 8.96
C GLY C 15 -0.33 9.10 10.35
N LEU C 16 0.84 9.62 10.74
CA LEU C 16 1.01 10.25 12.03
C LEU C 16 2.05 11.35 11.92
N VAL C 17 1.65 12.62 12.12
CA VAL C 17 2.58 13.73 12.20
C VAL C 17 3.32 13.69 13.53
N LYS C 18 4.64 13.47 13.50
CA LYS C 18 5.47 13.54 14.69
C LYS C 18 6.10 14.93 14.73
N ALA C 19 6.01 15.63 15.87
CA ALA C 19 6.59 16.95 15.96
C ALA C 19 7.05 17.24 17.36
N GLY C 20 8.18 17.94 17.50
CA GLY C 20 8.73 18.26 18.79
C GLY C 20 9.82 19.28 18.66
N PHE C 21 10.45 19.60 19.77
CA PHE C 21 11.55 20.55 19.80
C PHE C 21 12.86 19.80 19.73
N ALA C 22 13.85 20.33 18.99
CA ALA C 22 15.15 19.70 18.85
C ALA C 22 15.92 19.59 20.16
N GLY C 23 16.49 18.41 20.42
CA GLY C 23 17.19 18.08 21.66
C GLY C 23 16.40 17.19 22.58
N ASP C 24 15.08 17.01 22.36
CA ASP C 24 14.28 16.04 23.09
C ASP C 24 14.44 14.64 22.51
N ASP C 25 14.27 13.60 23.35
CA ASP C 25 14.43 12.21 22.98
C ASP C 25 13.24 11.63 22.22
N ALA C 26 12.07 12.29 22.25
CA ALA C 26 10.85 11.77 21.69
C ALA C 26 9.95 12.94 21.29
N PRO C 27 9.08 12.83 20.31
CA PRO C 27 8.26 13.94 19.87
C PRO C 27 7.19 14.33 20.87
N ARG C 28 6.95 15.63 21.06
CA ARG C 28 5.91 16.18 21.90
C ARG C 28 4.50 15.89 21.38
N ALA C 29 4.32 16.01 20.06
CA ALA C 29 3.04 15.88 19.41
C ALA C 29 3.06 14.69 18.47
N VAL C 30 2.15 13.72 18.67
CA VAL C 30 1.93 12.63 17.75
C VAL C 30 0.43 12.58 17.50
N PHE C 31 -0.03 12.91 16.27
CA PHE C 31 -1.43 13.01 15.96
C PHE C 31 -1.72 12.61 14.51
N PRO C 32 -2.90 12.13 14.13
CA PRO C 32 -3.14 11.66 12.77
C PRO C 32 -3.08 12.72 11.69
N SER C 33 -2.70 12.33 10.47
CA SER C 33 -2.62 13.21 9.31
C SER C 33 -3.96 13.38 8.61
N ILE C 34 -5.01 13.76 9.35
CA ILE C 34 -6.39 13.80 8.89
C ILE C 34 -6.93 15.22 8.91
N VAL C 35 -7.59 15.64 7.82
CA VAL C 35 -8.47 16.80 7.81
C VAL C 35 -9.87 16.29 7.52
N GLY C 36 -10.80 16.52 8.46
CA GLY C 36 -12.19 16.07 8.35
C GLY C 36 -13.10 17.22 8.09
N ARG C 37 -14.05 17.06 7.16
CA ARG C 37 -15.02 18.07 6.81
C ARG C 37 -16.43 17.51 6.99
N PRO C 38 -17.43 18.26 7.43
CA PRO C 38 -18.79 17.77 7.57
C PRO C 38 -19.44 17.42 6.24
N ARG C 39 -20.30 16.37 6.23
CA ARG C 39 -20.99 15.89 5.04
C ARG C 39 -21.91 16.91 4.37
N HIS C 40 -22.69 17.68 5.15
CA HIS C 40 -23.60 18.70 4.65
C HIS C 40 -23.54 20.01 5.47
N LYS C 50 -17.71 24.60 12.96
CA LYS C 50 -16.40 24.90 12.26
C LYS C 50 -16.25 24.19 10.92
N ASP C 51 -15.57 24.82 9.92
CA ASP C 51 -15.54 24.37 8.54
C ASP C 51 -14.76 23.06 8.34
N SER C 52 -13.62 22.92 9.05
CA SER C 52 -12.76 21.76 8.94
C SER C 52 -12.19 21.41 10.31
N TYR C 53 -12.13 20.12 10.64
CA TYR C 53 -11.58 19.61 11.86
C TYR C 53 -10.28 18.88 11.57
N VAL C 54 -9.24 19.08 12.38
CA VAL C 54 -7.89 18.64 12.05
C VAL C 54 -7.37 17.70 13.12
N GLY C 55 -6.71 16.60 12.71
CA GLY C 55 -6.03 15.67 13.60
C GLY C 55 -6.92 14.88 14.54
N ASP C 56 -6.81 15.11 15.86
CA ASP C 56 -7.56 14.36 16.84
C ASP C 56 -9.02 14.76 16.93
N GLU C 57 -9.38 15.99 16.49
CA GLU C 57 -10.76 16.45 16.48
C GLU C 57 -11.61 15.68 15.46
N ALA C 58 -11.04 15.41 14.28
CA ALA C 58 -11.72 14.66 13.24
C ALA C 58 -11.73 13.15 13.47
N GLN C 59 -10.92 12.66 14.42
CA GLN C 59 -10.94 11.28 14.86
C GLN C 59 -11.96 11.08 15.98
N SER C 60 -12.25 12.14 16.76
CA SER C 60 -13.18 12.08 17.88
C SER C 60 -14.63 12.17 17.43
N LYS C 61 -14.97 13.10 16.52
CA LYS C 61 -16.31 13.23 15.96
C LYS C 61 -16.75 12.07 15.07
N ARG C 62 -18.07 11.75 15.10
CA ARG C 62 -18.59 10.50 14.52
C ARG C 62 -19.92 10.73 13.82
N GLY C 63 -20.09 10.10 12.64
CA GLY C 63 -21.35 10.10 11.89
C GLY C 63 -21.64 11.32 11.08
N ILE C 64 -20.74 12.33 11.11
CA ILE C 64 -20.99 13.62 10.49
C ILE C 64 -19.85 14.07 9.59
N LEU C 65 -18.62 13.50 9.74
CA LEU C 65 -17.48 13.93 8.95
C LEU C 65 -17.06 12.95 7.86
N THR C 66 -16.49 13.52 6.77
CA THR C 66 -15.82 12.80 5.71
C THR C 66 -14.35 13.11 5.86
N LEU C 67 -13.50 12.07 6.00
CA LEU C 67 -12.10 12.23 6.34
C LEU C 67 -11.20 12.20 5.12
N LYS C 68 -10.30 13.20 4.99
CA LYS C 68 -9.34 13.31 3.91
C LYS C 68 -7.93 13.32 4.48
N TYR C 69 -6.96 12.77 3.72
CA TYR C 69 -5.56 12.72 4.08
C TYR C 69 -4.78 13.55 3.07
N PRO C 70 -3.99 14.56 3.42
CA PRO C 70 -3.17 15.26 2.44
C PRO C 70 -1.84 14.58 2.18
N ILE C 71 -1.40 13.61 3.00
CA ILE C 71 -0.14 12.91 2.81
C ILE C 71 -0.41 11.42 2.71
N GLU C 72 -1.47 11.03 1.96
CA GLU C 72 -2.05 9.70 1.99
C GLU C 72 -1.11 8.53 1.69
N GLY C 74 2.34 9.20 1.19
CA GLY C 74 3.67 9.71 1.52
C GLY C 74 4.13 10.90 0.71
N ILE C 75 3.39 11.26 -0.35
CA ILE C 75 3.67 12.42 -1.17
C ILE C 75 2.50 13.35 -0.98
N ILE C 76 2.74 14.65 -0.72
CA ILE C 76 1.69 15.61 -0.39
C ILE C 76 0.78 15.88 -1.59
N THR C 77 -0.49 15.48 -1.50
CA THR C 77 -1.46 15.54 -2.58
C THR C 77 -2.21 16.86 -2.63
N ASN C 78 -2.66 17.39 -1.47
CA ASN C 78 -3.48 18.57 -1.39
C ASN C 78 -2.83 19.62 -0.48
N TRP C 79 -2.42 20.75 -1.08
CA TRP C 79 -1.76 21.82 -0.36
C TRP C 79 -2.69 22.80 0.37
N ASP C 80 -4.00 22.76 0.13
CA ASP C 80 -4.95 23.52 0.92
C ASP C 80 -5.34 22.78 2.20
N ASP C 81 -5.17 21.45 2.23
CA ASP C 81 -5.37 20.64 3.41
C ASP C 81 -4.07 20.51 4.21
N MET C 82 -2.89 20.52 3.56
CA MET C 82 -1.63 20.42 4.26
C MET C 82 -1.27 21.66 5.08
N GLU C 83 -1.75 22.84 4.66
CA GLU C 83 -1.61 24.07 5.41
C GLU C 83 -2.37 24.05 6.73
N LYS C 84 -3.54 23.36 6.76
CA LYS C 84 -4.33 23.11 7.95
C LYS C 84 -3.57 22.25 8.96
N ILE C 85 -3.04 21.09 8.51
CA ILE C 85 -2.23 20.17 9.31
C ILE C 85 -1.07 20.88 10.02
N TRP C 86 -0.29 21.69 9.29
CA TRP C 86 0.84 22.42 9.85
C TRP C 86 0.43 23.59 10.74
N HIS C 87 -0.70 24.25 10.48
CA HIS C 87 -1.25 25.26 11.36
C HIS C 87 -1.70 24.68 12.69
N HIS C 88 -2.23 23.45 12.66
CA HIS C 88 -2.57 22.72 13.86
C HIS C 88 -1.35 22.20 14.62
N THR C 89 -0.21 21.96 13.94
CA THR C 89 1.00 21.51 14.62
C THR C 89 1.66 22.61 15.41
N PHE C 90 1.83 23.81 14.82
CA PHE C 90 2.59 24.86 15.48
C PHE C 90 1.83 25.48 16.65
N TYR C 91 0.55 25.84 16.43
CA TYR C 91 -0.19 26.58 17.43
C TYR C 91 -0.86 25.69 18.47
N ASN C 92 -1.59 24.64 18.06
CA ASN C 92 -2.40 23.89 18.99
C ASN C 92 -1.69 22.69 19.64
N GLU C 93 -0.54 22.22 19.11
CA GLU C 93 0.13 21.04 19.65
C GLU C 93 1.54 21.30 20.15
N LEU C 94 2.43 21.94 19.36
CA LEU C 94 3.72 22.38 19.85
C LEU C 94 3.60 23.53 20.83
N ARG C 95 2.71 24.49 20.50
CA ARG C 95 2.28 25.60 21.32
C ARG C 95 3.24 26.78 21.25
N VAL C 96 4.04 26.88 20.18
CA VAL C 96 4.92 28.01 19.93
C VAL C 96 4.68 28.63 18.59
N ALA C 97 4.82 29.98 18.53
CA ALA C 97 4.69 30.73 17.30
C ALA C 97 5.77 30.38 16.26
N PRO C 98 5.48 30.17 14.98
CA PRO C 98 6.47 29.67 14.04
C PRO C 98 7.42 30.76 13.59
N GLU C 99 7.11 32.07 13.74
CA GLU C 99 7.95 33.12 13.22
C GLU C 99 9.19 33.39 14.07
N GLU C 100 9.25 32.82 15.29
CA GLU C 100 10.38 32.93 16.18
C GLU C 100 11.20 31.65 16.28
N HIS C 101 10.86 30.58 15.55
CA HIS C 101 11.53 29.29 15.65
C HIS C 101 11.89 28.72 14.28
N PRO C 102 13.12 28.34 13.96
CA PRO C 102 13.43 27.65 12.70
C PRO C 102 12.87 26.24 12.65
N THR C 103 12.45 25.79 11.46
CA THR C 103 11.58 24.63 11.32
C THR C 103 12.16 23.64 10.35
N LEU C 104 12.77 22.55 10.85
CA LEU C 104 13.15 21.45 9.99
C LEU C 104 11.91 20.66 9.55
N LEU C 105 11.92 20.13 8.33
CA LEU C 105 10.86 19.32 7.78
C LEU C 105 11.49 18.10 7.15
N THR C 106 10.66 17.08 6.86
CA THR C 106 11.12 15.88 6.21
C THR C 106 10.27 15.58 5.00
N GLU C 107 10.86 14.95 3.96
CA GLU C 107 10.12 14.52 2.79
C GLU C 107 10.41 13.05 2.51
N ALA C 108 9.45 12.36 1.88
CA ALA C 108 9.58 10.98 1.47
C ALA C 108 10.63 10.78 0.37
N PRO C 109 11.30 9.65 0.23
CA PRO C 109 12.07 9.35 -0.97
C PRO C 109 11.20 9.34 -2.23
N LEU C 110 11.79 9.70 -3.39
CA LEU C 110 11.07 9.91 -4.66
C LEU C 110 9.99 10.98 -4.62
N ASN C 111 10.27 12.10 -3.93
CA ASN C 111 9.41 13.27 -3.90
C ASN C 111 9.73 14.18 -5.09
N PRO C 112 8.80 14.57 -5.97
CA PRO C 112 9.13 15.35 -7.17
C PRO C 112 9.61 16.75 -6.83
N LYS C 113 10.39 17.37 -7.74
CA LYS C 113 11.08 18.63 -7.52
C LYS C 113 10.17 19.82 -7.30
N ALA C 114 8.96 19.82 -7.90
CA ALA C 114 7.97 20.85 -7.69
C ALA C 114 7.33 20.81 -6.30
N ASN C 115 7.27 19.63 -5.68
CA ASN C 115 6.65 19.45 -4.37
C ASN C 115 7.62 19.87 -3.25
N ARG C 116 8.93 19.91 -3.58
CA ARG C 116 9.98 20.31 -2.66
C ARG C 116 10.16 21.82 -2.61
N GLU C 117 9.64 22.54 -3.63
CA GLU C 117 9.63 23.98 -3.69
C GLU C 117 8.39 24.57 -3.06
N LYS C 118 7.23 23.91 -3.22
CA LYS C 118 5.98 24.35 -2.61
C LYS C 118 5.99 24.16 -1.09
N MET C 119 6.73 23.16 -0.59
CA MET C 119 6.95 22.95 0.82
C MET C 119 7.81 24.04 1.46
N THR C 120 8.69 24.68 0.66
CA THR C 120 9.56 25.75 1.12
C THR C 120 8.87 27.09 1.01
N GLN C 121 8.05 27.31 -0.05
CA GLN C 121 7.24 28.50 -0.19
C GLN C 121 6.19 28.70 0.91
N ILE C 122 5.56 27.63 1.43
CA ILE C 122 4.56 27.74 2.49
C ILE C 122 5.18 28.15 3.81
N MET C 123 6.36 27.62 4.16
CA MET C 123 7.03 27.98 5.39
C MET C 123 7.49 29.44 5.43
N PHE C 124 7.98 29.99 4.31
CA PHE C 124 8.47 31.36 4.31
C PHE C 124 7.39 32.39 4.03
N GLU C 125 6.39 32.09 3.18
CA GLU C 125 5.36 33.08 2.85
C GLU C 125 4.13 32.99 3.74
N THR C 126 3.65 31.79 4.12
CA THR C 126 2.46 31.68 4.97
C THR C 126 2.81 31.77 6.44
N PHE C 127 3.76 30.94 6.92
CA PHE C 127 4.06 30.87 8.34
C PHE C 127 5.18 31.79 8.78
N ASN C 128 5.93 32.37 7.82
CA ASN C 128 6.97 33.35 8.05
C ASN C 128 8.09 32.85 8.96
N VAL C 129 8.59 31.62 8.73
CA VAL C 129 9.71 31.05 9.48
C VAL C 129 11.01 31.86 9.32
N PRO C 130 11.90 31.94 10.30
CA PRO C 130 13.17 32.65 10.14
C PRO C 130 14.16 31.82 9.34
N ALA C 131 14.08 30.48 9.43
CA ALA C 131 14.92 29.59 8.69
C ALA C 131 14.30 28.21 8.63
N MET C 132 14.70 27.38 7.64
CA MET C 132 14.22 26.03 7.54
C MET C 132 15.23 25.12 6.87
N TYR C 133 14.91 23.83 6.78
CA TYR C 133 15.75 22.82 6.17
C TYR C 133 14.82 21.66 5.87
N VAL C 134 15.12 20.86 4.82
CA VAL C 134 14.31 19.71 4.46
C VAL C 134 15.21 18.52 4.28
N ALA C 135 14.99 17.42 5.02
CA ALA C 135 15.81 16.24 4.91
C ALA C 135 15.03 15.05 4.38
N ILE C 136 15.72 13.94 4.06
CA ILE C 136 15.10 12.75 3.50
C ILE C 136 14.85 11.78 4.63
N GLN C 137 13.66 11.15 4.67
CA GLN C 137 13.28 10.26 5.76
C GLN C 137 14.06 8.96 5.85
N ALA C 138 14.60 8.45 4.72
CA ALA C 138 15.36 7.21 4.74
C ALA C 138 16.81 7.41 5.17
N VAL C 139 17.42 8.57 4.86
CA VAL C 139 18.81 8.84 5.17
C VAL C 139 19.01 9.06 6.66
N LEU C 140 18.09 9.77 7.33
CA LEU C 140 18.16 9.98 8.76
C LEU C 140 17.94 8.73 9.58
N SER C 141 17.23 7.72 9.02
CA SER C 141 17.10 6.42 9.64
C SER C 141 18.38 5.59 9.60
N LEU C 142 19.22 5.78 8.58
CA LEU C 142 20.44 5.00 8.39
C LEU C 142 21.58 5.60 9.19
N TYR C 143 21.63 6.94 9.27
CA TYR C 143 22.62 7.64 10.05
C TYR C 143 22.43 7.41 11.55
N ALA C 144 21.18 7.17 12.01
CA ALA C 144 20.91 6.89 13.40
C ALA C 144 20.97 5.40 13.72
N SER C 145 21.52 4.57 12.81
CA SER C 145 21.96 3.22 13.13
C SER C 145 23.46 3.09 12.94
N GLY C 146 24.19 4.23 12.82
CA GLY C 146 25.64 4.27 12.78
C GLY C 146 26.24 3.76 11.50
N ARG C 147 25.57 4.04 10.38
CA ARG C 147 25.95 3.56 9.07
C ARG C 147 25.80 4.68 8.07
N THR C 148 26.50 4.59 6.93
CA THR C 148 26.23 5.46 5.79
C THR C 148 25.94 4.67 4.53
N THR C 149 26.05 3.33 4.60
CA THR C 149 25.75 2.41 3.51
C THR C 149 24.88 1.31 4.05
N GLY C 150 23.69 1.10 3.48
CA GLY C 150 22.76 0.08 3.95
C GLY C 150 21.37 0.30 3.42
N ILE C 151 20.61 -0.77 3.16
CA ILE C 151 19.26 -0.69 2.63
C ILE C 151 18.23 -0.47 3.73
N VAL C 152 17.42 0.60 3.61
CA VAL C 152 16.53 1.05 4.67
C VAL C 152 15.09 0.67 4.38
N LEU C 153 14.56 -0.34 5.09
CA LEU C 153 13.14 -0.69 5.05
C LEU C 153 12.32 0.24 5.93
N ASP C 154 11.62 1.22 5.32
CA ASP C 154 10.85 2.21 6.05
C ASP C 154 9.36 1.93 5.86
N SER C 155 8.78 1.14 6.79
CA SER C 155 7.40 0.67 6.70
C SER C 155 6.51 1.50 7.60
N GLY C 156 5.83 2.51 7.02
CA GLY C 156 4.99 3.42 7.79
C GLY C 156 3.55 2.99 7.84
N ASP C 157 2.66 3.95 8.09
CA ASP C 157 1.24 3.71 8.08
C ASP C 157 0.68 3.52 6.67
N GLY C 158 1.01 4.41 5.71
CA GLY C 158 0.40 4.41 4.39
C GLY C 158 1.26 3.93 3.25
N VAL C 159 2.58 3.82 3.44
CA VAL C 159 3.49 3.44 2.38
C VAL C 159 4.69 2.70 2.96
N THR C 160 5.27 1.76 2.20
CA THR C 160 6.44 1.00 2.62
C THR C 160 7.52 1.14 1.59
N HIS C 161 8.67 1.73 1.96
CA HIS C 161 9.77 1.95 1.05
C HIS C 161 10.97 1.09 1.37
N ASN C 162 11.68 0.63 0.34
CA ASN C 162 13.03 0.13 0.48
C ASN C 162 13.96 1.08 -0.24
N VAL C 163 14.85 1.74 0.50
CA VAL C 163 15.76 2.73 -0.05
C VAL C 163 17.18 2.23 0.12
N PRO C 164 17.89 1.78 -0.91
CA PRO C 164 19.29 1.46 -0.80
C PRO C 164 20.11 2.72 -0.87
N ILE C 165 21.04 2.87 0.09
CA ILE C 165 21.87 4.04 0.24
C ILE C 165 23.29 3.55 0.21
N TYR C 166 24.13 4.13 -0.66
CA TYR C 166 25.54 3.80 -0.77
C TYR C 166 26.33 5.09 -0.58
N GLU C 167 27.11 5.18 0.51
CA GLU C 167 27.94 6.32 0.86
C GLU C 167 27.15 7.62 1.03
N GLY C 168 25.98 7.56 1.71
CA GLY C 168 25.20 8.76 2.03
C GLY C 168 24.35 9.32 0.93
N TYR C 169 24.12 8.57 -0.16
CA TYR C 169 23.29 8.99 -1.27
C TYR C 169 22.40 7.87 -1.77
N ALA C 170 21.06 8.06 -1.63
CA ALA C 170 20.05 7.10 -2.02
C ALA C 170 19.98 6.92 -3.54
N LEU C 171 19.97 5.66 -4.03
CA LEU C 171 20.02 5.38 -5.45
C LEU C 171 18.62 5.39 -6.09
N PRO C 172 18.19 6.39 -6.85
CA PRO C 172 16.77 6.65 -7.10
C PRO C 172 16.13 5.64 -8.02
N HIS C 173 16.87 4.97 -8.90
CA HIS C 173 16.32 3.96 -9.79
C HIS C 173 16.06 2.65 -9.09
N ALA C 174 16.66 2.44 -7.90
CA ALA C 174 16.55 1.21 -7.16
C ALA C 174 15.55 1.29 -6.01
N ILE C 175 15.04 2.49 -5.65
CA ILE C 175 14.04 2.65 -4.60
C ILE C 175 12.71 1.98 -4.94
N MET C 176 12.40 0.87 -4.24
CA MET C 176 11.13 0.19 -4.34
C MET C 176 10.09 0.85 -3.45
N ARG C 177 8.83 0.80 -3.89
CA ARG C 177 7.71 1.29 -3.12
C ARG C 177 6.61 0.26 -3.17
N LEU C 178 6.20 -0.20 -1.98
CA LEU C 178 5.11 -1.12 -1.81
C LEU C 178 3.98 -0.31 -1.19
N ASP C 179 2.72 -0.53 -1.62
CA ASP C 179 1.59 0.25 -1.15
C ASP C 179 0.86 -0.47 -0.02
N LEU C 180 1.35 -1.64 0.39
CA LEU C 180 0.92 -2.35 1.57
C LEU C 180 1.71 -1.83 2.76
N ALA C 181 1.01 -1.49 3.84
CA ALA C 181 1.58 -0.77 4.95
C ALA C 181 0.65 -0.96 6.13
N GLY C 182 0.96 -0.35 7.30
CA GLY C 182 0.26 -0.66 8.53
C GLY C 182 -1.19 -0.25 8.64
N ARG C 183 -1.67 0.64 7.77
CA ARG C 183 -3.07 1.05 7.71
C ARG C 183 -3.97 -0.02 7.16
N ASP C 184 -3.47 -0.82 6.20
CA ASP C 184 -4.19 -1.93 5.62
C ASP C 184 -4.15 -3.18 6.48
N LEU C 185 -3.31 -3.20 7.53
CA LEU C 185 -3.37 -4.23 8.54
C LEU C 185 -4.44 -3.94 9.60
N THR C 186 -4.74 -2.66 9.91
CA THR C 186 -5.88 -2.30 10.77
C THR C 186 -7.20 -2.68 10.14
N ASP C 187 -7.38 -2.36 8.85
CA ASP C 187 -8.61 -2.67 8.14
C ASP C 187 -8.73 -4.13 7.72
N TYR C 188 -7.71 -4.96 7.98
CA TYR C 188 -7.80 -6.40 7.89
C TYR C 188 -8.04 -7.03 9.26
N LEU C 189 -7.56 -6.41 10.35
CA LEU C 189 -7.83 -6.90 11.69
C LEU C 189 -9.27 -6.68 12.13
N MET C 190 -9.99 -5.71 11.54
CA MET C 190 -11.43 -5.58 11.72
C MET C 190 -12.24 -6.66 10.99
N LYS C 191 -11.63 -7.37 10.01
CA LYS C 191 -12.30 -8.46 9.32
C LYS C 191 -12.11 -9.79 10.03
N ILE C 192 -10.88 -10.11 10.48
CA ILE C 192 -10.62 -11.38 11.13
C ILE C 192 -11.04 -11.42 12.59
N LEU C 193 -11.34 -10.27 13.25
CA LEU C 193 -12.02 -10.27 14.53
C LEU C 193 -13.53 -10.23 14.40
N THR C 194 -14.05 -9.97 13.18
CA THR C 194 -15.47 -10.15 12.86
C THR C 194 -15.81 -11.62 12.70
N GLU C 195 -14.82 -12.49 12.35
CA GLU C 195 -14.98 -13.94 12.32
C GLU C 195 -15.32 -14.53 13.68
N ARG C 196 -14.66 -14.06 14.78
CA ARG C 196 -15.00 -14.46 16.13
C ARG C 196 -16.38 -13.99 16.59
N GLY C 197 -16.77 -12.76 16.18
CA GLY C 197 -18.07 -12.19 16.54
C GLY C 197 -18.00 -10.79 17.07
N TYR C 198 -16.80 -10.21 17.18
CA TYR C 198 -16.63 -8.85 17.67
C TYR C 198 -16.84 -7.86 16.53
N SER C 199 -18.08 -7.36 16.37
CA SER C 199 -18.46 -6.50 15.25
C SER C 199 -17.99 -5.06 15.36
N PHE C 200 -16.66 -4.82 15.33
CA PHE C 200 -16.07 -3.50 15.21
C PHE C 200 -16.36 -2.88 13.84
N VAL C 201 -16.95 -1.68 13.78
CA VAL C 201 -17.31 -1.08 12.51
C VAL C 201 -17.23 0.44 12.52
N THR C 202 -17.36 1.10 13.69
CA THR C 202 -17.36 2.57 13.72
C THR C 202 -15.95 3.15 13.69
N THR C 203 -15.83 4.48 13.61
CA THR C 203 -14.55 5.19 13.57
C THR C 203 -13.83 5.11 14.90
N ALA C 204 -14.55 5.24 16.03
CA ALA C 204 -14.00 5.05 17.36
C ALA C 204 -13.69 3.60 17.70
N GLU C 205 -14.30 2.63 17.00
CA GLU C 205 -13.96 1.22 17.09
C GLU C 205 -12.90 0.79 16.09
N ARG C 206 -12.31 1.73 15.33
CA ARG C 206 -11.12 1.46 14.53
C ARG C 206 -9.85 1.78 15.30
N GLU C 207 -9.88 2.85 16.13
CA GLU C 207 -8.77 3.15 17.02
C GLU C 207 -8.51 2.08 18.07
N ILE C 208 -9.57 1.41 18.56
CA ILE C 208 -9.42 0.32 19.52
C ILE C 208 -8.79 -0.91 18.86
N VAL C 209 -9.17 -1.25 17.61
CA VAL C 209 -8.54 -2.30 16.82
C VAL C 209 -7.09 -1.99 16.50
N ARG C 210 -6.76 -0.71 16.26
CA ARG C 210 -5.40 -0.27 16.07
C ARG C 210 -4.56 -0.34 17.36
N ASP C 211 -5.18 -0.34 18.55
CA ASP C 211 -4.48 -0.50 19.81
C ASP C 211 -4.38 -1.96 20.26
N ILE C 212 -5.26 -2.86 19.76
CA ILE C 212 -5.10 -4.31 19.86
C ILE C 212 -3.89 -4.75 19.04
N LYS C 213 -3.71 -4.14 17.86
CA LYS C 213 -2.63 -4.44 16.94
C LYS C 213 -1.24 -4.17 17.50
N GLU C 214 -1.05 -3.00 18.16
CA GLU C 214 0.21 -2.66 18.80
C GLU C 214 0.58 -3.63 19.93
N LYS C 215 -0.37 -3.95 20.82
CA LYS C 215 -0.07 -4.64 22.06
C LYS C 215 -0.08 -6.15 21.99
N LEU C 216 -0.76 -6.79 21.01
CA LEU C 216 -0.93 -8.22 21.03
C LEU C 216 -0.52 -8.96 19.75
N CYS C 217 -0.15 -8.27 18.66
CA CYS C 217 0.29 -8.94 17.44
C CYS C 217 1.77 -9.28 17.43
N TYR C 218 2.16 -10.34 16.70
CA TYR C 218 3.54 -10.73 16.54
C TYR C 218 3.70 -11.53 15.25
N VAL C 219 4.90 -11.58 14.66
CA VAL C 219 5.09 -12.26 13.38
C VAL C 219 5.46 -13.71 13.62
N ALA C 220 4.71 -14.67 13.03
CA ALA C 220 5.01 -16.08 13.14
C ALA C 220 6.33 -16.45 12.49
N LEU C 221 7.17 -17.27 13.15
CA LEU C 221 8.45 -17.71 12.61
C LEU C 221 8.27 -18.68 11.45
N ASP C 222 7.29 -19.59 11.57
CA ASP C 222 6.80 -20.37 10.45
C ASP C 222 5.29 -20.41 10.59
N PHE C 223 4.53 -20.01 9.54
CA PHE C 223 3.10 -19.81 9.65
C PHE C 223 2.33 -21.11 9.79
N GLU C 224 2.73 -22.17 9.08
CA GLU C 224 2.04 -23.45 9.12
C GLU C 224 2.18 -24.17 10.45
N ASN C 225 3.39 -24.17 11.06
CA ASN C 225 3.60 -24.81 12.34
C ASN C 225 3.09 -24.00 13.52
N GLU C 226 2.93 -22.67 13.37
CA GLU C 226 2.30 -21.85 14.39
C GLU C 226 0.79 -21.97 14.35
N MET C 227 0.17 -21.98 13.15
CA MET C 227 -1.26 -22.13 13.01
C MET C 227 -1.78 -23.54 13.30
N ALA C 228 -0.95 -24.59 13.09
CA ALA C 228 -1.26 -25.93 13.55
C ALA C 228 -1.12 -26.10 15.06
N THR C 229 -0.23 -25.30 15.71
CA THR C 229 -0.11 -25.25 17.17
C THR C 229 -1.22 -24.42 17.79
N ALA C 230 -1.83 -23.50 17.03
CA ALA C 230 -2.87 -22.61 17.49
C ALA C 230 -4.21 -23.29 17.75
N ALA C 231 -4.42 -24.49 17.18
CA ALA C 231 -5.62 -25.27 17.39
C ALA C 231 -5.61 -25.98 18.74
N SER C 232 -4.46 -26.60 19.11
CA SER C 232 -4.35 -27.42 20.31
C SER C 232 -3.83 -26.69 21.53
N SER C 233 -2.99 -25.65 21.38
CA SER C 233 -2.34 -24.97 22.51
C SER C 233 -3.19 -23.85 23.09
N SER C 234 -3.03 -23.60 24.41
CA SER C 234 -3.74 -22.56 25.14
C SER C 234 -2.84 -21.39 25.52
N SER C 235 -1.53 -21.44 25.20
CA SER C 235 -0.58 -20.36 25.44
C SER C 235 -0.84 -19.09 24.63
N LEU C 236 -1.26 -19.28 23.36
CA LEU C 236 -1.48 -18.25 22.37
C LEU C 236 -2.57 -17.24 22.70
N GLU C 237 -3.72 -17.71 23.22
CA GLU C 237 -4.92 -16.92 23.41
C GLU C 237 -4.81 -15.83 24.48
N LYS C 238 -4.99 -14.55 24.09
CA LYS C 238 -4.92 -13.40 24.97
C LYS C 238 -6.28 -12.76 25.22
N SER C 239 -6.34 -11.84 26.20
CA SER C 239 -7.57 -11.15 26.59
C SER C 239 -7.30 -9.67 26.66
N TYR C 240 -8.09 -8.87 25.92
CA TYR C 240 -7.98 -7.43 25.86
C TYR C 240 -9.20 -6.78 26.50
N GLU C 241 -9.04 -5.58 27.09
CA GLU C 241 -10.10 -4.89 27.80
C GLU C 241 -10.42 -3.57 27.11
N LEU C 242 -11.65 -3.42 26.62
CA LEU C 242 -12.10 -2.29 25.84
C LEU C 242 -12.30 -1.01 26.69
N PRO C 243 -12.40 0.20 26.14
CA PRO C 243 -12.66 1.42 26.90
C PRO C 243 -13.87 1.45 27.82
N ASP C 244 -14.91 0.61 27.58
CA ASP C 244 -16.06 0.48 28.45
C ASP C 244 -15.96 -0.73 29.40
N GLY C 245 -14.78 -1.36 29.50
CA GLY C 245 -14.49 -2.42 30.44
C GLY C 245 -14.89 -3.82 30.03
N GLN C 246 -15.51 -4.00 28.86
CA GLN C 246 -15.77 -5.31 28.28
C GLN C 246 -14.48 -6.03 27.89
N VAL C 247 -14.46 -7.37 27.96
CA VAL C 247 -13.27 -8.16 27.69
C VAL C 247 -13.45 -9.00 26.44
N ILE C 248 -12.68 -8.69 25.38
CA ILE C 248 -12.64 -9.46 24.14
C ILE C 248 -11.43 -10.38 24.14
N THR C 249 -11.59 -11.59 23.57
CA THR C 249 -10.57 -12.62 23.59
C THR C 249 -10.05 -12.86 22.20
N ILE C 250 -8.80 -12.49 21.92
CA ILE C 250 -8.15 -12.66 20.63
C ILE C 250 -7.34 -13.95 20.62
N GLY C 251 -7.39 -14.73 19.52
CA GLY C 251 -6.77 -16.05 19.45
C GLY C 251 -5.63 -16.10 18.48
N ASN C 252 -5.85 -16.73 17.32
CA ASN C 252 -4.85 -16.85 16.27
C ASN C 252 -4.90 -15.69 15.26
N GLU C 253 -5.55 -14.58 15.62
CA GLU C 253 -5.53 -13.35 14.85
C GLU C 253 -4.37 -12.45 15.27
N ARG C 254 -3.53 -12.93 16.21
CA ARG C 254 -2.32 -12.24 16.62
C ARG C 254 -1.21 -12.32 15.59
N PHE C 255 -1.02 -13.48 14.94
CA PHE C 255 0.03 -13.64 13.95
C PHE C 255 -0.49 -13.72 12.53
N ARG C 256 -1.81 -13.86 12.34
CA ARG C 256 -2.45 -13.86 11.03
C ARG C 256 -2.56 -12.46 10.44
N CYS C 257 -2.51 -11.42 11.28
CA CYS C 257 -2.49 -10.03 10.84
C CYS C 257 -1.14 -9.55 10.30
N PRO C 258 0.03 -9.61 10.95
CA PRO C 258 1.27 -9.07 10.36
C PRO C 258 1.88 -10.04 9.36
N GLU C 259 1.31 -11.24 9.16
CA GLU C 259 1.72 -12.15 8.12
C GLU C 259 1.23 -11.70 6.75
N THR C 260 0.30 -10.74 6.69
CA THR C 260 -0.09 -10.06 5.47
C THR C 260 1.07 -9.33 4.81
N LEU C 261 2.04 -8.81 5.60
CA LEU C 261 3.24 -8.17 5.06
C LEU C 261 4.15 -9.12 4.30
N PHE C 262 4.08 -10.43 4.59
CA PHE C 262 4.93 -11.44 3.98
C PHE C 262 4.15 -12.25 2.96
N GLN C 263 2.81 -12.23 3.02
CA GLN C 263 1.93 -12.82 2.03
C GLN C 263 0.80 -11.85 1.67
N PRO C 264 0.95 -10.92 0.72
CA PRO C 264 -0.07 -9.90 0.43
C PRO C 264 -1.31 -10.44 -0.25
N SER C 265 -1.33 -11.72 -0.63
CA SER C 265 -2.50 -12.39 -1.18
C SER C 265 -3.65 -12.54 -0.19
N PHE C 266 -3.37 -12.45 1.13
CA PHE C 266 -4.40 -12.37 2.17
C PHE C 266 -5.29 -11.14 2.05
N ILE C 267 -4.71 -9.97 1.73
CA ILE C 267 -5.46 -8.73 1.53
C ILE C 267 -5.79 -8.52 0.05
N GLY C 268 -5.52 -9.56 -0.77
CA GLY C 268 -6.03 -9.67 -2.14
C GLY C 268 -5.24 -9.00 -3.24
N MET C 269 -4.07 -8.43 -2.94
CA MET C 269 -3.22 -7.82 -3.95
C MET C 269 -2.12 -8.76 -4.42
N GLU C 270 -1.57 -8.53 -5.63
CA GLU C 270 -0.64 -9.46 -6.25
C GLU C 270 0.82 -9.10 -6.00
N SER C 271 1.05 -7.98 -5.27
CA SER C 271 2.36 -7.46 -4.94
C SER C 271 3.26 -8.40 -4.15
N ALA C 272 4.58 -8.27 -4.35
CA ALA C 272 5.58 -8.94 -3.54
C ALA C 272 5.56 -8.52 -2.07
N GLY C 273 5.86 -9.45 -1.14
CA GLY C 273 6.00 -9.14 0.29
C GLY C 273 7.22 -8.30 0.63
N ILE C 274 7.40 -7.94 1.92
CA ILE C 274 8.51 -7.09 2.32
C ILE C 274 9.84 -7.82 2.41
N HIS C 275 9.83 -9.16 2.25
CA HIS C 275 11.04 -9.94 2.11
C HIS C 275 11.43 -10.19 0.68
N GLU C 276 10.67 -9.64 -0.29
CA GLU C 276 10.97 -9.80 -1.70
C GLU C 276 11.05 -8.45 -2.40
N THR C 277 10.37 -7.39 -1.91
CA THR C 277 10.67 -6.03 -2.36
C THR C 277 11.99 -5.53 -1.81
N THR C 278 12.46 -6.09 -0.67
CA THR C 278 13.82 -5.86 -0.19
C THR C 278 14.85 -6.51 -1.08
N TYR C 279 14.62 -7.76 -1.51
CA TYR C 279 15.53 -8.49 -2.39
C TYR C 279 15.59 -7.91 -3.80
N ASN C 280 14.46 -7.46 -4.36
CA ASN C 280 14.40 -6.88 -5.69
C ASN C 280 14.83 -5.42 -5.71
N SER C 281 15.23 -4.87 -4.54
CA SER C 281 15.88 -3.59 -4.47
C SER C 281 17.40 -3.71 -4.30
N ILE C 282 17.90 -4.84 -3.77
CA ILE C 282 19.34 -5.12 -3.78
C ILE C 282 19.81 -5.58 -5.15
N MET C 283 19.00 -6.42 -5.84
CA MET C 283 19.31 -6.92 -7.18
C MET C 283 19.28 -5.84 -8.26
N LYS C 284 18.63 -4.69 -8.00
CA LYS C 284 18.52 -3.61 -8.95
C LYS C 284 19.68 -2.61 -8.81
N CYS C 285 20.49 -2.75 -7.74
CA CYS C 285 21.71 -1.96 -7.53
C CYS C 285 22.89 -2.57 -8.26
N ASP C 286 23.98 -1.81 -8.44
CA ASP C 286 25.18 -2.26 -9.12
C ASP C 286 25.86 -3.47 -8.47
N ILE C 287 26.49 -4.33 -9.29
CA ILE C 287 26.95 -5.65 -8.89
C ILE C 287 28.01 -5.66 -7.80
N ASP C 288 28.88 -4.64 -7.74
CA ASP C 288 29.94 -4.52 -6.77
C ASP C 288 29.51 -4.10 -5.36
N ILE C 289 28.31 -3.49 -5.18
CA ILE C 289 27.88 -2.96 -3.89
C ILE C 289 26.78 -3.77 -3.23
N ARG C 290 26.32 -4.90 -3.81
CA ARG C 290 25.25 -5.68 -3.23
C ARG C 290 25.62 -6.40 -1.95
N LYS C 291 26.89 -6.77 -1.76
CA LYS C 291 27.33 -7.45 -0.55
C LYS C 291 27.33 -6.55 0.68
N ASP C 292 27.52 -5.22 0.51
CA ASP C 292 27.40 -4.26 1.58
C ASP C 292 25.99 -3.68 1.69
N LEU C 293 24.98 -4.32 1.04
CA LEU C 293 23.58 -4.07 1.30
C LEU C 293 22.92 -5.28 1.91
N TYR C 294 23.32 -6.52 1.53
CA TYR C 294 22.88 -7.75 2.17
C TYR C 294 23.21 -7.81 3.66
N ALA C 295 24.38 -7.29 4.05
CA ALA C 295 24.85 -7.36 5.42
C ALA C 295 24.47 -6.12 6.24
N ASN C 296 23.65 -5.21 5.67
CA ASN C 296 23.27 -3.98 6.34
C ASN C 296 21.83 -3.59 6.02
N ASN C 297 20.87 -4.52 6.09
CA ASN C 297 19.45 -4.16 6.11
C ASN C 297 19.10 -3.45 7.40
N VAL C 298 18.57 -2.22 7.34
CA VAL C 298 18.19 -1.44 8.51
C VAL C 298 16.71 -1.18 8.41
N MET C 299 15.95 -1.37 9.50
CA MET C 299 14.52 -1.13 9.48
C MET C 299 14.12 0.12 10.23
N SER C 300 12.94 0.68 9.91
CA SER C 300 12.36 1.80 10.63
C SER C 300 10.86 1.87 10.43
N GLY C 301 10.23 2.95 10.95
CA GLY C 301 8.80 3.20 10.87
C GLY C 301 8.01 2.39 11.85
N GLY C 302 6.75 2.78 12.08
CA GLY C 302 5.88 2.15 13.07
C GLY C 302 5.53 0.70 12.84
N THR C 303 5.54 0.23 11.59
CA THR C 303 5.02 -1.09 11.23
C THR C 303 6.11 -2.15 11.26
N THR C 304 7.38 -1.78 11.56
CA THR C 304 8.45 -2.77 11.77
C THR C 304 8.66 -3.04 13.24
N MET C 305 7.77 -2.53 14.11
CA MET C 305 7.86 -2.71 15.55
C MET C 305 7.40 -4.05 16.08
N TYR C 306 6.76 -4.90 15.26
CA TYR C 306 6.31 -6.21 15.69
C TYR C 306 7.44 -7.11 16.21
N PRO C 307 7.28 -7.88 17.28
CA PRO C 307 8.32 -8.80 17.71
C PRO C 307 8.36 -10.01 16.79
N GLY C 308 9.56 -10.53 16.50
CA GLY C 308 9.73 -11.64 15.57
C GLY C 308 9.77 -11.27 14.11
N ILE C 309 9.94 -9.98 13.75
CA ILE C 309 10.02 -9.59 12.35
C ILE C 309 11.45 -9.44 11.86
N ALA C 310 12.43 -9.21 12.76
CA ALA C 310 13.84 -9.29 12.40
C ALA C 310 14.30 -10.72 12.23
N ASP C 311 13.63 -11.68 12.89
CA ASP C 311 13.91 -13.09 12.79
C ASP C 311 13.21 -13.75 11.60
N ARG C 312 12.19 -13.08 11.02
CA ARG C 312 11.48 -13.60 9.87
C ARG C 312 12.03 -13.01 8.60
N MET C 313 12.46 -11.73 8.61
CA MET C 313 13.11 -11.13 7.46
C MET C 313 14.46 -11.75 7.12
N GLN C 314 15.22 -12.19 8.14
CA GLN C 314 16.46 -12.90 7.92
C GLN C 314 16.26 -14.27 7.31
N LYS C 315 15.21 -14.99 7.71
CA LYS C 315 14.90 -16.30 7.19
C LYS C 315 14.41 -16.27 5.74
N GLU C 316 13.55 -15.30 5.39
CA GLU C 316 12.92 -15.26 4.09
C GLU C 316 13.83 -14.67 3.02
N ILE C 317 14.68 -13.67 3.35
CA ILE C 317 15.68 -13.15 2.42
C ILE C 317 16.79 -14.16 2.15
N THR C 318 17.20 -14.95 3.17
CA THR C 318 18.21 -16.00 3.02
C THR C 318 17.77 -17.11 2.10
N ALA C 319 16.46 -17.41 2.04
CA ALA C 319 15.92 -18.39 1.13
C ALA C 319 15.87 -17.93 -0.32
N LEU C 320 15.93 -16.61 -0.59
CA LEU C 320 15.97 -16.05 -1.92
C LEU C 320 17.39 -15.78 -2.38
N ALA C 321 18.19 -15.08 -1.56
CA ALA C 321 19.57 -14.73 -1.84
C ALA C 321 20.53 -15.91 -2.04
N PRO C 322 21.57 -15.81 -2.88
CA PRO C 322 22.57 -16.88 -3.04
C PRO C 322 23.31 -17.18 -1.73
N SER C 323 23.86 -18.40 -1.60
CA SER C 323 24.22 -18.99 -0.33
C SER C 323 25.50 -18.48 0.30
N THR C 324 26.37 -17.80 -0.45
CA THR C 324 27.66 -17.32 0.04
C THR C 324 27.60 -15.88 0.54
N MET C 325 26.43 -15.23 0.45
CA MET C 325 26.22 -13.88 0.93
C MET C 325 25.69 -13.86 2.36
N LYS C 326 26.18 -12.92 3.18
CA LYS C 326 25.82 -12.83 4.58
C LYS C 326 24.61 -11.92 4.75
N ILE C 327 23.44 -12.49 5.12
CA ILE C 327 22.21 -11.71 5.27
C ILE C 327 22.05 -11.30 6.70
N LYS C 328 21.99 -9.99 6.98
CA LYS C 328 21.87 -9.46 8.32
C LYS C 328 20.82 -8.37 8.37
N ILE C 329 19.86 -8.50 9.29
CA ILE C 329 18.80 -7.53 9.52
C ILE C 329 19.08 -6.82 10.83
N ILE C 330 19.21 -5.49 10.79
CA ILE C 330 19.45 -4.65 11.94
C ILE C 330 18.17 -3.94 12.32
N ALA C 331 17.65 -4.26 13.52
CA ALA C 331 16.49 -3.61 14.07
C ALA C 331 16.90 -2.87 15.34
N PRO C 332 17.01 -1.54 15.36
CA PRO C 332 17.31 -0.81 16.60
C PRO C 332 16.05 -0.73 17.45
N PRO C 333 16.11 -0.60 18.78
CA PRO C 333 14.93 -0.74 19.63
C PRO C 333 14.04 0.50 19.60
N GLU C 334 14.55 1.67 19.18
CA GLU C 334 13.79 2.91 19.07
C GLU C 334 13.51 3.28 17.62
N ARG C 335 13.37 2.27 16.74
CA ARG C 335 13.17 2.43 15.31
C ARG C 335 11.84 3.04 14.88
N LYS C 336 10.85 3.11 15.80
CA LYS C 336 9.58 3.78 15.56
C LYS C 336 9.73 5.27 15.27
N TYR C 337 10.63 5.95 15.99
CA TYR C 337 10.83 7.37 15.85
C TYR C 337 12.25 7.70 15.39
N SER C 338 12.95 6.81 14.66
CA SER C 338 14.35 7.05 14.33
C SER C 338 14.57 8.14 13.30
N VAL C 339 13.57 8.39 12.43
CA VAL C 339 13.57 9.49 11.49
C VAL C 339 13.41 10.83 12.19
N TRP C 340 12.63 10.85 13.29
CA TRP C 340 12.46 12.03 14.09
C TRP C 340 13.65 12.28 15.02
N ILE C 341 14.17 11.24 15.70
CA ILE C 341 15.29 11.36 16.63
C ILE C 341 16.55 11.79 15.91
N GLY C 342 16.76 11.30 14.67
CA GLY C 342 17.86 11.74 13.83
C GLY C 342 17.78 13.18 13.38
N GLY C 343 16.57 13.76 13.34
CA GLY C 343 16.39 15.17 13.01
C GLY C 343 16.37 16.05 14.22
N SER C 344 16.33 15.46 15.43
CA SER C 344 16.35 16.20 16.68
C SER C 344 17.76 16.33 17.21
N ILE C 345 18.63 15.34 16.96
CA ILE C 345 20.06 15.46 17.19
C ILE C 345 20.69 16.43 16.21
N LEU C 346 20.41 16.28 14.90
CA LEU C 346 21.07 17.06 13.87
C LEU C 346 20.71 18.54 13.86
N ALA C 347 19.51 18.92 14.36
CA ALA C 347 19.11 20.30 14.46
C ALA C 347 19.42 20.93 15.81
N SER C 348 19.93 20.15 16.79
CA SER C 348 20.33 20.68 18.08
C SER C 348 21.85 20.81 18.19
N LEU C 349 22.60 20.44 17.14
CA LEU C 349 24.01 20.74 16.97
C LEU C 349 24.26 22.25 16.93
N SER C 350 25.32 22.72 17.60
CA SER C 350 25.70 24.13 17.61
C SER C 350 26.44 24.56 16.35
N THR C 351 26.99 23.57 15.62
CA THR C 351 27.74 23.77 14.38
C THR C 351 26.87 23.57 13.14
N PHE C 352 25.54 23.39 13.34
CA PHE C 352 24.58 23.27 12.25
C PHE C 352 23.98 24.63 11.90
N GLN C 353 24.36 25.71 12.62
CA GLN C 353 23.69 26.99 12.56
C GLN C 353 23.87 27.77 11.25
N GLN C 354 24.88 27.42 10.44
CA GLN C 354 25.04 27.99 9.11
C GLN C 354 24.56 27.07 8.00
N MET C 355 24.10 25.84 8.33
CA MET C 355 23.54 24.92 7.34
C MET C 355 22.17 25.33 6.81
N TRP C 356 21.29 25.86 7.70
CA TRP C 356 19.93 26.29 7.41
C TRP C 356 19.75 27.22 6.20
N ILE C 357 18.55 27.24 5.62
CA ILE C 357 18.15 28.22 4.60
C ILE C 357 17.48 29.37 5.31
N THR C 358 18.12 30.54 5.39
CA THR C 358 17.54 31.73 6.01
C THR C 358 16.49 32.42 5.14
N LYS C 359 15.70 33.34 5.72
CA LYS C 359 14.67 34.07 5.00
C LYS C 359 15.25 35.04 3.97
N GLN C 360 16.45 35.59 4.24
CA GLN C 360 17.15 36.43 3.28
C GLN C 360 17.60 35.68 2.04
N GLU C 361 17.99 34.40 2.17
CA GLU C 361 18.36 33.57 1.04
C GLU C 361 17.16 33.16 0.18
N TYR C 362 15.95 33.10 0.76
CA TYR C 362 14.72 32.96 0.00
C TYR C 362 14.39 34.23 -0.78
N ASP C 363 14.65 35.42 -0.21
CA ASP C 363 14.29 36.68 -0.83
C ASP C 363 15.19 37.03 -2.02
N GLU C 364 16.38 36.40 -2.11
CA GLU C 364 17.35 36.66 -3.16
C GLU C 364 17.50 35.48 -4.13
N ALA C 365 16.69 34.41 -3.99
CA ALA C 365 16.78 33.27 -4.89
C ALA C 365 15.49 32.47 -5.05
N GLY C 366 14.36 32.90 -4.44
CA GLY C 366 13.07 32.22 -4.50
C GLY C 366 13.07 30.79 -3.99
N PRO C 367 12.11 29.95 -4.41
CA PRO C 367 12.05 28.56 -3.99
C PRO C 367 13.18 27.69 -4.51
N SER C 368 14.03 28.20 -5.43
CA SER C 368 15.10 27.45 -6.07
C SER C 368 16.27 27.13 -5.13
N ILE C 369 16.33 27.86 -3.99
CA ILE C 369 17.33 27.67 -2.95
C ILE C 369 17.34 26.28 -2.32
N VAL C 370 16.17 25.60 -2.25
CA VAL C 370 16.02 24.32 -1.57
C VAL C 370 16.84 23.19 -2.19
N HIS C 371 16.93 23.13 -3.54
CA HIS C 371 17.79 22.20 -4.23
C HIS C 371 19.27 22.38 -3.94
N ARG C 372 19.73 23.64 -3.86
CA ARG C 372 21.11 23.99 -3.61
C ARG C 372 21.62 23.63 -2.22
N LYS C 373 20.84 23.90 -1.15
CA LYS C 373 21.30 23.71 0.22
C LYS C 373 20.68 22.55 0.99
N CYS C 374 19.64 21.89 0.45
CA CYS C 374 18.98 20.75 1.09
C CYS C 374 19.02 19.56 0.14
N PHE C 375 20.21 19.26 -0.39
CA PHE C 375 20.46 18.21 -1.35
C PHE C 375 20.36 16.75 -0.79
N THR D 6 -34.81 -38.20 -3.87
CA THR D 6 -35.28 -37.17 -2.88
C THR D 6 -34.15 -36.58 -2.04
N ALA D 7 -34.20 -35.28 -1.71
CA ALA D 7 -33.14 -34.61 -0.98
C ALA D 7 -33.72 -33.46 -0.20
N LEU D 8 -33.23 -33.19 1.01
CA LEU D 8 -33.63 -32.07 1.83
C LEU D 8 -32.75 -30.88 1.55
N VAL D 9 -33.33 -29.67 1.44
CA VAL D 9 -32.57 -28.45 1.25
C VAL D 9 -32.87 -27.53 2.41
N CYS D 10 -31.94 -27.41 3.37
CA CYS D 10 -32.13 -26.63 4.58
C CYS D 10 -31.27 -25.37 4.57
N ASP D 11 -31.82 -24.24 4.10
CA ASP D 11 -31.16 -22.96 4.11
C ASP D 11 -31.01 -22.37 5.52
N ASN D 12 -29.76 -22.20 5.99
CA ASN D 12 -29.43 -21.69 7.30
C ASN D 12 -29.54 -20.17 7.40
N GLY D 13 -30.77 -19.64 7.28
CA GLY D 13 -31.07 -18.21 7.34
C GLY D 13 -30.64 -17.45 8.57
N SER D 14 -30.37 -16.14 8.40
CA SER D 14 -30.03 -15.22 9.46
C SER D 14 -31.20 -14.94 10.39
N GLY D 15 -32.44 -14.85 9.86
CA GLY D 15 -33.62 -14.72 10.70
C GLY D 15 -34.77 -15.61 10.33
N LEU D 16 -34.67 -16.43 9.28
CA LEU D 16 -35.70 -17.36 8.93
C LEU D 16 -35.08 -18.60 8.29
N VAL D 17 -35.21 -19.77 8.94
CA VAL D 17 -34.79 -21.03 8.34
C VAL D 17 -35.78 -21.45 7.28
N LYS D 18 -35.36 -21.51 6.00
CA LYS D 18 -36.17 -22.02 4.93
C LYS D 18 -35.78 -23.47 4.70
N ALA D 19 -36.76 -24.39 4.65
CA ALA D 19 -36.44 -25.78 4.44
C ALA D 19 -37.54 -26.48 3.69
N GLY D 20 -37.18 -27.40 2.80
CA GLY D 20 -38.16 -28.12 2.01
C GLY D 20 -37.50 -29.27 1.32
N PHE D 21 -38.28 -29.98 0.49
CA PHE D 21 -37.79 -31.11 -0.27
C PHE D 21 -37.40 -30.64 -1.67
N ALA D 22 -36.31 -31.17 -2.22
CA ALA D 22 -35.83 -30.79 -3.54
C ALA D 22 -36.81 -31.17 -4.65
N GLY D 23 -37.06 -30.21 -5.57
CA GLY D 23 -38.03 -30.33 -6.65
C GLY D 23 -39.29 -29.53 -6.43
N ASP D 24 -39.55 -29.04 -5.20
CA ASP D 24 -40.65 -28.13 -4.93
C ASP D 24 -40.27 -26.69 -5.27
N ASP D 25 -41.28 -25.88 -5.63
CA ASP D 25 -41.10 -24.49 -6.04
C ASP D 25 -40.88 -23.52 -4.88
N ALA D 26 -41.19 -23.93 -3.64
CA ALA D 26 -41.16 -23.05 -2.50
C ALA D 26 -40.91 -23.89 -1.24
N PRO D 27 -40.30 -23.38 -0.18
CA PRO D 27 -39.99 -24.17 0.99
C PRO D 27 -41.22 -24.56 1.79
N ARG D 28 -41.27 -25.79 2.30
CA ARG D 28 -42.32 -26.31 3.17
C ARG D 28 -42.34 -25.62 4.53
N ALA D 29 -41.16 -25.39 5.11
CA ALA D 29 -40.99 -24.85 6.44
C ALA D 29 -40.30 -23.51 6.38
N VAL D 30 -40.95 -22.45 6.89
CA VAL D 30 -40.34 -21.15 7.08
C VAL D 30 -40.62 -20.74 8.52
N PHE D 31 -39.58 -20.69 9.37
CA PHE D 31 -39.74 -20.43 10.78
C PHE D 31 -38.55 -19.64 11.35
N PRO D 32 -38.68 -18.87 12.43
CA PRO D 32 -37.56 -18.05 12.90
C PRO D 32 -36.37 -18.82 13.44
N SER D 33 -35.16 -18.23 13.34
CA SER D 33 -33.92 -18.81 13.83
C SER D 33 -33.70 -18.54 15.30
N ILE D 34 -34.67 -18.87 16.16
CA ILE D 34 -34.70 -18.52 17.57
C ILE D 34 -34.68 -19.76 18.44
N VAL D 35 -33.82 -19.78 19.47
CA VAL D 35 -33.91 -20.70 20.60
C VAL D 35 -34.19 -19.87 21.83
N GLY D 36 -35.34 -20.11 22.49
CA GLY D 36 -35.77 -19.39 23.67
C GLY D 36 -35.65 -20.24 24.90
N ARG D 37 -35.13 -19.67 25.98
CA ARG D 37 -34.97 -20.36 27.25
C ARG D 37 -35.70 -19.59 28.34
N PRO D 38 -36.32 -20.21 29.35
CA PRO D 38 -36.99 -19.49 30.42
C PRO D 38 -36.01 -18.71 31.31
N ARG D 39 -36.46 -17.55 31.82
CA ARG D 39 -35.66 -16.68 32.68
C ARG D 39 -35.19 -17.30 33.98
N HIS D 40 -36.05 -18.06 34.68
CA HIS D 40 -35.73 -18.72 35.94
C HIS D 40 -36.27 -20.17 35.99
N LYS D 50 -40.55 -27.47 29.70
CA LYS D 50 -39.42 -27.86 28.77
C LYS D 50 -38.24 -26.89 28.83
N ASP D 51 -36.99 -27.39 28.66
CA ASP D 51 -35.76 -26.65 28.90
C ASP D 51 -35.52 -25.53 27.89
N SER D 52 -35.82 -25.77 26.61
CA SER D 52 -35.62 -24.82 25.53
C SER D 52 -36.75 -24.92 24.53
N TYR D 53 -37.24 -23.78 24.04
CA TYR D 53 -38.28 -23.70 23.04
C TYR D 53 -37.68 -23.20 21.74
N VAL D 54 -38.06 -23.79 20.61
CA VAL D 54 -37.37 -23.57 19.34
C VAL D 54 -38.34 -23.02 18.31
N GLY D 55 -37.91 -22.02 17.52
CA GLY D 55 -38.67 -21.47 16.39
C GLY D 55 -39.95 -20.77 16.75
N ASP D 56 -41.11 -21.31 16.32
CA ASP D 56 -42.39 -20.67 16.53
C ASP D 56 -42.90 -20.79 17.97
N GLU D 57 -42.41 -21.78 18.75
CA GLU D 57 -42.79 -21.93 20.14
C GLU D 57 -42.25 -20.80 21.00
N ALA D 58 -40.99 -20.37 20.75
CA ALA D 58 -40.37 -19.28 21.47
C ALA D 58 -40.84 -17.90 21.01
N GLN D 59 -41.53 -17.82 19.86
CA GLN D 59 -42.17 -16.61 19.39
C GLN D 59 -43.57 -16.46 19.95
N SER D 60 -44.22 -17.60 20.29
CA SER D 60 -45.59 -17.61 20.81
C SER D 60 -45.64 -17.30 22.30
N LYS D 61 -44.76 -17.91 23.12
CA LYS D 61 -44.66 -17.64 24.54
C LYS D 61 -44.18 -16.23 24.89
N ARG D 62 -44.69 -15.66 26.02
CA ARG D 62 -44.53 -14.25 26.33
C ARG D 62 -44.28 -14.03 27.81
N GLY D 63 -43.34 -13.12 28.14
CA GLY D 63 -43.06 -12.69 29.51
C GLY D 63 -42.21 -13.61 30.34
N ILE D 64 -41.79 -14.74 29.77
CA ILE D 64 -41.08 -15.78 30.52
C ILE D 64 -39.80 -16.22 29.85
N LEU D 65 -39.61 -15.98 28.52
CA LEU D 65 -38.44 -16.42 27.80
C LEU D 65 -37.44 -15.32 27.47
N THR D 66 -36.15 -15.72 27.42
CA THR D 66 -35.04 -14.93 26.91
C THR D 66 -34.65 -15.55 25.59
N LEU D 67 -34.66 -14.76 24.49
CA LEU D 67 -34.48 -15.29 23.14
C LEU D 67 -33.05 -15.15 22.66
N LYS D 68 -32.47 -16.25 22.14
CA LYS D 68 -31.14 -16.30 21.58
C LYS D 68 -31.18 -16.73 20.13
N TYR D 69 -30.24 -16.21 19.31
CA TYR D 69 -30.12 -16.54 17.90
C TYR D 69 -28.79 -17.25 17.69
N PRO D 70 -28.69 -18.45 17.14
CA PRO D 70 -27.40 -19.06 16.84
C PRO D 70 -26.82 -18.61 15.51
N ILE D 71 -27.59 -17.97 14.61
CA ILE D 71 -27.09 -17.51 13.32
C ILE D 71 -27.34 -16.01 13.20
N GLU D 72 -27.05 -15.26 14.29
CA GLU D 72 -27.48 -13.88 14.46
C GLU D 72 -27.08 -12.89 13.38
N GLY D 74 -25.36 -14.11 10.51
CA GLY D 74 -25.13 -14.93 9.32
C GLY D 74 -24.05 -15.96 9.45
N ILE D 75 -23.25 -15.92 10.53
CA ILE D 75 -22.21 -16.88 10.82
C ILE D 75 -22.63 -17.58 12.10
N ILE D 76 -22.59 -18.93 12.14
CA ILE D 76 -23.09 -19.70 13.27
C ILE D 76 -22.24 -19.50 14.52
N THR D 77 -22.81 -18.87 15.55
CA THR D 77 -22.12 -18.50 16.78
C THR D 77 -22.11 -19.58 17.83
N ASN D 78 -23.26 -20.27 18.04
CA ASN D 78 -23.42 -21.24 19.10
C ASN D 78 -23.88 -22.58 18.52
N TRP D 79 -23.01 -23.61 18.61
CA TRP D 79 -23.29 -24.93 18.08
C TRP D 79 -24.13 -25.83 18.98
N ASP D 80 -24.35 -25.47 20.26
CA ASP D 80 -25.27 -26.20 21.11
C ASP D 80 -26.71 -25.71 20.89
N ASP D 81 -26.89 -24.48 20.39
CA ASP D 81 -28.18 -23.96 20.01
C ASP D 81 -28.52 -24.28 18.56
N MET D 82 -27.52 -24.38 17.66
CA MET D 82 -27.76 -24.70 16.28
C MET D 82 -28.21 -26.14 16.04
N GLU D 83 -27.79 -27.07 16.92
CA GLU D 83 -28.25 -28.44 16.89
C GLU D 83 -29.73 -28.57 17.21
N LYS D 84 -30.27 -27.68 18.09
CA LYS D 84 -31.67 -27.57 18.42
C LYS D 84 -32.49 -27.14 17.20
N ILE D 85 -32.08 -26.04 16.53
CA ILE D 85 -32.70 -25.52 15.31
C ILE D 85 -32.86 -26.58 14.23
N TRP D 86 -31.79 -27.35 13.93
CA TRP D 86 -31.82 -28.41 12.94
C TRP D 86 -32.60 -29.63 13.36
N HIS D 87 -32.64 -29.97 14.66
CA HIS D 87 -33.47 -31.04 15.17
C HIS D 87 -34.95 -30.70 15.06
N HIS D 88 -35.30 -29.41 15.21
CA HIS D 88 -36.64 -28.94 15.00
C HIS D 88 -37.02 -28.87 13.53
N THR D 89 -36.04 -28.70 12.61
CA THR D 89 -36.35 -28.68 11.18
C THR D 89 -36.68 -30.05 10.64
N PHE D 90 -35.89 -31.09 10.96
CA PHE D 90 -36.08 -32.40 10.36
C PHE D 90 -37.32 -33.11 10.89
N TYR D 91 -37.50 -33.13 12.22
CA TYR D 91 -38.56 -33.91 12.81
C TYR D 91 -39.88 -33.18 12.90
N ASN D 92 -39.91 -31.94 13.41
CA ASN D 92 -41.16 -31.28 13.69
C ASN D 92 -41.72 -30.44 12.54
N GLU D 93 -40.92 -30.10 11.50
CA GLU D 93 -41.38 -29.25 10.43
C GLU D 93 -41.34 -29.88 9.05
N LEU D 94 -40.20 -30.48 8.62
CA LEU D 94 -40.16 -31.28 7.41
C LEU D 94 -40.92 -32.58 7.54
N ARG D 95 -40.77 -33.24 8.72
CA ARG D 95 -41.49 -34.40 9.18
C ARG D 95 -40.92 -35.70 8.63
N VAL D 96 -39.65 -35.70 8.21
CA VAL D 96 -38.95 -36.90 7.77
C VAL D 96 -37.68 -37.13 8.55
N ALA D 97 -37.37 -38.42 8.79
CA ALA D 97 -36.15 -38.82 9.46
C ALA D 97 -34.88 -38.46 8.67
N PRO D 98 -33.82 -37.91 9.24
CA PRO D 98 -32.68 -37.42 8.48
C PRO D 98 -31.78 -38.55 8.01
N GLU D 99 -31.82 -39.74 8.61
CA GLU D 99 -30.89 -40.80 8.26
C GLU D 99 -31.23 -41.51 6.95
N GLU D 100 -32.42 -41.26 6.40
CA GLU D 100 -32.86 -41.80 5.12
C GLU D 100 -32.88 -40.78 4.00
N HIS D 101 -32.49 -39.51 4.24
CA HIS D 101 -32.56 -38.45 3.24
C HIS D 101 -31.26 -37.66 3.15
N PRO D 102 -30.61 -37.46 2.01
CA PRO D 102 -29.45 -36.59 1.91
C PRO D 102 -29.81 -35.11 2.06
N THR D 103 -28.91 -34.32 2.67
CA THR D 103 -29.26 -33.01 3.21
C THR D 103 -28.32 -31.96 2.69
N LEU D 104 -28.75 -31.16 1.70
CA LEU D 104 -27.99 -29.99 1.30
C LEU D 104 -28.13 -28.89 2.34
N LEU D 105 -27.07 -28.10 2.55
CA LEU D 105 -27.05 -26.99 3.46
C LEU D 105 -26.44 -25.81 2.75
N THR D 106 -26.60 -24.61 3.32
CA THR D 106 -26.03 -23.40 2.76
C THR D 106 -25.24 -22.66 3.82
N GLU D 107 -24.19 -21.93 3.40
CA GLU D 107 -23.40 -21.11 4.30
C GLU D 107 -23.28 -19.70 3.73
N ALA D 108 -23.12 -18.70 4.61
CA ALA D 108 -22.92 -17.32 4.24
C ALA D 108 -21.57 -17.09 3.54
N PRO D 109 -21.41 -16.11 2.65
CA PRO D 109 -20.08 -15.70 2.21
C PRO D 109 -19.19 -15.23 3.38
N LEU D 110 -17.86 -15.42 3.26
CA LEU D 110 -16.90 -15.16 4.32
C LEU D 110 -17.12 -15.99 5.60
N ASN D 111 -17.50 -17.27 5.44
CA ASN D 111 -17.63 -18.21 6.53
C ASN D 111 -16.27 -18.86 6.83
N PRO D 112 -15.69 -18.84 8.03
CA PRO D 112 -14.35 -19.37 8.28
C PRO D 112 -14.28 -20.88 8.11
N LYS D 113 -13.08 -21.41 7.82
CA LYS D 113 -12.86 -22.79 7.45
C LYS D 113 -13.18 -23.81 8.55
N ALA D 114 -13.03 -23.42 9.83
CA ALA D 114 -13.38 -24.26 10.96
C ALA D 114 -14.89 -24.41 11.14
N ASN D 115 -15.69 -23.42 10.70
CA ASN D 115 -17.13 -23.43 10.85
C ASN D 115 -17.78 -24.27 9.75
N ARG D 116 -17.04 -24.51 8.65
CA ARG D 116 -17.48 -25.31 7.52
C ARG D 116 -17.22 -26.79 7.74
N GLU D 117 -16.34 -27.14 8.71
CA GLU D 117 -16.05 -28.50 9.12
C GLU D 117 -16.96 -28.96 10.24
N LYS D 118 -17.31 -28.05 11.17
CA LYS D 118 -18.22 -28.35 12.27
C LYS D 118 -19.65 -28.53 11.79
N MET D 119 -20.03 -27.85 10.68
CA MET D 119 -21.31 -28.03 10.02
C MET D 119 -21.44 -29.38 9.34
N THR D 120 -20.31 -29.98 8.92
CA THR D 120 -20.27 -31.30 8.28
C THR D 120 -20.19 -32.40 9.31
N GLN D 121 -19.44 -32.18 10.41
CA GLN D 121 -19.40 -33.13 11.51
C GLN D 121 -20.74 -33.36 12.22
N ILE D 122 -21.60 -32.34 12.37
CA ILE D 122 -22.89 -32.49 13.03
C ILE D 122 -23.85 -33.31 12.18
N MET D 123 -23.86 -33.12 10.85
CA MET D 123 -24.73 -33.89 9.97
C MET D 123 -24.38 -35.37 9.93
N PHE D 124 -23.10 -35.75 9.94
CA PHE D 124 -22.72 -37.15 9.86
C PHE D 124 -22.66 -37.84 11.21
N GLU D 125 -22.24 -37.16 12.29
CA GLU D 125 -22.12 -37.80 13.59
C GLU D 125 -23.38 -37.70 14.44
N THR D 126 -24.08 -36.54 14.47
CA THR D 126 -25.28 -36.40 15.29
C THR D 126 -26.52 -36.90 14.56
N PHE D 127 -26.78 -36.41 13.33
CA PHE D 127 -28.02 -36.73 12.63
C PHE D 127 -27.90 -37.95 11.73
N ASN D 128 -26.67 -38.41 11.46
CA ASN D 128 -26.37 -39.61 10.70
C ASN D 128 -26.93 -39.57 9.27
N VAL D 129 -26.75 -38.45 8.55
CA VAL D 129 -27.16 -38.31 7.16
C VAL D 129 -26.44 -39.30 6.22
N PRO D 130 -27.04 -39.79 5.14
CA PRO D 130 -26.36 -40.69 4.21
C PRO D 130 -25.42 -39.91 3.30
N ALA D 131 -25.75 -38.64 2.99
CA ALA D 131 -24.91 -37.79 2.19
C ALA D 131 -25.28 -36.33 2.42
N MET D 132 -24.36 -35.40 2.11
CA MET D 132 -24.64 -33.99 2.22
C MET D 132 -23.82 -33.17 1.24
N TYR D 133 -24.05 -31.85 1.22
CA TYR D 133 -23.36 -30.93 0.36
C TYR D 133 -23.57 -29.56 0.99
N VAL D 134 -22.64 -28.62 0.81
CA VAL D 134 -22.74 -27.28 1.35
C VAL D 134 -22.46 -26.28 0.25
N ALA D 135 -23.40 -25.37 -0.05
CA ALA D 135 -23.20 -24.39 -1.09
C ALA D 135 -23.16 -22.97 -0.53
N ILE D 136 -22.81 -21.98 -1.37
CA ILE D 136 -22.68 -20.59 -0.95
C ILE D 136 -23.97 -19.87 -1.30
N GLN D 137 -24.50 -19.04 -0.39
CA GLN D 137 -25.78 -18.39 -0.58
C GLN D 137 -25.81 -17.32 -1.67
N ALA D 138 -24.67 -16.68 -1.99
CA ALA D 138 -24.62 -15.67 -3.02
C ALA D 138 -24.51 -16.24 -4.43
N VAL D 139 -23.83 -17.40 -4.59
CA VAL D 139 -23.62 -18.01 -5.89
C VAL D 139 -24.90 -18.61 -6.43
N LEU D 140 -25.72 -19.25 -5.59
CA LEU D 140 -26.99 -19.81 -6.01
C LEU D 140 -28.02 -18.76 -6.37
N SER D 141 -27.89 -17.53 -5.83
CA SER D 141 -28.72 -16.40 -6.24
C SER D 141 -28.39 -15.86 -7.62
N LEU D 142 -27.12 -15.97 -8.05
CA LEU D 142 -26.67 -15.44 -9.32
C LEU D 142 -26.94 -16.43 -10.43
N TYR D 143 -26.77 -17.73 -10.16
CA TYR D 143 -27.07 -18.77 -11.11
C TYR D 143 -28.56 -18.86 -11.42
N ALA D 144 -29.44 -18.51 -10.46
CA ALA D 144 -30.87 -18.50 -10.68
C ALA D 144 -31.38 -17.17 -11.23
N SER D 145 -30.48 -16.28 -11.69
CA SER D 145 -30.84 -15.16 -12.55
C SER D 145 -30.19 -15.30 -13.91
N GLY D 146 -29.65 -16.49 -14.24
CA GLY D 146 -29.13 -16.82 -15.56
C GLY D 146 -27.82 -16.15 -15.88
N ARG D 147 -26.95 -16.02 -14.88
CA ARG D 147 -25.69 -15.34 -14.98
C ARG D 147 -24.64 -16.13 -14.26
N THR D 148 -23.36 -15.92 -14.59
CA THR D 148 -22.25 -16.44 -13.79
C THR D 148 -21.30 -15.33 -13.38
N THR D 149 -21.54 -14.09 -13.84
CA THR D 149 -20.76 -12.91 -13.49
C THR D 149 -21.74 -11.81 -13.16
N GLY D 150 -21.64 -11.23 -11.95
CA GLY D 150 -22.55 -10.19 -11.50
C GLY D 150 -22.48 -10.00 -10.01
N ILE D 151 -22.66 -8.76 -9.52
CA ILE D 151 -22.61 -8.44 -8.11
C ILE D 151 -23.94 -8.70 -7.41
N VAL D 152 -23.93 -9.52 -6.35
CA VAL D 152 -25.14 -10.02 -5.71
C VAL D 152 -25.41 -9.30 -4.40
N LEU D 153 -26.41 -8.40 -4.38
CA LEU D 153 -26.90 -7.77 -3.16
C LEU D 153 -27.84 -8.70 -2.40
N ASP D 154 -27.36 -9.35 -1.33
CA ASP D 154 -28.13 -10.30 -0.56
C ASP D 154 -28.51 -9.69 0.78
N SER D 155 -29.68 -9.05 0.85
CA SER D 155 -30.14 -8.30 2.01
C SER D 155 -31.13 -9.12 2.81
N GLY D 156 -30.67 -9.80 3.86
CA GLY D 156 -31.52 -10.69 4.65
C GLY D 156 -32.11 -9.99 5.86
N ASP D 157 -32.49 -10.79 6.86
CA ASP D 157 -32.99 -10.27 8.11
C ASP D 157 -31.90 -9.64 8.98
N GLY D 158 -30.76 -10.34 9.18
CA GLY D 158 -29.73 -9.90 10.11
C GLY D 158 -28.46 -9.36 9.53
N VAL D 159 -28.21 -9.57 8.23
CA VAL D 159 -26.98 -9.13 7.60
C VAL D 159 -27.24 -8.81 6.12
N THR D 160 -26.48 -7.85 5.55
CA THR D 160 -26.61 -7.46 4.16
C THR D 160 -25.26 -7.58 3.50
N HIS D 161 -25.14 -8.45 2.49
CA HIS D 161 -23.88 -8.68 1.79
C HIS D 161 -23.92 -8.17 0.37
N ASN D 162 -22.80 -7.63 -0.11
CA ASN D 162 -22.55 -7.47 -1.53
C ASN D 162 -21.43 -8.38 -1.93
N VAL D 163 -21.71 -9.37 -2.78
CA VAL D 163 -20.75 -10.36 -3.20
C VAL D 163 -20.50 -10.22 -4.69
N PRO D 164 -19.38 -9.69 -5.16
CA PRO D 164 -19.07 -9.69 -6.58
C PRO D 164 -18.54 -11.04 -6.99
N ILE D 165 -19.09 -11.59 -8.07
CA ILE D 165 -18.76 -12.90 -8.56
C ILE D 165 -18.34 -12.71 -10.00
N TYR D 166 -17.15 -13.24 -10.37
CA TYR D 166 -16.65 -13.18 -11.72
C TYR D 166 -16.35 -14.61 -12.16
N GLU D 167 -17.09 -15.11 -13.17
CA GLU D 167 -16.96 -16.45 -13.73
C GLU D 167 -17.18 -17.56 -12.71
N GLY D 168 -18.21 -17.43 -11.84
CA GLY D 168 -18.58 -18.48 -10.90
C GLY D 168 -17.75 -18.59 -9.64
N TYR D 169 -16.93 -17.57 -9.33
CA TYR D 169 -16.10 -17.55 -8.13
C TYR D 169 -16.12 -16.19 -7.46
N ALA D 170 -16.67 -16.13 -6.22
CA ALA D 170 -16.78 -14.93 -5.43
C ALA D 170 -15.44 -14.39 -4.98
N LEU D 171 -15.18 -13.07 -5.17
CA LEU D 171 -13.89 -12.48 -4.88
C LEU D 171 -13.76 -12.05 -3.42
N PRO D 172 -13.04 -12.75 -2.53
CA PRO D 172 -13.24 -12.65 -1.09
C PRO D 172 -12.76 -11.34 -0.48
N HIS D 173 -11.79 -10.65 -1.12
CA HIS D 173 -11.31 -9.37 -0.62
C HIS D 173 -12.26 -8.24 -0.92
N ALA D 174 -13.19 -8.44 -1.87
CA ALA D 174 -14.12 -7.42 -2.30
C ALA D 174 -15.50 -7.55 -1.69
N ILE D 175 -15.82 -8.68 -1.01
CA ILE D 175 -17.10 -8.87 -0.34
C ILE D 175 -17.34 -7.90 0.80
N MET D 176 -18.26 -6.94 0.60
CA MET D 176 -18.70 -6.01 1.61
C MET D 176 -19.77 -6.64 2.49
N ARG D 177 -19.80 -6.23 3.76
CA ARG D 177 -20.80 -6.66 4.71
C ARG D 177 -21.29 -5.45 5.46
N LEU D 178 -22.60 -5.20 5.37
CA LEU D 178 -23.26 -4.14 6.09
C LEU D 178 -24.09 -4.83 7.16
N ASP D 179 -24.15 -4.27 8.39
CA ASP D 179 -24.84 -4.89 9.50
C ASP D 179 -26.25 -4.33 9.67
N LEU D 180 -26.65 -3.40 8.78
CA LEU D 180 -28.01 -2.92 8.65
C LEU D 180 -28.76 -3.85 7.73
N ALA D 181 -29.94 -4.29 8.15
CA ALA D 181 -30.67 -5.35 7.50
C ALA D 181 -32.11 -5.26 7.97
N GLY D 182 -33.00 -6.17 7.51
CA GLY D 182 -34.43 -6.02 7.72
C GLY D 182 -34.94 -6.14 9.13
N ARG D 183 -34.16 -6.69 10.06
CA ARG D 183 -34.50 -6.79 11.47
C ARG D 183 -34.46 -5.45 12.18
N ASP D 184 -33.52 -4.57 11.79
CA ASP D 184 -33.40 -3.24 12.32
C ASP D 184 -34.39 -2.26 11.69
N LEU D 185 -35.09 -2.65 10.61
CA LEU D 185 -36.22 -1.90 10.11
C LEU D 185 -37.51 -2.20 10.87
N THR D 186 -37.69 -3.43 11.40
CA THR D 186 -38.81 -3.74 12.30
C THR D 186 -38.73 -2.98 13.60
N ASP D 187 -37.54 -2.93 14.22
CA ASP D 187 -37.35 -2.23 15.48
C ASP D 187 -37.22 -0.72 15.32
N TYR D 188 -37.25 -0.19 14.07
CA TYR D 188 -37.42 1.22 13.80
C TYR D 188 -38.87 1.54 13.47
N LEU D 189 -39.63 0.61 12.88
CA LEU D 189 -41.05 0.80 12.61
C LEU D 189 -41.90 0.79 13.87
N MET D 190 -41.43 0.15 14.97
CA MET D 190 -42.07 0.27 16.27
C MET D 190 -41.83 1.63 16.93
N LYS D 191 -40.82 2.40 16.48
CA LYS D 191 -40.58 3.75 16.99
C LYS D 191 -41.38 4.80 16.26
N ILE D 192 -41.44 4.75 14.91
CA ILE D 192 -42.16 5.76 14.15
C ILE D 192 -43.67 5.54 14.11
N LEU D 193 -44.19 4.35 14.51
CA LEU D 193 -45.61 4.19 14.76
C LEU D 193 -45.99 4.49 16.21
N THR D 194 -44.99 4.63 17.11
CA THR D 194 -45.20 5.17 18.45
C THR D 194 -45.39 6.68 18.42
N GLU D 195 -44.87 7.38 17.38
CA GLU D 195 -45.12 8.79 17.15
C GLU D 195 -46.60 9.11 16.92
N ARG D 196 -47.32 8.27 16.13
CA ARG D 196 -48.76 8.41 15.94
C ARG D 196 -49.57 8.12 17.21
N GLY D 197 -49.13 7.13 18.01
CA GLY D 197 -49.81 6.77 19.25
C GLY D 197 -50.05 5.30 19.40
N TYR D 198 -49.66 4.47 18.42
CA TYR D 198 -49.85 3.04 18.49
C TYR D 198 -48.70 2.41 19.28
N SER D 199 -48.88 2.21 20.60
CA SER D 199 -47.83 1.73 21.50
C SER D 199 -47.55 0.24 21.41
N PHE D 200 -47.04 -0.25 20.26
CA PHE D 200 -46.53 -1.59 20.10
C PHE D 200 -45.25 -1.79 20.91
N VAL D 201 -45.20 -2.81 21.80
CA VAL D 201 -44.05 -3.01 22.65
C VAL D 201 -43.80 -4.48 22.98
N THR D 202 -44.82 -5.36 22.94
CA THR D 202 -44.61 -6.75 23.31
C THR D 202 -44.04 -7.59 22.18
N THR D 203 -43.70 -8.86 22.45
CA THR D 203 -43.13 -9.77 21.47
C THR D 203 -44.13 -10.15 20.41
N ALA D 204 -45.41 -10.40 20.79
CA ALA D 204 -46.49 -10.65 19.84
C ALA D 204 -46.93 -9.40 19.08
N GLU D 205 -46.63 -8.20 19.59
CA GLU D 205 -46.83 -6.95 18.88
C GLU D 205 -45.61 -6.52 18.06
N ARG D 206 -44.56 -7.35 17.99
CA ARG D 206 -43.47 -7.14 17.05
C ARG D 206 -43.70 -7.89 15.76
N GLU D 207 -44.32 -9.08 15.81
CA GLU D 207 -44.72 -9.81 14.62
C GLU D 207 -45.78 -9.09 13.80
N ILE D 208 -46.70 -8.36 14.45
CA ILE D 208 -47.71 -7.57 13.75
C ILE D 208 -47.09 -6.38 13.03
N VAL D 209 -46.11 -5.69 13.66
CA VAL D 209 -45.33 -4.63 13.02
C VAL D 209 -44.50 -5.14 11.85
N ARG D 210 -43.96 -6.37 11.96
CA ARG D 210 -43.26 -7.01 10.88
C ARG D 210 -44.19 -7.42 9.72
N ASP D 211 -45.50 -7.57 9.96
CA ASP D 211 -46.46 -7.85 8.90
C ASP D 211 -47.07 -6.59 8.30
N ILE D 212 -47.04 -5.44 9.01
CA ILE D 212 -47.31 -4.12 8.46
C ILE D 212 -46.23 -3.74 7.45
N LYS D 213 -44.96 -4.09 7.78
CA LYS D 213 -43.81 -3.80 6.98
C LYS D 213 -43.82 -4.48 5.61
N GLU D 214 -44.18 -5.78 5.55
CA GLU D 214 -44.31 -6.50 4.30
C GLU D 214 -45.38 -5.92 3.38
N LYS D 215 -46.58 -5.64 3.92
CA LYS D 215 -47.74 -5.34 3.11
C LYS D 215 -47.91 -3.87 2.74
N LEU D 216 -47.32 -2.91 3.48
CA LEU D 216 -47.63 -1.51 3.25
C LEU D 216 -46.42 -0.59 3.04
N CYS D 217 -45.17 -1.07 3.19
CA CYS D 217 -44.01 -0.23 2.96
C CYS D 217 -43.55 -0.21 1.51
N TYR D 218 -42.90 0.89 1.08
CA TYR D 218 -42.36 1.03 -0.26
C TYR D 218 -41.23 2.05 -0.24
N VAL D 219 -40.29 2.00 -1.20
CA VAL D 219 -39.15 2.90 -1.19
C VAL D 219 -39.48 4.16 -1.98
N ALA D 220 -39.33 5.36 -1.37
CA ALA D 220 -39.56 6.60 -2.06
C ALA D 220 -38.56 6.85 -3.20
N LEU D 221 -39.04 7.31 -4.37
CA LEU D 221 -38.17 7.59 -5.50
C LEU D 221 -37.31 8.82 -5.27
N ASP D 222 -37.88 9.86 -4.64
CA ASP D 222 -37.14 10.95 -4.07
C ASP D 222 -37.77 11.28 -2.73
N PHE D 223 -36.99 11.29 -1.64
CA PHE D 223 -37.54 11.36 -0.29
C PHE D 223 -38.13 12.72 0.03
N GLU D 224 -37.50 13.82 -0.42
CA GLU D 224 -37.97 15.16 -0.13
C GLU D 224 -39.27 15.51 -0.84
N ASN D 225 -39.44 15.12 -2.12
CA ASN D 225 -40.66 15.40 -2.84
C ASN D 225 -41.80 14.44 -2.50
N GLU D 226 -41.50 13.25 -1.96
CA GLU D 226 -42.53 12.35 -1.45
C GLU D 226 -43.01 12.78 -0.08
N MET D 227 -42.10 13.20 0.82
CA MET D 227 -42.48 13.67 2.15
C MET D 227 -43.15 15.04 2.17
N ALA D 228 -42.84 15.92 1.19
CA ALA D 228 -43.58 17.14 0.99
C ALA D 228 -44.97 16.93 0.38
N THR D 229 -45.15 15.84 -0.41
CA THR D 229 -46.45 15.42 -0.93
C THR D 229 -47.28 14.71 0.14
N ALA D 230 -46.62 14.14 1.16
CA ALA D 230 -47.26 13.40 2.23
C ALA D 230 -48.06 14.25 3.20
N ALA D 231 -47.78 15.58 3.25
CA ALA D 231 -48.50 16.51 4.08
C ALA D 231 -49.86 16.87 3.49
N SER D 232 -49.92 17.13 2.17
CA SER D 232 -51.13 17.61 1.51
C SER D 232 -51.98 16.52 0.86
N SER D 233 -51.39 15.40 0.41
CA SER D 233 -52.12 14.37 -0.32
C SER D 233 -52.76 13.33 0.59
N SER D 234 -53.90 12.76 0.14
CA SER D 234 -54.65 11.74 0.84
C SER D 234 -54.52 10.36 0.22
N SER D 235 -53.79 10.21 -0.90
CA SER D 235 -53.53 8.93 -1.56
C SER D 235 -52.66 7.98 -0.75
N LEU D 236 -51.66 8.53 -0.05
CA LEU D 236 -50.64 7.83 0.71
C LEU D 236 -51.15 7.00 1.89
N GLU D 237 -52.09 7.57 2.67
CA GLU D 237 -52.55 7.02 3.92
C GLU D 237 -53.34 5.70 3.81
N LYS D 238 -52.83 4.62 4.43
CA LYS D 238 -53.44 3.30 4.42
C LYS D 238 -54.02 2.90 5.77
N SER D 239 -54.81 1.81 5.79
CA SER D 239 -55.47 1.32 6.99
C SER D 239 -55.22 -0.17 7.12
N TYR D 240 -54.67 -0.60 8.27
CA TYR D 240 -54.35 -1.97 8.56
C TYR D 240 -55.24 -2.50 9.67
N GLU D 241 -55.56 -3.80 9.68
CA GLU D 241 -56.46 -4.41 10.64
C GLU D 241 -55.71 -5.44 11.47
N LEU D 242 -55.64 -5.22 12.80
CA LEU D 242 -54.89 -6.03 13.74
C LEU D 242 -55.55 -7.39 14.00
N PRO D 243 -54.89 -8.40 14.57
CA PRO D 243 -55.48 -9.69 14.93
C PRO D 243 -56.73 -9.68 15.79
N ASP D 244 -56.99 -8.62 16.58
CA ASP D 244 -58.21 -8.47 17.36
C ASP D 244 -59.24 -7.57 16.68
N GLY D 245 -59.04 -7.22 15.40
CA GLY D 245 -59.99 -6.49 14.57
C GLY D 245 -59.97 -4.99 14.69
N GLN D 246 -59.10 -4.42 15.55
CA GLN D 246 -58.86 -2.99 15.60
C GLN D 246 -58.18 -2.46 14.35
N VAL D 247 -58.45 -1.21 13.95
CA VAL D 247 -57.93 -0.64 12.72
C VAL D 247 -56.96 0.49 13.03
N ILE D 248 -55.67 0.29 12.70
CA ILE D 248 -54.63 1.30 12.80
C ILE D 248 -54.37 1.94 11.45
N THR D 249 -54.08 3.24 11.44
CA THR D 249 -53.93 4.01 10.22
C THR D 249 -52.49 4.47 10.08
N ILE D 250 -51.75 3.92 9.10
CA ILE D 250 -50.36 4.26 8.83
C ILE D 250 -50.29 5.32 7.74
N GLY D 251 -49.40 6.34 7.89
CA GLY D 251 -49.35 7.49 7.00
C GLY D 251 -48.08 7.52 6.21
N ASN D 252 -47.16 8.45 6.57
CA ASN D 252 -45.87 8.59 5.93
C ASN D 252 -44.78 7.74 6.56
N GLU D 253 -45.15 6.73 7.36
CA GLU D 253 -44.23 5.74 7.88
C GLU D 253 -44.09 4.56 6.94
N ARG D 254 -44.76 4.62 5.78
CA ARG D 254 -44.64 3.62 4.72
C ARG D 254 -43.32 3.72 3.96
N PHE D 255 -42.83 4.94 3.66
CA PHE D 255 -41.59 5.11 2.94
C PHE D 255 -40.45 5.62 3.81
N ARG D 256 -40.74 6.06 5.04
CA ARG D 256 -39.74 6.49 6.00
C ARG D 256 -39.00 5.33 6.65
N CYS D 257 -39.61 4.13 6.64
CA CYS D 257 -38.97 2.91 7.11
C CYS D 257 -37.94 2.30 6.15
N PRO D 258 -38.15 1.97 4.86
CA PRO D 258 -37.12 1.35 4.06
C PRO D 258 -36.14 2.38 3.50
N GLU D 259 -36.33 3.68 3.77
CA GLU D 259 -35.37 4.72 3.44
C GLU D 259 -34.18 4.71 4.40
N THR D 260 -34.29 3.99 5.53
CA THR D 260 -33.18 3.70 6.42
C THR D 260 -32.06 2.93 5.73
N LEU D 261 -32.39 2.05 4.76
CA LEU D 261 -31.39 1.33 3.98
C LEU D 261 -30.53 2.23 3.09
N PHE D 262 -31.03 3.43 2.74
CA PHE D 262 -30.34 4.35 1.86
C PHE D 262 -29.77 5.52 2.66
N GLN D 263 -30.28 5.76 3.88
CA GLN D 263 -29.75 6.73 4.82
C GLN D 263 -29.64 6.11 6.22
N PRO D 264 -28.55 5.42 6.60
CA PRO D 264 -28.46 4.72 7.88
C PRO D 264 -28.33 5.65 9.08
N SER D 265 -28.19 6.96 8.86
CA SER D 265 -28.17 7.96 9.93
C SER D 265 -29.50 8.11 10.66
N PHE D 266 -30.62 7.65 10.05
CA PHE D 266 -31.91 7.54 10.72
C PHE D 266 -31.91 6.58 11.90
N ILE D 267 -31.22 5.42 11.77
CA ILE D 267 -31.11 4.44 12.85
C ILE D 267 -29.80 4.65 13.63
N GLY D 268 -29.10 5.78 13.35
CA GLY D 268 -28.03 6.32 14.17
C GLY D 268 -26.64 5.77 13.94
N MET D 269 -26.43 4.92 12.92
CA MET D 269 -25.11 4.40 12.60
C MET D 269 -24.46 5.19 11.47
N GLU D 270 -23.11 5.14 11.37
CA GLU D 270 -22.38 5.98 10.43
C GLU D 270 -22.08 5.29 9.12
N SER D 271 -22.48 4.01 9.00
CA SER D 271 -22.28 3.16 7.83
C SER D 271 -22.86 3.69 6.53
N ALA D 272 -22.22 3.36 5.40
CA ALA D 272 -22.73 3.61 4.07
C ALA D 272 -24.04 2.86 3.78
N GLY D 273 -24.96 3.47 2.99
CA GLY D 273 -26.19 2.81 2.54
C GLY D 273 -25.97 1.69 1.54
N ILE D 274 -27.04 1.01 1.11
CA ILE D 274 -26.91 -0.12 0.19
C ILE D 274 -26.67 0.29 -1.25
N HIS D 275 -26.74 1.59 -1.56
CA HIS D 275 -26.33 2.13 -2.84
C HIS D 275 -24.89 2.62 -2.84
N GLU D 276 -24.16 2.48 -1.72
CA GLU D 276 -22.78 2.90 -1.64
C GLU D 276 -21.90 1.77 -1.16
N THR D 277 -22.41 0.78 -0.40
CA THR D 277 -21.68 -0.46 -0.18
C THR D 277 -21.67 -1.34 -1.42
N THR D 278 -22.66 -1.17 -2.32
CA THR D 278 -22.62 -1.77 -3.65
C THR D 278 -21.55 -1.16 -4.53
N TYR D 279 -21.42 0.19 -4.52
CA TYR D 279 -20.41 0.90 -5.29
C TYR D 279 -18.99 0.66 -4.80
N ASN D 280 -18.78 0.60 -3.48
CA ASN D 280 -17.47 0.38 -2.89
C ASN D 280 -17.09 -1.10 -2.90
N SER D 281 -17.94 -1.97 -3.45
CA SER D 281 -17.59 -3.36 -3.73
C SER D 281 -17.26 -3.57 -5.20
N ILE D 282 -17.76 -2.72 -6.12
CA ILE D 282 -17.32 -2.75 -7.52
C ILE D 282 -15.97 -2.07 -7.69
N MET D 283 -15.71 -0.97 -6.95
CA MET D 283 -14.46 -0.25 -7.00
C MET D 283 -13.29 -0.99 -6.37
N LYS D 284 -13.56 -2.02 -5.54
CA LYS D 284 -12.54 -2.81 -4.89
C LYS D 284 -12.14 -4.03 -5.73
N CYS D 285 -12.88 -4.31 -6.82
CA CYS D 285 -12.55 -5.35 -7.79
C CYS D 285 -11.57 -4.83 -8.83
N ASP D 286 -10.93 -5.74 -9.59
CA ASP D 286 -9.96 -5.39 -10.61
C ASP D 286 -10.52 -4.53 -11.74
N ILE D 287 -9.69 -3.65 -12.32
CA ILE D 287 -10.12 -2.58 -13.21
C ILE D 287 -10.78 -3.04 -14.50
N ASP D 288 -10.39 -4.20 -15.05
CA ASP D 288 -10.92 -4.75 -16.27
C ASP D 288 -12.30 -5.39 -16.16
N ILE D 289 -12.76 -5.78 -14.94
CA ILE D 289 -14.02 -6.50 -14.78
C ILE D 289 -15.14 -5.66 -14.18
N ARG D 290 -14.93 -4.36 -13.88
CA ARG D 290 -15.95 -3.54 -13.26
C ARG D 290 -17.13 -3.22 -14.16
N LYS D 291 -16.94 -3.16 -15.49
CA LYS D 291 -18.02 -2.89 -16.41
C LYS D 291 -19.03 -4.04 -16.53
N ASP D 292 -18.59 -5.29 -16.30
CA ASP D 292 -19.48 -6.44 -16.25
C ASP D 292 -19.96 -6.72 -14.82
N LEU D 293 -19.80 -5.77 -13.88
CA LEU D 293 -20.46 -5.79 -12.60
C LEU D 293 -21.45 -4.64 -12.48
N TYR D 294 -21.15 -3.45 -13.08
CA TYR D 294 -22.09 -2.35 -13.18
C TYR D 294 -23.37 -2.70 -13.92
N ALA D 295 -23.26 -3.52 -14.98
CA ALA D 295 -24.38 -3.88 -15.81
C ALA D 295 -25.08 -5.16 -15.36
N ASN D 296 -24.68 -5.74 -14.22
CA ASN D 296 -25.23 -7.00 -13.72
C ASN D 296 -25.35 -7.00 -12.21
N ASN D 297 -25.89 -5.93 -11.58
CA ASN D 297 -26.33 -5.99 -10.19
C ASN D 297 -27.53 -6.91 -10.05
N VAL D 298 -27.46 -7.96 -9.23
CA VAL D 298 -28.55 -8.89 -9.00
C VAL D 298 -28.91 -8.82 -7.53
N MET D 299 -30.21 -8.73 -7.20
CA MET D 299 -30.62 -8.66 -5.81
C MET D 299 -31.27 -9.96 -5.32
N SER D 300 -31.26 -10.18 -3.99
CA SER D 300 -31.95 -11.28 -3.36
C SER D 300 -32.26 -11.01 -1.91
N GLY D 301 -32.78 -12.03 -1.20
CA GLY D 301 -33.14 -11.96 0.21
C GLY D 301 -34.44 -11.25 0.45
N GLY D 302 -35.01 -11.43 1.65
CA GLY D 302 -36.33 -10.89 1.98
C GLY D 302 -36.46 -9.39 1.99
N THR D 303 -35.37 -8.64 2.22
CA THR D 303 -35.41 -7.21 2.45
C THR D 303 -35.24 -6.42 1.16
N THR D 304 -35.04 -7.10 0.00
CA THR D 304 -35.03 -6.42 -1.31
C THR D 304 -36.38 -6.55 -1.99
N MET D 305 -37.41 -7.05 -1.29
CA MET D 305 -38.73 -7.25 -1.82
C MET D 305 -39.59 -5.99 -1.91
N TYR D 306 -39.18 -4.87 -1.31
CA TYR D 306 -39.93 -3.63 -1.37
C TYR D 306 -40.19 -3.12 -2.80
N PRO D 307 -41.35 -2.61 -3.15
CA PRO D 307 -41.55 -2.04 -4.48
C PRO D 307 -40.87 -0.69 -4.57
N GLY D 308 -40.28 -0.37 -5.74
CA GLY D 308 -39.54 0.86 -5.92
C GLY D 308 -38.11 0.85 -5.45
N ILE D 309 -37.52 -0.33 -5.16
CA ILE D 309 -36.13 -0.38 -4.73
C ILE D 309 -35.17 -0.70 -5.87
N ALA D 310 -35.64 -1.34 -6.96
CA ALA D 310 -34.85 -1.45 -8.17
C ALA D 310 -34.77 -0.14 -8.94
N ASP D 311 -35.75 0.74 -8.76
CA ASP D 311 -35.79 2.06 -9.37
C ASP D 311 -35.02 3.10 -8.55
N ARG D 312 -34.72 2.81 -7.27
CA ARG D 312 -33.97 3.72 -6.42
C ARG D 312 -32.50 3.34 -6.41
N MET D 313 -32.17 2.03 -6.47
CA MET D 313 -30.79 1.59 -6.58
C MET D 313 -30.13 2.00 -7.89
N GLN D 314 -30.89 2.03 -9.00
CA GLN D 314 -30.38 2.50 -10.27
C GLN D 314 -30.10 3.99 -10.28
N LYS D 315 -30.93 4.79 -9.61
CA LYS D 315 -30.76 6.23 -9.52
C LYS D 315 -29.57 6.63 -8.65
N GLU D 316 -29.38 5.96 -7.51
CA GLU D 316 -28.37 6.36 -6.55
C GLU D 316 -26.98 5.87 -6.92
N ILE D 317 -26.86 4.66 -7.53
CA ILE D 317 -25.56 4.18 -8.04
C ILE D 317 -25.11 4.98 -9.26
N THR D 318 -26.05 5.41 -10.14
CA THR D 318 -25.74 6.24 -11.31
C THR D 318 -25.20 7.60 -10.93
N ALA D 319 -25.63 8.16 -9.78
CA ALA D 319 -25.12 9.42 -9.29
C ALA D 319 -23.71 9.33 -8.70
N LEU D 320 -23.25 8.11 -8.33
CA LEU D 320 -21.90 7.90 -7.85
C LEU D 320 -20.95 7.46 -8.95
N ALA D 321 -21.34 6.45 -9.74
CA ALA D 321 -20.57 5.89 -10.83
C ALA D 321 -20.24 6.88 -11.97
N PRO D 322 -19.10 6.77 -12.66
CA PRO D 322 -18.79 7.61 -13.83
C PRO D 322 -19.80 7.45 -14.95
N SER D 323 -19.93 8.47 -15.82
CA SER D 323 -21.09 8.66 -16.68
C SER D 323 -21.17 7.77 -17.90
N THR D 324 -20.06 7.12 -18.30
CA THR D 324 -20.02 6.28 -19.50
C THR D 324 -20.28 4.82 -19.22
N MET D 325 -20.49 4.46 -17.94
CA MET D 325 -20.79 3.10 -17.52
C MET D 325 -22.29 2.86 -17.44
N LYS D 326 -22.73 1.66 -17.86
CA LYS D 326 -24.15 1.33 -17.92
C LYS D 326 -24.56 0.66 -16.61
N ILE D 327 -25.38 1.36 -15.78
CA ILE D 327 -25.81 0.84 -14.50
C ILE D 327 -27.14 0.13 -14.64
N LYS D 328 -27.19 -1.17 -14.33
CA LYS D 328 -28.40 -1.95 -14.46
C LYS D 328 -28.63 -2.79 -13.21
N ILE D 329 -29.83 -2.69 -12.63
CA ILE D 329 -30.24 -3.46 -11.46
C ILE D 329 -31.25 -4.49 -11.90
N ILE D 330 -30.96 -5.77 -11.65
CA ILE D 330 -31.82 -6.88 -11.99
C ILE D 330 -32.50 -7.39 -10.73
N ALA D 331 -33.83 -7.27 -10.68
CA ALA D 331 -34.63 -7.77 -9.60
C ALA D 331 -35.55 -8.87 -10.13
N PRO D 332 -35.33 -10.15 -9.88
CA PRO D 332 -36.25 -11.19 -10.33
C PRO D 332 -37.46 -11.22 -9.40
N PRO D 333 -38.65 -11.66 -9.78
CA PRO D 333 -39.86 -11.50 -8.98
C PRO D 333 -39.93 -12.49 -7.83
N GLU D 334 -39.18 -13.60 -7.86
CA GLU D 334 -39.14 -14.61 -6.81
C GLU D 334 -37.83 -14.56 -6.02
N ARG D 335 -37.21 -13.37 -5.92
CA ARG D 335 -35.93 -13.15 -5.29
C ARG D 335 -35.88 -13.36 -3.78
N LYS D 336 -37.05 -13.44 -3.10
CA LYS D 336 -37.15 -13.77 -1.69
C LYS D 336 -36.59 -15.14 -1.35
N TYR D 337 -36.86 -16.14 -2.21
CA TYR D 337 -36.43 -17.50 -1.98
C TYR D 337 -35.49 -17.99 -3.06
N SER D 338 -34.71 -17.11 -3.74
CA SER D 338 -33.89 -17.55 -4.87
C SER D 338 -32.69 -18.39 -4.48
N VAL D 339 -32.19 -18.21 -3.25
CA VAL D 339 -31.13 -19.05 -2.69
C VAL D 339 -31.62 -20.45 -2.38
N TRP D 340 -32.91 -20.58 -1.98
CA TRP D 340 -33.52 -21.86 -1.73
C TRP D 340 -33.94 -22.54 -3.02
N ILE D 341 -34.57 -21.81 -3.98
CA ILE D 341 -35.05 -22.37 -5.25
C ILE D 341 -33.88 -22.87 -6.08
N GLY D 342 -32.74 -22.16 -6.06
CA GLY D 342 -31.52 -22.60 -6.71
C GLY D 342 -30.90 -23.85 -6.13
N GLY D 343 -31.18 -24.15 -4.85
CA GLY D 343 -30.71 -25.37 -4.22
C GLY D 343 -31.71 -26.49 -4.31
N SER D 344 -32.94 -26.21 -4.77
CA SER D 344 -33.97 -27.21 -4.96
C SER D 344 -33.97 -27.74 -6.37
N ILE D 345 -33.60 -26.91 -7.36
CA ILE D 345 -33.32 -27.37 -8.71
C ILE D 345 -32.05 -28.19 -8.75
N LEU D 346 -30.95 -27.68 -8.16
CA LEU D 346 -29.65 -28.32 -8.27
C LEU D 346 -29.52 -29.65 -7.53
N ALA D 347 -30.33 -29.88 -6.48
CA ALA D 347 -30.34 -31.14 -5.77
C ALA D 347 -31.40 -32.12 -6.28
N SER D 348 -32.25 -31.71 -7.23
CA SER D 348 -33.24 -32.59 -7.84
C SER D 348 -32.82 -33.06 -9.22
N LEU D 349 -31.65 -32.60 -9.72
CA LEU D 349 -30.98 -33.13 -10.88
C LEU D 349 -30.61 -34.62 -10.71
N SER D 350 -30.81 -35.43 -11.75
CA SER D 350 -30.47 -36.85 -11.72
C SER D 350 -28.99 -37.10 -11.94
N THR D 351 -28.27 -36.11 -12.49
CA THR D 351 -26.84 -36.16 -12.78
C THR D 351 -26.01 -35.51 -11.68
N PHE D 352 -26.66 -35.12 -10.55
CA PHE D 352 -25.99 -34.56 -9.40
C PHE D 352 -25.65 -35.64 -8.38
N GLN D 353 -26.03 -36.91 -8.65
CA GLN D 353 -26.00 -37.98 -7.68
C GLN D 353 -24.60 -38.45 -7.26
N GLN D 354 -23.56 -38.14 -8.05
CA GLN D 354 -22.18 -38.40 -7.67
C GLN D 354 -21.46 -37.16 -7.16
N MET D 355 -22.10 -35.98 -7.14
CA MET D 355 -21.52 -34.77 -6.60
C MET D 355 -21.42 -34.76 -5.08
N TRP D 356 -22.46 -35.29 -4.38
CA TRP D 356 -22.57 -35.35 -2.93
C TRP D 356 -21.36 -35.92 -2.18
N ILE D 357 -21.22 -35.57 -0.89
CA ILE D 357 -20.25 -36.17 0.02
C ILE D 357 -20.96 -37.30 0.75
N THR D 358 -20.63 -38.56 0.45
CA THR D 358 -21.22 -39.72 1.12
C THR D 358 -20.65 -39.97 2.51
N LYS D 359 -21.30 -40.81 3.33
CA LYS D 359 -20.86 -41.13 4.67
C LYS D 359 -19.56 -41.93 4.68
N GLN D 360 -19.32 -42.76 3.64
CA GLN D 360 -18.07 -43.48 3.50
C GLN D 360 -16.87 -42.56 3.24
N GLU D 361 -17.06 -41.46 2.51
CA GLU D 361 -16.03 -40.47 2.26
C GLU D 361 -15.69 -39.65 3.51
N TYR D 362 -16.65 -39.48 4.44
CA TYR D 362 -16.37 -38.92 5.76
C TYR D 362 -15.56 -39.89 6.63
N ASP D 363 -15.82 -41.21 6.52
CA ASP D 363 -15.16 -42.19 7.37
C ASP D 363 -13.70 -42.42 6.98
N GLU D 364 -13.31 -42.05 5.75
CA GLU D 364 -11.97 -42.23 5.22
C GLU D 364 -11.21 -40.91 5.04
N ALA D 365 -11.78 -39.77 5.46
CA ALA D 365 -11.10 -38.49 5.33
C ALA D 365 -11.50 -37.42 6.35
N GLY D 366 -12.38 -37.75 7.33
CA GLY D 366 -12.85 -36.84 8.37
C GLY D 366 -13.56 -35.59 7.84
N PRO D 367 -13.62 -34.50 8.62
CA PRO D 367 -14.25 -33.26 8.19
C PRO D 367 -13.52 -32.55 7.06
N SER D 368 -12.31 -32.99 6.67
CA SER D 368 -11.47 -32.34 5.68
C SER D 368 -12.00 -32.49 4.25
N ILE D 369 -12.93 -33.45 4.06
CA ILE D 369 -13.60 -33.73 2.79
C ILE D 369 -14.39 -32.55 2.24
N VAL D 370 -14.96 -31.68 3.11
CA VAL D 370 -15.84 -30.60 2.71
C VAL D 370 -15.17 -29.54 1.85
N HIS D 371 -13.90 -29.19 2.13
CA HIS D 371 -13.11 -28.31 1.28
C HIS D 371 -12.85 -28.85 -0.12
N ARG D 372 -12.59 -30.16 -0.23
CA ARG D 372 -12.30 -30.83 -1.48
C ARG D 372 -13.48 -30.91 -2.44
N LYS D 373 -14.69 -31.27 -1.95
CA LYS D 373 -15.84 -31.50 -2.82
C LYS D 373 -16.94 -30.45 -2.77
N CYS D 374 -16.89 -29.48 -1.83
CA CYS D 374 -17.89 -28.42 -1.72
C CYS D 374 -17.18 -27.08 -1.80
N PHE D 375 -16.34 -26.90 -2.83
CA PHE D 375 -15.52 -25.72 -3.05
C PHE D 375 -16.31 -24.45 -3.50
N THR E 6 -40.51 39.66 33.61
CA THR E 6 -41.44 38.53 34.03
C THR E 6 -41.75 37.54 32.90
N ALA E 7 -41.86 36.24 33.19
CA ALA E 7 -42.09 35.22 32.19
C ALA E 7 -42.82 34.06 32.81
N LEU E 8 -43.74 33.43 32.08
CA LEU E 8 -44.46 32.25 32.51
C LEU E 8 -43.72 31.00 32.10
N VAL E 9 -43.62 30.00 32.98
CA VAL E 9 -42.99 28.73 32.67
C VAL E 9 -44.02 27.63 32.86
N CYS E 10 -44.59 27.11 31.76
CA CYS E 10 -45.65 26.13 31.78
C CYS E 10 -45.15 24.76 31.33
N ASP E 11 -44.73 23.90 32.28
CA ASP E 11 -44.31 22.55 32.01
C ASP E 11 -45.49 21.64 31.61
N ASN E 12 -45.47 21.11 30.38
CA ASN E 12 -46.50 20.25 29.84
C ASN E 12 -46.40 18.81 30.31
N GLY E 13 -46.61 18.56 31.62
CA GLY E 13 -46.53 17.27 32.26
C GLY E 13 -47.42 16.17 31.71
N SER E 14 -46.96 14.90 31.86
CA SER E 14 -47.70 13.71 31.49
C SER E 14 -48.91 13.46 32.37
N GLY E 15 -48.81 13.75 33.69
CA GLY E 15 -49.96 13.66 34.57
C GLY E 15 -50.15 14.83 35.50
N LEU E 16 -49.26 15.83 35.49
CA LEU E 16 -49.42 17.02 36.30
C LEU E 16 -48.82 18.22 35.58
N VAL E 17 -49.65 19.20 35.19
CA VAL E 17 -49.16 20.46 34.65
C VAL E 17 -48.57 21.30 35.76
N LYS E 18 -47.25 21.58 35.71
CA LYS E 18 -46.60 22.48 36.64
C LYS E 18 -46.49 23.84 35.95
N ALA E 19 -46.91 24.92 36.63
CA ALA E 19 -46.83 26.23 36.02
C ALA E 19 -46.61 27.28 37.07
N GLY E 20 -45.80 28.30 36.75
CA GLY E 20 -45.50 29.36 37.68
C GLY E 20 -44.83 30.49 36.97
N PHE E 21 -44.44 31.51 37.73
CA PHE E 21 -43.74 32.66 37.20
C PHE E 21 -42.25 32.47 37.37
N ALA E 22 -41.45 32.88 36.38
CA ALA E 22 -40.01 32.73 36.42
C ALA E 22 -39.35 33.53 37.54
N GLY E 23 -38.44 32.89 38.28
CA GLY E 23 -37.77 33.46 39.45
C GLY E 23 -38.28 32.90 40.76
N ASP E 24 -39.42 32.21 40.78
CA ASP E 24 -39.90 31.49 41.95
C ASP E 24 -39.22 30.13 42.08
N ASP E 25 -39.10 29.64 43.33
CA ASP E 25 -38.44 28.39 43.65
C ASP E 25 -39.29 27.15 43.37
N ALA E 26 -40.62 27.31 43.20
CA ALA E 26 -41.53 26.20 43.08
C ALA E 26 -42.74 26.66 42.26
N PRO E 27 -43.44 25.80 41.54
CA PRO E 27 -44.55 26.22 40.71
C PRO E 27 -45.77 26.64 41.51
N ARG E 28 -46.45 27.70 41.08
CA ARG E 28 -47.68 28.19 41.66
C ARG E 28 -48.86 27.24 41.48
N ALA E 29 -48.96 26.64 40.29
CA ALA E 29 -50.06 25.80 39.89
C ALA E 29 -49.56 24.39 39.64
N VAL E 30 -50.09 23.40 40.36
CA VAL E 30 -49.85 21.98 40.09
C VAL E 30 -51.21 21.32 40.04
N PHE E 31 -51.65 20.86 38.85
CA PHE E 31 -52.98 20.31 38.68
C PHE E 31 -52.99 19.20 37.62
N PRO E 32 -53.90 18.23 37.63
CA PRO E 32 -53.84 17.11 36.68
C PRO E 32 -54.08 17.48 35.23
N SER E 33 -53.49 16.70 34.31
CA SER E 33 -53.62 16.90 32.87
C SER E 33 -54.87 16.24 32.32
N ILE E 34 -56.04 16.56 32.89
CA ILE E 34 -57.31 15.89 32.60
C ILE E 34 -58.30 16.88 32.00
N VAL E 35 -58.98 16.47 30.91
CA VAL E 35 -60.20 17.11 30.43
C VAL E 35 -61.31 16.09 30.56
N GLY E 36 -62.34 16.39 31.36
CA GLY E 36 -63.47 15.51 31.61
C GLY E 36 -64.70 16.01 30.93
N ARG E 37 -65.45 15.11 30.29
CA ARG E 37 -66.68 15.44 29.60
C ARG E 37 -67.82 14.60 30.16
N PRO E 38 -69.06 15.07 30.28
CA PRO E 38 -70.16 14.27 30.77
C PRO E 38 -70.54 13.14 29.83
N ARG E 39 -70.99 11.99 30.41
CA ARG E 39 -71.37 10.80 29.66
C ARG E 39 -72.54 11.00 28.67
N HIS E 40 -73.59 11.73 29.08
CA HIS E 40 -74.75 12.00 28.25
C HIS E 40 -75.21 13.49 28.34
N LYS E 50 -71.95 22.75 32.14
CA LYS E 50 -70.77 23.11 31.27
C LYS E 50 -70.27 21.94 30.42
N ASP E 51 -69.77 22.21 29.18
CA ASP E 51 -69.48 21.20 28.18
C ASP E 51 -68.28 20.31 28.55
N SER E 52 -67.22 20.91 29.13
CA SER E 52 -66.01 20.21 29.50
C SER E 52 -65.47 20.78 30.79
N TYR E 53 -65.00 19.90 31.70
CA TYR E 53 -64.40 20.26 32.96
C TYR E 53 -62.92 19.97 32.91
N VAL E 54 -62.08 20.88 33.44
CA VAL E 54 -60.64 20.83 33.21
C VAL E 54 -59.91 20.74 34.55
N GLY E 55 -58.89 19.88 34.64
CA GLY E 55 -58.00 19.78 35.80
C GLY E 55 -58.65 19.28 37.08
N ASP E 56 -58.72 20.13 38.12
CA ASP E 56 -59.24 19.74 39.40
C ASP E 56 -60.77 19.61 39.43
N GLU E 57 -61.48 20.27 38.50
CA GLU E 57 -62.92 20.17 38.41
C GLU E 57 -63.37 18.78 37.97
N ALA E 58 -62.65 18.18 37.00
CA ALA E 58 -62.95 16.85 36.52
C ALA E 58 -62.45 15.74 37.44
N GLN E 59 -61.61 16.07 38.42
CA GLN E 59 -61.19 15.15 39.46
C GLN E 59 -62.17 15.17 40.64
N SER E 60 -62.87 16.31 40.84
CA SER E 60 -63.81 16.47 41.94
C SER E 60 -65.16 15.83 41.65
N LYS E 61 -65.72 16.05 40.44
CA LYS E 61 -66.98 15.43 40.02
C LYS E 61 -66.91 13.92 39.84
N ARG E 62 -68.03 13.21 40.13
CA ARG E 62 -68.05 11.77 40.28
C ARG E 62 -69.31 11.16 39.69
N GLY E 63 -69.17 10.04 38.96
CA GLY E 63 -70.27 9.24 38.44
C GLY E 63 -70.91 9.74 37.17
N ILE E 64 -70.42 10.88 36.64
CA ILE E 64 -71.04 11.55 35.50
C ILE E 64 -70.05 11.88 34.40
N LEU E 65 -68.73 11.90 34.67
CA LEU E 65 -67.73 12.26 33.68
C LEU E 65 -66.92 11.09 33.14
N THR E 66 -66.49 11.23 31.86
CA THR E 66 -65.53 10.37 31.20
C THR E 66 -64.27 11.19 31.05
N LEU E 67 -63.13 10.70 31.58
CA LEU E 67 -61.91 11.48 31.67
C LEU E 67 -60.95 11.17 30.52
N LYS E 68 -60.45 12.22 29.84
CA LYS E 68 -59.49 12.12 28.76
C LYS E 68 -58.23 12.89 29.11
N TYR E 69 -57.07 12.40 28.61
CA TYR E 69 -55.77 13.01 28.81
C TYR E 69 -55.24 13.47 27.46
N PRO E 70 -54.89 14.72 27.21
CA PRO E 70 -54.27 15.10 25.94
C PRO E 70 -52.77 14.88 25.91
N ILE E 71 -52.10 14.63 27.04
CA ILE E 71 -50.66 14.40 27.08
C ILE E 71 -50.40 13.05 27.73
N GLU E 72 -51.19 12.02 27.36
CA GLU E 72 -51.28 10.75 28.07
C GLU E 72 -49.98 9.98 28.26
N GLY E 74 -46.94 11.46 27.18
CA GLY E 74 -45.88 12.48 27.10
C GLY E 74 -45.80 13.21 25.78
N ILE E 75 -46.53 12.75 24.76
CA ILE E 75 -46.60 13.40 23.46
C ILE E 75 -48.04 13.85 23.30
N ILE E 76 -48.28 15.12 22.88
CA ILE E 76 -49.62 15.68 22.82
C ILE E 76 -50.46 15.03 21.74
N THR E 77 -51.53 14.32 22.14
CA THR E 77 -52.37 13.53 21.25
C THR E 77 -53.52 14.32 20.65
N ASN E 78 -54.21 15.15 21.47
CA ASN E 78 -55.39 15.86 21.05
C ASN E 78 -55.22 17.36 21.28
N TRP E 79 -55.17 18.14 20.19
CA TRP E 79 -54.99 19.58 20.24
C TRP E 79 -56.24 20.39 20.51
N ASP E 80 -57.45 19.79 20.45
CA ASP E 80 -58.66 20.48 20.87
C ASP E 80 -58.87 20.36 22.38
N ASP E 81 -58.26 19.34 23.03
CA ASP E 81 -58.26 19.19 24.46
C ASP E 81 -57.07 19.91 25.09
N MET E 82 -55.92 20.00 24.40
CA MET E 82 -54.76 20.68 24.94
C MET E 82 -54.92 22.20 25.04
N GLU E 83 -55.74 22.79 24.16
CA GLU E 83 -56.09 24.19 24.21
C GLU E 83 -56.90 24.54 25.46
N LYS E 84 -57.75 23.60 25.93
CA LYS E 84 -58.51 23.70 27.17
C LYS E 84 -57.58 23.74 28.38
N ILE E 85 -56.65 22.76 28.48
CA ILE E 85 -55.65 22.68 29.54
C ILE E 85 -54.86 23.97 29.71
N TRP E 86 -54.34 24.56 28.61
CA TRP E 86 -53.59 25.79 28.65
C TRP E 86 -54.44 27.04 28.92
N HIS E 87 -55.71 27.05 28.49
CA HIS E 87 -56.65 28.11 28.83
C HIS E 87 -56.98 28.13 30.32
N HIS E 88 -57.03 26.93 30.94
CA HIS E 88 -57.21 26.80 32.36
C HIS E 88 -55.96 27.16 33.14
N THR E 89 -54.75 27.02 32.56
CA THR E 89 -53.52 27.38 33.25
C THR E 89 -53.34 28.88 33.35
N PHE E 90 -53.55 29.63 32.25
CA PHE E 90 -53.25 31.06 32.25
C PHE E 90 -54.27 31.86 33.05
N TYR E 91 -55.57 31.61 32.82
CA TYR E 91 -56.60 32.43 33.42
C TYR E 91 -57.00 31.98 34.82
N ASN E 92 -57.29 30.68 35.02
CA ASN E 92 -57.87 30.24 36.27
C ASN E 92 -56.85 29.82 37.34
N GLU E 93 -55.57 29.58 36.98
CA GLU E 93 -54.58 29.11 37.95
C GLU E 93 -53.40 30.03 38.12
N LEU E 94 -52.71 30.47 37.05
CA LEU E 94 -51.70 31.51 37.14
C LEU E 94 -52.29 32.87 37.46
N ARG E 95 -53.43 33.19 36.81
CA ARG E 95 -54.28 34.34 37.04
C ARG E 95 -53.78 35.58 36.33
N VAL E 96 -52.97 35.42 35.27
CA VAL E 96 -52.51 36.52 34.44
C VAL E 96 -52.85 36.31 32.99
N ALA E 97 -53.17 37.41 32.28
CA ALA E 97 -53.45 37.40 30.87
C ALA E 97 -52.23 36.98 30.02
N PRO E 98 -52.33 36.11 29.02
CA PRO E 98 -51.16 35.59 28.33
C PRO E 98 -50.61 36.59 27.33
N GLU E 99 -51.36 37.61 26.87
CA GLU E 99 -50.89 38.50 25.84
C GLU E 99 -49.90 39.54 26.33
N GLU E 100 -49.74 39.68 27.66
CA GLU E 100 -48.79 40.59 28.29
C GLU E 100 -47.59 39.88 28.91
N HIS E 101 -47.49 38.53 28.80
CA HIS E 101 -46.42 37.78 29.43
C HIS E 101 -45.78 36.78 28.47
N PRO E 102 -44.47 36.72 28.26
CA PRO E 102 -43.85 35.68 27.44
C PRO E 102 -43.88 34.32 28.12
N THR E 103 -44.02 33.24 27.33
CA THR E 103 -44.43 31.94 27.84
C THR E 103 -43.47 30.87 27.40
N LEU E 104 -42.56 30.43 28.29
CA LEU E 104 -41.75 29.26 28.03
C LEU E 104 -42.60 28.00 28.14
N LEU E 105 -42.31 26.99 27.31
CA LEU E 105 -42.98 25.70 27.33
C LEU E 105 -41.92 24.63 27.30
N THR E 106 -42.32 23.38 27.59
CA THR E 106 -41.42 22.25 27.55
C THR E 106 -42.02 21.14 26.72
N GLU E 107 -41.16 20.33 26.06
CA GLU E 107 -41.61 19.18 25.31
C GLU E 107 -40.82 17.96 25.72
N ALA E 108 -41.43 16.77 25.59
CA ALA E 108 -40.80 15.50 25.88
C ALA E 108 -39.67 15.17 24.90
N PRO E 109 -38.63 14.41 25.25
CA PRO E 109 -37.71 13.86 24.27
C PRO E 109 -38.42 12.97 23.25
N LEU E 110 -37.90 12.89 22.00
CA LEU E 110 -38.53 12.21 20.87
C LEU E 110 -39.92 12.74 20.51
N ASN E 111 -40.10 14.08 20.55
CA ASN E 111 -41.31 14.74 20.10
C ASN E 111 -41.22 15.02 18.61
N PRO E 112 -42.15 14.60 17.74
CA PRO E 112 -42.02 14.78 16.29
C PRO E 112 -42.07 16.25 15.87
N LYS E 113 -41.49 16.56 14.71
CA LYS E 113 -41.30 17.93 14.24
C LYS E 113 -42.57 18.69 13.95
N ALA E 114 -43.65 18.00 13.55
CA ALA E 114 -44.95 18.60 13.34
C ALA E 114 -45.65 19.01 14.63
N ASN E 115 -45.35 18.33 15.76
CA ASN E 115 -45.97 18.60 17.04
C ASN E 115 -45.30 19.79 17.73
N ARG E 116 -44.06 20.12 17.29
CA ARG E 116 -43.29 21.23 17.81
C ARG E 116 -43.64 22.54 17.12
N GLU E 117 -44.29 22.47 15.94
CA GLU E 117 -44.80 23.61 15.20
C GLU E 117 -46.22 23.97 15.59
N LYS E 118 -47.06 22.96 15.88
CA LYS E 118 -48.43 23.17 16.33
C LYS E 118 -48.49 23.74 17.74
N MET E 119 -47.48 23.43 18.58
CA MET E 119 -47.32 24.01 19.90
C MET E 119 -46.94 25.49 19.86
N THR E 120 -46.27 25.92 18.78
CA THR E 120 -45.87 27.31 18.58
C THR E 120 -46.97 28.10 17.91
N GLN E 121 -47.72 27.50 16.97
CA GLN E 121 -48.87 28.13 16.36
C GLN E 121 -50.02 28.45 17.33
N ILE E 122 -50.28 27.62 18.35
CA ILE E 122 -51.34 27.87 19.32
C ILE E 122 -51.01 29.05 20.22
N MET E 123 -49.75 29.18 20.66
CA MET E 123 -49.34 30.28 21.51
C MET E 123 -49.42 31.64 20.81
N PHE E 124 -49.06 31.73 19.52
CA PHE E 124 -49.08 33.00 18.82
C PHE E 124 -50.43 33.34 18.20
N GLU E 125 -51.18 32.35 17.69
CA GLU E 125 -52.45 32.64 17.04
C GLU E 125 -53.65 32.59 17.97
N THR E 126 -53.72 31.63 18.92
CA THR E 126 -54.86 31.54 19.84
C THR E 126 -54.68 32.44 21.04
N PHE E 127 -53.55 32.31 21.77
CA PHE E 127 -53.36 33.03 23.02
C PHE E 127 -52.67 34.36 22.85
N ASN E 128 -52.09 34.62 21.67
CA ASN E 128 -51.47 35.88 21.30
C ASN E 128 -50.31 36.30 22.23
N VAL E 129 -49.41 35.36 22.57
CA VAL E 129 -48.23 35.63 23.38
C VAL E 129 -47.28 36.65 22.72
N PRO E 130 -46.55 37.50 23.46
CA PRO E 130 -45.60 38.42 22.86
C PRO E 130 -44.32 37.71 22.46
N ALA E 131 -43.95 36.64 23.17
CA ALA E 131 -42.78 35.85 22.88
C ALA E 131 -42.90 34.48 23.52
N MET E 132 -42.15 33.49 23.02
CA MET E 132 -42.13 32.17 23.61
C MET E 132 -40.81 31.46 23.36
N TYR E 133 -40.66 30.25 23.92
CA TYR E 133 -39.48 29.43 23.78
C TYR E 133 -39.92 28.04 24.16
N VAL E 134 -39.29 26.99 23.60
CA VAL E 134 -39.62 25.61 23.90
C VAL E 134 -38.35 24.86 24.22
N ALA E 135 -38.24 24.25 25.40
CA ALA E 135 -37.05 23.52 25.79
C ALA E 135 -37.34 22.04 25.96
N ILE E 136 -36.28 21.22 26.15
CA ILE E 136 -36.41 19.78 26.28
C ILE E 136 -36.40 19.44 27.75
N GLN E 137 -37.30 18.54 28.20
CA GLN E 137 -37.44 18.21 29.60
C GLN E 137 -36.26 17.47 30.23
N ALA E 138 -35.50 16.70 29.43
CA ALA E 138 -34.36 15.96 29.95
C ALA E 138 -33.10 16.81 30.09
N VAL E 139 -32.91 17.82 29.21
CA VAL E 139 -31.73 18.66 29.23
C VAL E 139 -31.74 19.61 30.40
N LEU E 140 -32.91 20.19 30.75
CA LEU E 140 -33.02 21.08 31.89
C LEU E 140 -32.86 20.37 33.23
N SER E 141 -33.13 19.05 33.27
CA SER E 141 -32.85 18.24 34.45
C SER E 141 -31.37 17.98 34.68
N LEU E 142 -30.57 17.93 33.61
CA LEU E 142 -29.15 17.63 33.70
C LEU E 142 -28.36 18.89 34.01
N TYR E 143 -28.77 20.03 33.42
CA TYR E 143 -28.14 21.29 33.70
C TYR E 143 -28.37 21.76 35.13
N ALA E 144 -29.50 21.37 35.76
CA ALA E 144 -29.77 21.70 37.14
C ALA E 144 -29.22 20.67 38.13
N SER E 145 -28.35 19.75 37.66
CA SER E 145 -27.49 18.97 38.54
C SER E 145 -26.03 19.28 38.29
N GLY E 146 -25.74 20.39 37.57
CA GLY E 146 -24.39 20.90 37.38
C GLY E 146 -23.55 20.08 36.45
N ARG E 147 -24.18 19.54 35.40
CA ARG E 147 -23.55 18.65 34.45
C ARG E 147 -23.99 19.04 33.05
N THR E 148 -23.22 18.66 32.03
CA THR E 148 -23.67 18.73 30.64
C THR E 148 -23.57 17.40 29.94
N THR E 149 -23.02 16.37 30.63
CA THR E 149 -22.90 15.01 30.12
C THR E 149 -23.37 14.09 31.22
N GLY E 150 -24.37 13.23 30.93
CA GLY E 150 -24.92 12.32 31.92
C GLY E 150 -26.25 11.77 31.48
N ILE E 151 -26.57 10.52 31.84
CA ILE E 151 -27.82 9.88 31.47
C ILE E 151 -28.95 10.23 32.42
N VAL E 152 -30.07 10.77 31.89
CA VAL E 152 -31.14 11.33 32.69
C VAL E 152 -32.33 10.39 32.76
N LEU E 153 -32.55 9.74 33.91
CA LEU E 153 -33.74 8.95 34.19
C LEU E 153 -34.91 9.84 34.59
N ASP E 154 -35.85 10.11 33.67
CA ASP E 154 -36.97 10.99 33.91
C ASP E 154 -38.25 10.17 34.03
N SER E 155 -38.60 9.78 35.26
CA SER E 155 -39.71 8.89 35.55
C SER E 155 -40.91 9.68 36.02
N GLY E 156 -41.85 10.00 35.11
CA GLY E 156 -43.00 10.82 35.44
C GLY E 156 -44.21 10.00 35.82
N ASP E 157 -45.40 10.60 35.68
CA ASP E 157 -46.64 9.92 35.91
C ASP E 157 -46.99 8.89 34.83
N GLY E 158 -46.90 9.28 33.54
CA GLY E 158 -47.36 8.44 32.43
C GLY E 158 -46.31 7.81 31.58
N VAL E 159 -45.04 8.25 31.67
CA VAL E 159 -43.98 7.75 30.83
C VAL E 159 -42.65 7.83 31.56
N THR E 160 -41.72 6.91 31.29
CA THR E 160 -40.40 6.89 31.91
C THR E 160 -39.35 6.87 30.83
N HIS E 161 -38.51 7.92 30.77
CA HIS E 161 -37.48 8.04 29.75
C HIS E 161 -36.09 7.90 30.33
N ASN E 162 -35.18 7.28 29.57
CA ASN E 162 -33.76 7.40 29.80
C ASN E 162 -33.16 8.14 28.63
N VAL E 163 -32.61 9.34 28.89
CA VAL E 163 -32.05 10.18 27.84
C VAL E 163 -30.57 10.35 28.08
N PRO E 164 -29.67 9.73 27.32
CA PRO E 164 -28.25 9.99 27.44
C PRO E 164 -27.91 11.26 26.71
N ILE E 165 -27.18 12.15 27.38
CA ILE E 165 -26.81 13.45 26.88
C ILE E 165 -25.31 13.52 26.95
N TYR E 166 -24.65 13.87 25.82
CA TYR E 166 -23.21 14.03 25.76
C TYR E 166 -22.94 15.43 25.23
N GLU E 167 -22.33 16.29 26.06
CA GLU E 167 -21.98 17.67 25.75
C GLU E 167 -23.17 18.54 25.36
N GLY E 168 -24.30 18.41 26.10
CA GLY E 168 -25.46 19.27 25.89
C GLY E 168 -26.37 18.91 24.73
N TYR E 169 -26.23 17.71 24.16
CA TYR E 169 -27.07 17.24 23.07
C TYR E 169 -27.47 15.79 23.25
N ALA E 170 -28.80 15.55 23.42
CA ALA E 170 -29.38 14.24 23.62
C ALA E 170 -29.26 13.35 22.40
N LEU E 171 -28.80 12.10 22.56
CA LEU E 171 -28.55 11.20 21.45
C LEU E 171 -29.80 10.43 21.02
N PRO E 172 -30.49 10.74 19.92
CA PRO E 172 -31.89 10.34 19.72
C PRO E 172 -32.08 8.87 19.46
N HIS E 173 -31.06 8.16 18.93
CA HIS E 173 -31.16 6.73 18.67
C HIS E 173 -31.01 5.92 19.94
N ALA E 174 -30.47 6.52 21.02
CA ALA E 174 -30.22 5.83 22.26
C ALA E 174 -31.27 6.10 23.33
N ILE E 175 -32.18 7.07 23.13
CA ILE E 175 -33.27 7.37 24.06
C ILE E 175 -34.25 6.22 24.22
N MET E 176 -34.22 5.53 25.37
CA MET E 176 -35.17 4.51 25.74
C MET E 176 -36.44 5.11 26.31
N ARG E 177 -37.57 4.43 26.07
CA ARG E 177 -38.84 4.82 26.62
C ARG E 177 -39.51 3.59 27.18
N LEU E 178 -39.84 3.63 28.47
CA LEU E 178 -40.55 2.60 29.16
C LEU E 178 -41.94 3.18 29.42
N ASP E 179 -43.00 2.36 29.28
CA ASP E 179 -44.37 2.83 29.43
C ASP E 179 -44.90 2.55 30.84
N LEU E 180 -44.07 1.95 31.70
CA LEU E 180 -44.32 1.79 33.11
C LEU E 180 -43.86 3.05 33.83
N ALA E 181 -44.72 3.61 34.68
CA ALA E 181 -44.53 4.91 35.26
C ALA E 181 -45.42 5.01 36.48
N GLY E 182 -45.44 6.15 37.18
CA GLY E 182 -46.09 6.26 38.48
C GLY E 182 -47.59 6.14 38.52
N ARG E 183 -48.29 6.29 37.38
CA ARG E 183 -49.72 6.13 37.27
C ARG E 183 -50.16 4.68 37.38
N ASP E 184 -49.34 3.75 36.87
CA ASP E 184 -49.59 2.32 36.95
C ASP E 184 -49.18 1.74 38.30
N LEU E 185 -48.47 2.51 39.15
CA LEU E 185 -48.25 2.14 40.53
C LEU E 185 -49.45 2.51 41.42
N THR E 186 -50.19 3.60 41.11
CA THR E 186 -51.45 3.90 41.81
C THR E 186 -52.50 2.85 41.56
N ASP E 187 -52.68 2.43 40.30
CA ASP E 187 -53.67 1.43 39.95
C ASP E 187 -53.24 0.00 40.28
N TYR E 188 -52.02 -0.20 40.81
CA TYR E 188 -51.60 -1.45 41.42
C TYR E 188 -51.73 -1.39 42.93
N LEU E 189 -51.58 -0.21 43.56
CA LEU E 189 -51.77 -0.05 44.98
C LEU E 189 -53.23 -0.15 45.40
N MET E 190 -54.19 0.11 44.49
CA MET E 190 -55.59 -0.19 44.74
C MET E 190 -55.91 -1.68 44.69
N LYS E 191 -55.04 -2.53 44.10
CA LYS E 191 -55.22 -3.96 44.08
C LYS E 191 -54.64 -4.63 45.31
N ILE E 192 -53.42 -4.26 45.74
CA ILE E 192 -52.79 -4.89 46.88
C ILE E 192 -53.29 -4.37 48.23
N LEU E 193 -54.02 -3.24 48.28
CA LEU E 193 -54.76 -2.85 49.48
C LEU E 193 -56.18 -3.40 49.48
N THR E 194 -56.66 -3.94 48.34
CA THR E 194 -57.89 -4.72 48.30
C THR E 194 -57.69 -6.11 48.88
N GLU E 195 -56.44 -6.64 48.89
CA GLU E 195 -56.08 -7.88 49.56
C GLU E 195 -56.31 -7.83 51.08
N ARG E 196 -55.95 -6.71 51.74
CA ARG E 196 -56.24 -6.50 53.15
C ARG E 196 -57.73 -6.37 53.46
N GLY E 197 -58.48 -5.70 52.56
CA GLY E 197 -59.92 -5.51 52.73
C GLY E 197 -60.38 -4.10 52.53
N TYR E 198 -59.47 -3.16 52.23
CA TYR E 198 -59.82 -1.77 52.01
C TYR E 198 -60.26 -1.59 50.55
N SER E 199 -61.58 -1.68 50.29
CA SER E 199 -62.14 -1.64 48.95
C SER E 199 -62.21 -0.26 48.31
N PHE E 200 -61.04 0.37 48.05
CA PHE E 200 -60.93 1.58 47.26
C PHE E 200 -61.30 1.33 45.79
N VAL E 201 -62.27 2.08 45.23
CA VAL E 201 -62.70 1.84 43.87
C VAL E 201 -63.16 3.11 43.16
N THR E 202 -63.60 4.16 43.87
CA THR E 202 -64.10 5.37 43.20
C THR E 202 -62.98 6.30 42.78
N THR E 203 -63.32 7.38 42.06
CA THR E 203 -62.37 8.36 41.56
C THR E 203 -61.77 9.18 42.69
N ALA E 204 -62.59 9.58 43.69
CA ALA E 204 -62.11 10.24 44.89
C ALA E 204 -61.35 9.34 45.85
N GLU E 205 -61.53 8.01 45.74
CA GLU E 205 -60.74 7.03 46.46
C GLU E 205 -59.52 6.57 45.69
N ARG E 206 -59.22 7.17 44.52
CA ARG E 206 -57.96 6.97 43.84
C ARG E 206 -56.95 8.02 44.23
N GLU E 207 -57.39 9.27 44.47
CA GLU E 207 -56.54 10.32 44.98
C GLU E 207 -56.01 10.04 46.38
N ILE E 208 -56.81 9.37 47.24
CA ILE E 208 -56.37 8.99 48.57
C ILE E 208 -55.31 7.90 48.53
N VAL E 209 -55.45 6.90 47.63
CA VAL E 209 -54.43 5.88 47.37
C VAL E 209 -53.16 6.48 46.80
N ARG E 210 -53.27 7.51 45.95
CA ARG E 210 -52.13 8.24 45.45
C ARG E 210 -51.43 9.08 46.52
N ASP E 211 -52.10 9.43 47.63
CA ASP E 211 -51.50 10.15 48.73
C ASP E 211 -50.94 9.21 49.81
N ILE E 212 -51.41 7.94 49.88
CA ILE E 212 -50.77 6.87 50.64
C ILE E 212 -49.42 6.53 50.02
N LYS E 213 -49.37 6.54 48.68
CA LYS E 213 -48.17 6.21 47.91
C LYS E 213 -47.02 7.17 48.13
N GLU E 214 -47.29 8.49 48.14
CA GLU E 214 -46.28 9.50 48.43
C GLU E 214 -45.70 9.38 49.82
N LYS E 215 -46.55 9.23 50.85
CA LYS E 215 -46.13 9.36 52.23
C LYS E 215 -45.62 8.09 52.89
N LEU E 216 -45.96 6.88 52.39
CA LEU E 216 -45.63 5.66 53.11
C LEU E 216 -44.88 4.61 52.30
N CYS E 217 -44.68 4.77 50.98
CA CYS E 217 -43.94 3.79 50.19
C CYS E 217 -42.44 4.02 50.19
N TYR E 218 -41.65 2.94 50.01
CA TYR E 218 -40.21 3.01 49.93
C TYR E 218 -39.69 1.81 49.16
N VAL E 219 -38.49 1.89 48.56
CA VAL E 219 -37.98 0.79 47.73
C VAL E 219 -37.16 -0.14 48.59
N ALA E 220 -37.48 -1.45 48.60
CA ALA E 220 -36.72 -2.44 49.34
C ALA E 220 -35.30 -2.61 48.82
N LEU E 221 -34.29 -2.67 49.71
CA LEU E 221 -32.90 -2.85 49.31
C LEU E 221 -32.64 -4.25 48.77
N ASP E 222 -33.25 -5.26 49.39
CA ASP E 222 -33.36 -6.59 48.84
C ASP E 222 -34.76 -7.08 49.12
N PHE E 223 -35.52 -7.50 48.09
CA PHE E 223 -36.94 -7.77 48.24
C PHE E 223 -37.23 -9.03 49.05
N GLU E 224 -36.42 -10.09 48.89
CA GLU E 224 -36.64 -11.35 49.60
C GLU E 224 -36.36 -11.24 51.09
N ASN E 225 -35.29 -10.54 51.50
CA ASN E 225 -34.97 -10.38 52.91
C ASN E 225 -35.82 -9.33 53.61
N GLU E 226 -36.43 -8.40 52.87
CA GLU E 226 -37.37 -7.45 53.43
C GLU E 226 -38.74 -8.08 53.60
N MET E 227 -39.21 -8.87 52.62
CA MET E 227 -40.49 -9.55 52.70
C MET E 227 -40.52 -10.73 53.67
N ALA E 228 -39.37 -11.40 53.90
CA ALA E 228 -39.23 -12.36 54.97
C ALA E 228 -39.16 -11.74 56.37
N THR E 229 -38.66 -10.48 56.47
CA THR E 229 -38.68 -9.70 57.70
C THR E 229 -40.06 -9.11 57.97
N ALA E 230 -40.88 -8.94 56.92
CA ALA E 230 -42.20 -8.35 57.01
C ALA E 230 -43.24 -9.23 57.70
N ALA E 231 -42.98 -10.55 57.78
CA ALA E 231 -43.86 -11.48 58.45
C ALA E 231 -43.70 -11.42 59.97
N SER E 232 -42.46 -11.36 60.47
CA SER E 232 -42.17 -11.41 61.90
C SER E 232 -42.02 -10.05 62.58
N SER E 233 -41.58 -8.99 61.86
CA SER E 233 -41.31 -7.70 62.46
C SER E 233 -42.53 -6.79 62.53
N SER E 234 -42.57 -5.91 63.56
CA SER E 234 -43.65 -4.95 63.77
C SER E 234 -43.25 -3.52 63.46
N SER E 235 -41.98 -3.27 63.08
CA SER E 235 -41.48 -1.95 62.69
C SER E 235 -42.10 -1.41 61.40
N LEU E 236 -42.32 -2.30 60.42
CA LEU E 236 -42.80 -2.02 59.08
C LEU E 236 -44.19 -1.41 59.00
N GLU E 237 -45.15 -1.93 59.79
CA GLU E 237 -46.56 -1.61 59.71
C GLU E 237 -46.92 -0.17 60.11
N LYS E 238 -47.49 0.61 59.18
CA LYS E 238 -47.90 1.99 59.40
C LYS E 238 -49.41 2.16 59.44
N SER E 239 -49.86 3.35 59.88
CA SER E 239 -51.27 3.69 60.02
C SER E 239 -51.54 5.01 59.35
N TYR E 240 -52.49 5.04 58.39
CA TYR E 240 -52.88 6.21 57.65
C TYR E 240 -54.30 6.64 58.02
N GLU E 241 -54.61 7.94 57.96
CA GLU E 241 -55.89 8.49 58.36
C GLU E 241 -56.59 9.11 57.16
N LEU E 242 -57.76 8.58 56.78
CA LEU E 242 -58.51 8.98 55.60
C LEU E 242 -59.19 10.35 55.78
N PRO E 243 -59.67 11.03 54.72
CA PRO E 243 -60.39 12.31 54.83
C PRO E 243 -61.61 12.34 55.74
N ASP E 244 -62.27 11.21 56.03
CA ASP E 244 -63.37 11.12 56.97
C ASP E 244 -62.94 10.63 58.36
N GLY E 245 -61.63 10.56 58.63
CA GLY E 245 -61.06 10.25 59.93
C GLY E 245 -60.93 8.79 60.27
N GLN E 246 -61.35 7.87 59.39
CA GLN E 246 -61.10 6.45 59.53
C GLN E 246 -59.61 6.11 59.40
N VAL E 247 -59.13 5.06 60.10
CA VAL E 247 -57.73 4.70 60.11
C VAL E 247 -57.51 3.36 59.43
N ILE E 248 -56.81 3.37 58.28
CA ILE E 248 -56.41 2.17 57.56
C ILE E 248 -54.96 1.83 57.88
N THR E 249 -54.65 0.53 57.97
CA THR E 249 -53.33 0.05 58.38
C THR E 249 -52.66 -0.63 57.22
N ILE E 250 -51.59 -0.03 56.67
CA ILE E 250 -50.82 -0.58 55.56
C ILE E 250 -49.61 -1.35 56.09
N GLY E 251 -49.30 -2.52 55.50
CA GLY E 251 -48.27 -3.43 56.00
C GLY E 251 -47.11 -3.53 55.06
N ASN E 252 -46.99 -4.68 54.37
CA ASN E 252 -45.94 -4.92 53.40
C ASN E 252 -46.30 -4.49 51.99
N GLU E 253 -47.32 -3.63 51.83
CA GLU E 253 -47.66 -3.00 50.58
C GLU E 253 -46.92 -1.68 50.41
N ARG E 254 -46.05 -1.33 51.37
CA ARG E 254 -45.19 -0.17 51.29
C ARG E 254 -44.03 -0.34 50.32
N PHE E 255 -43.40 -1.53 50.28
CA PHE E 255 -42.29 -1.78 49.38
C PHE E 255 -42.63 -2.69 48.22
N ARG E 256 -43.80 -3.34 48.25
CA ARG E 256 -44.29 -4.18 47.17
C ARG E 256 -44.83 -3.38 46.00
N CYS E 257 -45.21 -2.10 46.24
CA CYS E 257 -45.63 -1.17 45.20
C CYS E 257 -44.49 -0.58 44.36
N PRO E 258 -43.43 0.07 44.84
CA PRO E 258 -42.41 0.64 43.95
C PRO E 258 -41.42 -0.40 43.48
N GLU E 259 -41.53 -1.66 43.93
CA GLU E 259 -40.73 -2.77 43.42
C GLU E 259 -41.23 -3.22 42.05
N THR E 260 -42.43 -2.78 41.63
CA THR E 260 -42.94 -2.94 40.27
C THR E 260 -42.04 -2.27 39.24
N LEU E 261 -41.38 -1.14 39.58
CA LEU E 261 -40.45 -0.47 38.69
C LEU E 261 -39.19 -1.30 38.40
N PHE E 262 -38.84 -2.25 39.28
CA PHE E 262 -37.65 -3.06 39.13
C PHE E 262 -38.01 -4.48 38.69
N GLN E 263 -39.28 -4.89 38.88
CA GLN E 263 -39.82 -6.14 38.38
C GLN E 263 -41.18 -5.90 37.71
N PRO E 264 -41.28 -5.55 36.42
CA PRO E 264 -42.55 -5.20 35.79
C PRO E 264 -43.48 -6.39 35.56
N SER E 265 -43.02 -7.63 35.84
CA SER E 265 -43.85 -8.82 35.79
C SER E 265 -44.95 -8.86 36.84
N PHE E 266 -44.83 -8.07 37.93
CA PHE E 266 -45.90 -7.85 38.90
C PHE E 266 -47.15 -7.22 38.30
N ILE E 267 -46.99 -6.23 37.40
CA ILE E 267 -48.10 -5.56 36.73
C ILE E 267 -48.36 -6.21 35.35
N GLY E 268 -47.69 -7.35 35.09
CA GLY E 268 -48.00 -8.27 34.01
C GLY E 268 -47.41 -7.99 32.65
N MET E 269 -46.53 -6.97 32.53
CA MET E 269 -45.87 -6.67 31.27
C MET E 269 -44.48 -7.28 31.20
N GLU E 270 -43.95 -7.49 29.97
CA GLU E 270 -42.70 -8.22 29.79
C GLU E 270 -41.48 -7.32 29.69
N SER E 271 -41.71 -5.99 29.77
CA SER E 271 -40.69 -4.96 29.69
C SER E 271 -39.60 -5.04 30.73
N ALA E 272 -38.38 -4.59 30.38
CA ALA E 272 -37.28 -4.40 31.30
C ALA E 272 -37.56 -3.36 32.39
N GLY E 273 -37.04 -3.57 33.62
CA GLY E 273 -37.14 -2.59 34.71
C GLY E 273 -36.31 -1.34 34.50
N ILE E 274 -36.37 -0.38 35.43
CA ILE E 274 -35.65 0.88 35.27
C ILE E 274 -34.17 0.79 35.57
N HIS E 275 -33.70 -0.37 36.06
CA HIS E 275 -32.29 -0.67 36.20
C HIS E 275 -31.73 -1.43 35.01
N GLU E 276 -32.55 -1.69 33.98
CA GLU E 276 -32.09 -2.39 32.79
C GLU E 276 -32.43 -1.61 31.53
N THR E 277 -33.47 -0.75 31.53
CA THR E 277 -33.62 0.24 30.46
C THR E 277 -32.60 1.37 30.58
N THR E 278 -32.06 1.62 31.79
CA THR E 278 -30.90 2.50 31.97
C THR E 278 -29.64 1.89 31.40
N TYR E 279 -29.39 0.59 31.65
CA TYR E 279 -28.23 -0.10 31.13
C TYR E 279 -28.25 -0.29 29.60
N ASN E 280 -29.43 -0.58 29.02
CA ASN E 280 -29.57 -0.77 27.59
C ASN E 280 -29.66 0.56 26.84
N SER E 281 -29.57 1.69 27.56
CA SER E 281 -29.41 3.00 26.95
C SER E 281 -27.97 3.49 27.00
N ILE E 282 -27.14 3.00 27.95
CA ILE E 282 -25.70 3.26 27.94
C ILE E 282 -24.99 2.39 26.91
N MET E 283 -25.41 1.11 26.77
CA MET E 283 -24.83 0.17 25.82
C MET E 283 -25.14 0.51 24.37
N LYS E 284 -26.16 1.34 24.11
CA LYS E 284 -26.56 1.74 22.78
C LYS E 284 -25.84 3.00 22.32
N CYS E 285 -25.12 3.68 23.23
CA CYS E 285 -24.27 4.83 22.93
C CYS E 285 -22.90 4.39 22.47
N ASP E 286 -22.13 5.29 21.84
CA ASP E 286 -20.79 5.01 21.34
C ASP E 286 -19.79 4.57 22.42
N ILE E 287 -18.83 3.70 22.04
CA ILE E 287 -17.98 2.97 22.98
C ILE E 287 -17.08 3.85 23.84
N ASP E 288 -16.62 5.00 23.32
CA ASP E 288 -15.75 5.91 24.01
C ASP E 288 -16.41 6.78 25.09
N ILE E 289 -17.75 6.96 25.07
CA ILE E 289 -18.45 7.85 25.99
C ILE E 289 -19.25 7.14 27.06
N ARG E 290 -19.25 5.79 27.13
CA ARG E 290 -20.03 5.07 28.11
C ARG E 290 -19.55 5.22 29.55
N LYS E 291 -18.24 5.44 29.76
CA LYS E 291 -17.69 5.62 31.09
C LYS E 291 -18.10 6.93 31.75
N ASP E 292 -18.36 7.98 30.95
CA ASP E 292 -18.89 9.24 31.45
C ASP E 292 -20.42 9.27 31.40
N LEU E 293 -21.10 8.12 31.23
CA LEU E 293 -22.51 7.97 31.48
C LEU E 293 -22.76 7.04 32.66
N TYR E 294 -21.93 6.00 32.87
CA TYR E 294 -21.97 5.16 34.06
C TYR E 294 -21.76 5.92 35.36
N ALA E 295 -20.87 6.94 35.34
CA ALA E 295 -20.53 7.69 36.51
C ALA E 295 -21.38 8.95 36.69
N ASN E 296 -22.41 9.15 35.84
CA ASN E 296 -23.25 10.34 35.86
C ASN E 296 -24.70 10.01 35.55
N ASN E 297 -25.29 8.96 36.15
CA ASN E 297 -26.74 8.78 36.14
C ASN E 297 -27.42 9.86 36.97
N VAL E 298 -28.33 10.65 36.38
CA VAL E 298 -29.04 11.70 37.07
C VAL E 298 -30.51 11.37 37.01
N MET E 299 -31.24 11.47 38.13
CA MET E 299 -32.66 11.17 38.14
C MET E 299 -33.53 12.41 38.23
N SER E 300 -34.80 12.30 37.81
CA SER E 300 -35.79 13.35 37.96
C SER E 300 -37.20 12.82 37.90
N GLY E 301 -38.20 13.72 37.91
CA GLY E 301 -39.61 13.40 37.86
C GLY E 301 -40.16 12.93 39.18
N GLY E 302 -41.49 12.93 39.31
CA GLY E 302 -42.16 12.60 40.57
C GLY E 302 -41.97 11.20 41.09
N THR E 303 -41.70 10.23 40.22
CA THR E 303 -41.71 8.81 40.57
C THR E 303 -40.33 8.34 40.99
N THR E 304 -39.29 9.21 40.96
CA THR E 304 -37.97 8.86 41.50
C THR E 304 -37.80 9.41 42.91
N MET E 305 -38.87 9.95 43.51
CA MET E 305 -38.85 10.52 44.84
C MET E 305 -38.85 9.52 45.99
N TYR E 306 -39.10 8.22 45.73
CA TYR E 306 -39.10 7.21 46.78
C TYR E 306 -37.78 7.12 47.54
N PRO E 307 -37.76 6.94 48.86
CA PRO E 307 -36.51 6.75 49.57
C PRO E 307 -35.98 5.35 49.33
N GLY E 308 -34.65 5.20 49.21
CA GLY E 308 -34.03 3.92 48.91
C GLY E 308 -34.00 3.53 47.45
N ILE E 309 -34.25 4.48 46.52
CA ILE E 309 -34.20 4.14 45.09
C ILE E 309 -32.87 4.52 44.45
N ALA E 310 -32.11 5.47 45.03
CA ALA E 310 -30.74 5.71 44.61
C ALA E 310 -29.79 4.63 45.10
N ASP E 311 -30.15 3.93 46.20
CA ASP E 311 -29.39 2.83 46.75
C ASP E 311 -29.73 1.50 46.08
N ARG E 312 -30.86 1.41 45.37
CA ARG E 312 -31.26 0.20 44.67
C ARG E 312 -30.84 0.27 43.22
N MET E 313 -30.88 1.46 42.59
CA MET E 313 -30.39 1.62 41.23
C MET E 313 -28.88 1.41 41.10
N GLN E 314 -28.10 1.79 42.13
CA GLN E 314 -26.68 1.54 42.14
C GLN E 314 -26.34 0.07 42.28
N LYS E 315 -27.11 -0.68 43.08
CA LYS E 315 -26.91 -2.11 43.27
C LYS E 315 -27.26 -2.93 42.04
N GLU E 316 -28.36 -2.60 41.35
CA GLU E 316 -28.86 -3.40 40.26
C GLU E 316 -28.13 -3.13 38.95
N ILE E 317 -27.71 -1.87 38.68
CA ILE E 317 -26.87 -1.54 37.52
C ILE E 317 -25.47 -2.12 37.66
N THR E 318 -24.89 -2.13 38.89
CA THR E 318 -23.57 -2.72 39.16
C THR E 318 -23.53 -4.21 38.91
N ALA E 319 -24.65 -4.91 39.13
CA ALA E 319 -24.75 -6.34 38.86
C ALA E 319 -24.83 -6.67 37.37
N LEU E 320 -25.21 -5.70 36.52
CA LEU E 320 -25.25 -5.87 35.07
C LEU E 320 -23.97 -5.39 34.40
N ALA E 321 -23.53 -4.16 34.71
CA ALA E 321 -22.34 -3.54 34.16
C ALA E 321 -21.02 -4.27 34.46
N PRO E 322 -20.02 -4.24 33.57
CA PRO E 322 -18.70 -4.82 33.84
C PRO E 322 -18.01 -4.21 35.05
N SER E 323 -17.09 -4.95 35.69
CA SER E 323 -16.65 -4.70 37.05
C SER E 323 -15.68 -3.54 37.24
N THR E 324 -15.04 -3.05 36.16
CA THR E 324 -14.04 -1.99 36.24
C THR E 324 -14.62 -0.61 36.02
N MET E 325 -15.94 -0.53 35.74
CA MET E 325 -16.64 0.72 35.54
C MET E 325 -17.26 1.24 36.83
N LYS E 326 -17.20 2.57 37.05
CA LYS E 326 -17.68 3.19 38.27
C LYS E 326 -19.13 3.60 38.11
N ILE E 327 -20.06 2.90 38.82
CA ILE E 327 -21.49 3.19 38.70
C ILE E 327 -21.90 4.16 39.78
N LYS E 328 -22.42 5.33 39.39
CA LYS E 328 -22.83 6.35 40.34
C LYS E 328 -24.19 6.91 39.98
N ILE E 329 -25.12 6.91 40.94
CA ILE E 329 -26.46 7.45 40.78
C ILE E 329 -26.55 8.74 41.56
N ILE E 330 -26.88 9.85 40.89
CA ILE E 330 -27.04 11.16 41.48
C ILE E 330 -28.51 11.48 41.60
N ALA E 331 -28.99 11.61 42.84
CA ALA E 331 -30.34 12.02 43.14
C ALA E 331 -30.32 13.36 43.85
N PRO E 332 -30.67 14.48 43.23
CA PRO E 332 -30.73 15.75 43.94
C PRO E 332 -32.01 15.81 44.78
N PRO E 333 -32.12 16.56 45.87
CA PRO E 333 -33.25 16.46 46.79
C PRO E 333 -34.50 17.15 46.26
N GLU E 334 -34.39 18.07 45.29
CA GLU E 334 -35.52 18.77 44.69
C GLU E 334 -35.79 18.28 43.27
N ARG E 335 -35.50 16.99 42.99
CA ARG E 335 -35.63 16.38 41.68
C ARG E 335 -37.04 16.21 41.16
N LYS E 336 -38.07 16.37 42.02
CA LYS E 336 -39.47 16.37 41.62
C LYS E 336 -39.82 17.49 40.64
N TYR E 337 -39.27 18.70 40.86
CA TYR E 337 -39.56 19.85 40.04
C TYR E 337 -38.31 20.37 39.35
N SER E 338 -37.28 19.54 39.07
CA SER E 338 -36.03 20.06 38.52
C SER E 338 -36.12 20.52 37.08
N VAL E 339 -37.07 19.97 36.31
CA VAL E 339 -37.37 20.41 34.96
C VAL E 339 -38.04 21.78 34.95
N TRP E 340 -38.85 22.06 35.99
CA TRP E 340 -39.50 23.35 36.14
C TRP E 340 -38.55 24.39 36.72
N ILE E 341 -37.75 24.04 37.76
CA ILE E 341 -36.83 24.97 38.41
C ILE E 341 -35.74 25.40 37.45
N GLY E 342 -35.27 24.48 36.58
CA GLY E 342 -34.32 24.81 35.53
C GLY E 342 -34.85 25.74 34.46
N GLY E 343 -36.18 25.78 34.27
CA GLY E 343 -36.81 26.70 33.33
C GLY E 343 -37.23 27.99 33.98
N SER E 344 -37.16 28.07 35.32
CA SER E 344 -37.49 29.28 36.06
C SER E 344 -36.27 30.12 36.32
N ILE E 345 -35.09 29.48 36.49
CA ILE E 345 -33.82 30.18 36.49
C ILE E 345 -33.49 30.71 35.10
N LEU E 346 -33.60 29.87 34.07
CA LEU E 346 -33.15 30.23 32.73
C LEU E 346 -34.00 31.30 32.05
N ALA E 347 -35.29 31.44 32.43
CA ALA E 347 -36.15 32.47 31.90
C ALA E 347 -36.19 33.73 32.76
N SER E 348 -35.52 33.74 33.93
CA SER E 348 -35.42 34.93 34.78
C SER E 348 -34.07 35.60 34.66
N LEU E 349 -33.15 35.05 33.85
CA LEU E 349 -31.92 35.70 33.42
C LEU E 349 -32.20 36.99 32.64
N SER E 350 -31.43 38.06 32.90
CA SER E 350 -31.55 39.33 32.20
C SER E 350 -30.90 39.32 30.84
N THR E 351 -29.99 38.36 30.61
CA THR E 351 -29.26 38.19 29.35
C THR E 351 -29.91 37.14 28.44
N PHE E 352 -31.10 36.64 28.83
CA PHE E 352 -31.87 35.70 28.03
C PHE E 352 -32.87 36.43 27.14
N GLN E 353 -32.94 37.78 27.23
CA GLN E 353 -34.01 38.56 26.63
C GLN E 353 -34.00 38.62 25.10
N GLN E 354 -32.87 38.30 24.45
CA GLN E 354 -32.80 38.18 23.01
C GLN E 354 -32.85 36.74 22.52
N MET E 355 -32.89 35.75 23.42
CA MET E 355 -33.01 34.34 23.05
C MET E 355 -34.39 33.97 22.53
N TRP E 356 -35.46 34.52 23.15
CA TRP E 356 -36.86 34.25 22.82
C TRP E 356 -37.25 34.37 21.34
N ILE E 357 -38.34 33.72 20.94
CA ILE E 357 -38.96 33.88 19.63
C ILE E 357 -40.05 34.92 19.77
N THR E 358 -39.85 36.13 19.22
CA THR E 358 -40.85 37.19 19.26
C THR E 358 -42.00 36.99 18.27
N LYS E 359 -43.11 37.74 18.42
CA LYS E 359 -44.27 37.62 17.54
C LYS E 359 -43.97 38.13 16.13
N GLN E 360 -43.06 39.11 15.98
CA GLN E 360 -42.62 39.58 14.68
C GLN E 360 -41.83 38.52 13.90
N GLU E 361 -41.04 37.68 14.57
CA GLU E 361 -40.31 36.59 13.95
C GLU E 361 -41.23 35.45 13.51
N TYR E 362 -42.38 35.26 14.17
CA TYR E 362 -43.42 34.37 13.68
C TYR E 362 -44.11 34.92 12.42
N ASP E 363 -44.32 36.25 12.35
CA ASP E 363 -45.04 36.86 11.24
C ASP E 363 -44.22 36.87 9.95
N GLU E 364 -42.89 36.72 10.03
CA GLU E 364 -41.98 36.76 8.90
C GLU E 364 -41.36 35.40 8.61
N ALA E 365 -41.75 34.32 9.31
CA ALA E 365 -41.21 33.00 9.06
C ALA E 365 -42.12 31.83 9.42
N GLY E 366 -43.38 32.08 9.87
CA GLY E 366 -44.35 31.07 10.26
C GLY E 366 -43.90 30.14 11.38
N PRO E 367 -44.47 28.94 11.50
CA PRO E 367 -44.09 27.99 12.54
C PRO E 367 -42.68 27.43 12.38
N SER E 368 -41.99 27.70 11.25
CA SER E 368 -40.68 27.14 10.93
C SER E 368 -39.56 27.73 11.79
N ILE E 369 -39.84 28.88 12.45
CA ILE E 369 -38.93 29.57 13.35
C ILE E 369 -38.49 28.74 14.56
N VAL E 370 -39.36 27.82 15.05
CA VAL E 370 -39.11 27.06 16.27
C VAL E 370 -37.91 26.12 16.17
N HIS E 371 -37.69 25.46 15.03
CA HIS E 371 -36.51 24.67 14.78
C HIS E 371 -35.21 25.46 14.79
N ARG E 372 -35.23 26.68 14.23
CA ARG E 372 -34.07 27.55 14.14
C ARG E 372 -33.58 28.09 15.48
N LYS E 373 -34.49 28.56 16.37
CA LYS E 373 -34.10 29.22 17.61
C LYS E 373 -34.36 28.42 18.89
N CYS E 374 -35.06 27.27 18.83
CA CYS E 374 -35.33 26.43 20.00
C CYS E 374 -34.81 25.03 19.72
N PHE E 375 -33.55 24.94 19.29
CA PHE E 375 -32.87 23.71 18.92
C PHE E 375 -32.52 22.76 20.10
N SER F 3 25.32 17.26 8.01
CA SER F 3 26.13 18.50 7.96
C SER F 3 26.71 18.80 9.33
N GLY F 4 27.38 19.94 9.50
CA GLY F 4 27.92 20.17 10.83
C GLY F 4 29.44 20.25 10.88
N VAL F 5 30.05 19.34 11.65
CA VAL F 5 31.45 19.34 12.09
C VAL F 5 32.51 19.46 10.99
N THR F 6 33.57 20.26 11.24
CA THR F 6 34.78 20.35 10.43
C THR F 6 35.95 19.62 11.05
N VAL F 7 36.96 19.22 10.23
CA VAL F 7 38.13 18.50 10.74
C VAL F 7 39.22 19.50 11.11
N ASN F 8 39.91 19.28 12.25
CA ASN F 8 41.00 20.13 12.70
C ASN F 8 42.26 19.97 11.84
N ASP F 9 43.12 21.01 11.76
CA ASP F 9 44.31 20.97 10.93
C ASP F 9 45.45 20.11 11.50
N GLU F 10 45.35 19.69 12.79
CA GLU F 10 46.27 18.71 13.35
C GLU F 10 45.98 17.29 12.88
N VAL F 11 44.76 17.01 12.39
CA VAL F 11 44.41 15.74 11.77
C VAL F 11 45.06 15.60 10.39
N ILE F 12 45.05 16.68 9.58
CA ILE F 12 45.58 16.66 8.23
C ILE F 12 47.10 16.52 8.20
N LYS F 13 47.79 17.06 9.23
CA LYS F 13 49.21 16.87 9.44
C LYS F 13 49.58 15.42 9.79
N VAL F 14 48.72 14.72 10.55
CA VAL F 14 48.90 13.31 10.87
C VAL F 14 48.64 12.42 9.65
N PHE F 15 47.69 12.81 8.80
CA PHE F 15 47.42 12.11 7.55
C PHE F 15 48.57 12.26 6.55
N ASN F 16 49.19 13.45 6.43
CA ASN F 16 50.34 13.65 5.56
C ASN F 16 51.64 13.04 6.08
N ASP F 17 51.72 12.66 7.37
CA ASP F 17 52.81 11.83 7.87
C ASP F 17 52.62 10.35 7.54
N MET F 18 51.38 9.91 7.18
CA MET F 18 51.12 8.54 6.84
C MET F 18 51.03 8.30 5.33
N LYS F 19 50.32 9.17 4.57
CA LYS F 19 50.14 8.93 3.15
C LYS F 19 51.40 9.01 2.32
N VAL F 20 52.24 10.05 2.54
CA VAL F 20 53.50 10.18 1.84
C VAL F 20 54.61 10.08 2.86
N ARG F 21 55.36 8.98 2.84
CA ARG F 21 56.54 8.83 3.65
C ARG F 21 57.75 9.37 2.90
N LYS F 22 58.84 9.62 3.63
CA LYS F 22 59.99 10.29 3.07
C LYS F 22 61.23 9.84 3.80
N SER F 23 62.43 10.23 3.32
CA SER F 23 63.72 9.74 3.81
C SER F 23 63.90 9.96 5.31
N SER F 24 64.26 8.88 6.02
CA SER F 24 64.18 8.84 7.46
C SER F 24 65.35 8.09 8.04
N THR F 25 65.89 8.60 9.16
CA THR F 25 66.84 7.91 10.02
C THR F 25 66.24 6.65 10.63
N PRO F 26 66.99 5.64 11.08
CA PRO F 26 66.42 4.45 11.70
C PRO F 26 65.68 4.76 12.99
N GLU F 27 66.02 5.86 13.70
CA GLU F 27 65.22 6.39 14.78
C GLU F 27 63.87 6.96 14.35
N GLU F 28 63.80 7.76 13.26
CA GLU F 28 62.57 8.42 12.85
C GLU F 28 61.59 7.53 12.11
N ILE F 29 62.07 6.44 11.47
CA ILE F 29 61.18 5.50 10.79
C ILE F 29 60.48 4.57 11.78
N LYS F 30 60.97 4.54 13.02
CA LYS F 30 60.32 3.91 14.15
C LYS F 30 59.40 4.86 14.92
N LYS F 31 59.13 6.06 14.38
CA LYS F 31 58.17 6.99 14.94
C LYS F 31 57.07 7.36 13.95
N ARG F 32 56.99 6.68 12.79
CA ARG F 32 55.80 6.69 11.95
C ARG F 32 54.66 5.90 12.57
N LYS F 33 53.40 6.24 12.21
CA LYS F 33 52.22 5.72 12.86
C LYS F 33 51.55 4.60 12.06
N LYS F 34 51.41 3.40 12.67
CA LYS F 34 50.79 2.25 12.05
C LYS F 34 49.28 2.29 12.17
N ALA F 35 48.75 2.92 13.23
CA ALA F 35 47.32 3.04 13.45
C ALA F 35 46.99 4.26 14.30
N VAL F 36 46.03 5.11 13.88
CA VAL F 36 45.64 6.33 14.58
C VAL F 36 44.12 6.39 14.76
N LEU F 37 43.61 6.81 15.95
CA LEU F 37 42.19 7.04 16.19
C LEU F 37 41.82 8.53 16.22
N PHE F 38 40.83 8.97 15.42
CA PHE F 38 40.30 10.33 15.44
C PHE F 38 38.98 10.40 16.19
N CYS F 39 38.81 11.39 17.07
CA CYS F 39 37.65 11.56 17.95
C CYS F 39 37.05 12.94 17.79
N LEU F 40 36.08 13.33 18.63
CA LEU F 40 35.40 14.61 18.64
C LEU F 40 35.74 15.34 19.91
N SER F 41 35.81 16.68 19.82
CA SER F 41 36.15 17.52 20.97
C SER F 41 34.98 17.62 21.95
N ASP F 42 35.19 18.15 23.15
CA ASP F 42 34.23 18.17 24.25
C ASP F 42 32.91 18.88 23.94
N ASP F 43 32.96 19.98 23.16
CA ASP F 43 31.80 20.73 22.70
C ASP F 43 31.28 20.30 21.34
N LYS F 44 31.91 19.26 20.74
CA LYS F 44 31.49 18.60 19.51
C LYS F 44 31.39 19.49 18.27
N LYS F 45 32.42 20.34 18.05
CA LYS F 45 32.51 21.16 16.85
C LYS F 45 33.61 20.73 15.90
N GLN F 46 34.64 19.99 16.37
CA GLN F 46 35.79 19.62 15.57
C GLN F 46 36.28 18.19 15.79
N ILE F 47 36.63 17.48 14.71
CA ILE F 47 37.36 16.21 14.74
C ILE F 47 38.82 16.43 15.07
N ILE F 48 39.31 15.83 16.17
CA ILE F 48 40.68 15.96 16.65
C ILE F 48 41.39 14.61 16.66
N VAL F 49 42.74 14.61 16.70
CA VAL F 49 43.52 13.40 16.93
C VAL F 49 43.44 12.99 18.39
N GLU F 50 42.97 11.77 18.72
CA GLU F 50 42.87 11.34 20.09
C GLU F 50 44.25 11.12 20.72
N GLU F 51 44.43 11.52 21.99
CA GLU F 51 45.75 11.83 22.53
C GLU F 51 46.67 10.63 22.71
N ALA F 52 46.17 9.55 23.34
CA ALA F 52 46.99 8.41 23.70
C ALA F 52 46.38 7.10 23.23
N LYS F 53 45.85 7.08 22.00
CA LYS F 53 45.41 5.86 21.35
C LYS F 53 45.97 5.84 19.93
N GLN F 54 47.19 5.26 19.79
CA GLN F 54 47.88 5.15 18.53
C GLN F 54 48.93 4.06 18.64
N ILE F 55 49.31 3.42 17.52
CA ILE F 55 50.33 2.39 17.47
C ILE F 55 51.44 2.90 16.60
N LEU F 56 52.69 2.94 17.08
CA LEU F 56 53.82 3.33 16.27
C LEU F 56 54.43 2.12 15.58
N VAL F 57 55.12 2.33 14.44
CA VAL F 57 55.82 1.29 13.69
C VAL F 57 56.98 0.70 14.50
N GLY F 58 57.64 1.54 15.33
CA GLY F 58 58.75 1.12 16.17
C GLY F 58 58.39 0.30 17.39
N ASP F 59 57.08 0.16 17.70
CA ASP F 59 56.66 -0.54 18.89
C ASP F 59 56.14 -1.95 18.53
N ILE F 60 56.18 -2.28 17.22
CA ILE F 60 55.85 -3.59 16.69
C ILE F 60 56.98 -4.59 16.90
N GLY F 61 56.66 -5.78 17.45
CA GLY F 61 57.57 -6.89 17.68
C GLY F 61 58.11 -6.94 19.09
N ASP F 62 57.76 -5.92 19.92
CA ASP F 62 58.19 -5.81 21.30
C ASP F 62 57.02 -5.73 22.27
N THR F 63 56.49 -4.53 22.53
CA THR F 63 55.28 -4.31 23.33
C THR F 63 54.03 -4.73 22.58
N VAL F 64 53.94 -4.36 21.29
CA VAL F 64 52.88 -4.82 20.41
C VAL F 64 53.38 -6.05 19.64
N GLU F 65 52.88 -7.25 19.98
CA GLU F 65 53.26 -8.48 19.33
C GLU F 65 52.80 -8.57 17.88
N ASP F 66 51.59 -8.06 17.59
CA ASP F 66 50.96 -8.12 16.29
C ASP F 66 50.25 -6.79 16.03
N PRO F 67 50.37 -6.14 14.89
CA PRO F 67 49.89 -4.77 14.72
C PRO F 67 48.38 -4.73 14.51
N TYR F 68 47.70 -5.87 14.27
CA TYR F 68 46.28 -5.88 14.03
C TYR F 68 45.51 -6.31 15.27
N THR F 69 45.99 -7.33 16.01
CA THR F 69 45.34 -7.76 17.24
C THR F 69 45.43 -6.69 18.31
N ALA F 70 46.50 -5.89 18.33
CA ALA F 70 46.65 -4.79 19.25
C ALA F 70 45.99 -3.49 18.76
N PHE F 71 45.38 -3.49 17.57
CA PHE F 71 44.57 -2.38 17.09
C PHE F 71 43.10 -2.54 17.48
N VAL F 72 42.57 -3.77 17.51
CA VAL F 72 41.20 -4.03 17.90
C VAL F 72 40.96 -3.68 19.36
N LYS F 73 42.00 -3.85 20.22
CA LYS F 73 41.94 -3.50 21.62
C LYS F 73 41.97 -2.00 21.92
N LEU F 74 42.38 -1.13 20.96
CA LEU F 74 42.30 0.31 21.16
C LEU F 74 40.88 0.83 21.19
N LEU F 75 40.02 0.33 20.27
CA LEU F 75 38.69 0.81 20.03
C LEU F 75 37.73 0.67 21.24
N PRO F 76 37.00 1.69 21.67
CA PRO F 76 36.07 1.57 22.80
C PRO F 76 34.78 0.89 22.36
N LEU F 77 34.17 0.04 23.20
CA LEU F 77 33.04 -0.76 22.78
C LEU F 77 31.69 -0.09 23.03
N ASN F 78 31.69 1.08 23.70
CA ASN F 78 30.49 1.80 24.06
C ASN F 78 30.50 3.22 23.47
N ASP F 79 31.39 3.49 22.52
CA ASP F 79 31.49 4.80 21.89
C ASP F 79 32.05 4.62 20.48
N CYS F 80 31.94 5.64 19.64
CA CYS F 80 32.27 5.60 18.23
C CYS F 80 33.57 6.32 17.91
N ARG F 81 34.28 5.91 16.84
CA ARG F 81 35.55 6.49 16.43
C ARG F 81 35.75 6.42 14.93
N TYR F 82 36.53 7.36 14.36
CA TYR F 82 37.20 7.09 13.11
C TYR F 82 38.58 6.52 13.41
N ALA F 83 39.13 5.76 12.47
CA ALA F 83 40.46 5.22 12.63
C ALA F 83 41.14 5.18 11.28
N LEU F 84 42.44 4.91 11.29
CA LEU F 84 43.26 5.01 10.10
C LEU F 84 44.43 4.07 10.24
N TYR F 85 44.40 2.95 9.50
CA TYR F 85 45.28 1.82 9.70
C TYR F 85 46.14 1.58 8.46
N ASP F 86 47.48 1.55 8.59
CA ASP F 86 48.40 1.32 7.50
C ASP F 86 48.67 -0.18 7.33
N ALA F 87 47.94 -0.84 6.41
CA ALA F 87 47.93 -2.27 6.26
C ALA F 87 49.09 -2.80 5.43
N THR F 88 49.61 -3.99 5.78
CA THR F 88 50.70 -4.62 5.06
C THR F 88 50.24 -5.98 4.58
N TYR F 89 49.99 -6.13 3.26
CA TYR F 89 49.42 -7.34 2.73
C TYR F 89 50.05 -7.78 1.43
N GLU F 90 50.25 -9.10 1.28
CA GLU F 90 50.79 -9.71 0.09
C GLU F 90 49.67 -10.43 -0.65
N THR F 91 49.46 -10.10 -1.93
CA THR F 91 48.49 -10.77 -2.77
C THR F 91 49.14 -11.96 -3.45
N LYS F 92 48.45 -12.64 -4.38
CA LYS F 92 49.00 -13.78 -5.09
C LYS F 92 50.23 -13.43 -5.94
N GLU F 93 50.20 -12.28 -6.65
CA GLU F 93 51.27 -11.89 -7.55
C GLU F 93 52.16 -10.76 -7.04
N SER F 94 51.75 -10.02 -5.98
CA SER F 94 52.39 -8.74 -5.65
C SER F 94 52.38 -8.46 -4.17
N LYS F 95 53.39 -7.74 -3.65
CA LYS F 95 53.46 -7.34 -2.26
C LYS F 95 53.16 -5.87 -2.09
N LYS F 96 52.08 -5.53 -1.36
CA LYS F 96 51.49 -4.21 -1.38
C LYS F 96 51.51 -3.59 0.00
N GLU F 97 51.13 -2.31 0.09
CA GLU F 97 51.02 -1.62 1.36
C GLU F 97 50.14 -0.39 1.17
N ASP F 98 48.90 -0.42 1.68
CA ASP F 98 47.93 0.65 1.53
C ASP F 98 47.31 0.97 2.87
N LEU F 99 46.59 2.11 2.99
CA LEU F 99 46.05 2.54 4.27
C LEU F 99 44.54 2.68 4.25
N VAL F 100 43.91 2.19 5.32
CA VAL F 100 42.50 1.84 5.40
C VAL F 100 41.80 2.80 6.35
N PHE F 101 40.68 3.40 5.92
CA PHE F 101 39.84 4.25 6.71
C PHE F 101 38.77 3.42 7.39
N ILE F 102 38.75 3.39 8.72
CA ILE F 102 37.80 2.60 9.48
C ILE F 102 36.83 3.52 10.18
N PHE F 103 35.54 3.37 9.88
CA PHE F 103 34.48 4.05 10.58
C PHE F 103 33.90 3.07 11.60
N TRP F 104 34.31 3.19 12.87
CA TRP F 104 33.85 2.34 13.94
C TRP F 104 32.64 2.99 14.61
N ALA F 105 31.50 2.27 14.64
CA ALA F 105 30.30 2.76 15.27
C ALA F 105 29.50 1.60 15.85
N PRO F 106 29.82 1.09 17.04
CA PRO F 106 29.21 -0.11 17.57
C PRO F 106 27.74 0.06 17.90
N GLU F 107 27.00 -1.05 18.00
CA GLU F 107 25.57 -1.04 18.22
C GLU F 107 25.21 -0.69 19.66
N SER F 108 26.20 -0.72 20.58
CA SER F 108 26.02 -0.39 21.98
C SER F 108 26.32 1.06 22.30
N ALA F 109 26.66 1.90 21.29
CA ALA F 109 26.93 3.30 21.47
C ALA F 109 25.64 4.14 21.56
N PRO F 110 25.59 5.30 22.21
CA PRO F 110 24.39 6.13 22.28
C PRO F 110 24.12 6.86 20.97
N LEU F 111 22.86 7.24 20.67
CA LEU F 111 22.51 7.77 19.36
C LEU F 111 23.09 9.13 19.07
N LYS F 112 23.47 9.91 20.11
CA LYS F 112 24.06 11.21 19.92
C LYS F 112 25.53 11.12 19.55
N SER F 113 26.14 9.92 19.68
CA SER F 113 27.49 9.68 19.20
C SER F 113 27.49 8.82 17.94
N LYS F 114 26.32 8.27 17.53
CA LYS F 114 26.25 7.48 16.30
C LYS F 114 25.80 8.36 15.15
N MET F 115 24.85 9.29 15.38
CA MET F 115 24.41 10.26 14.38
C MET F 115 25.45 11.31 14.04
N ILE F 116 26.27 11.74 15.01
CA ILE F 116 27.13 12.89 14.79
C ILE F 116 28.41 12.54 14.04
N TYR F 117 28.79 11.24 13.98
CA TYR F 117 29.89 10.81 13.13
C TYR F 117 29.41 10.36 11.78
N ALA F 118 28.18 9.81 11.63
CA ALA F 118 27.69 9.41 10.33
C ALA F 118 27.43 10.59 9.38
N SER F 119 27.02 11.75 9.93
CA SER F 119 26.85 12.98 9.17
C SER F 119 28.14 13.76 8.96
N SER F 120 29.19 13.46 9.73
CA SER F 120 30.48 14.14 9.65
C SER F 120 31.54 13.34 8.90
N LYS F 121 31.23 12.09 8.48
CA LYS F 121 32.14 11.25 7.75
C LYS F 121 32.54 11.81 6.39
N ASP F 122 31.60 12.42 5.65
CA ASP F 122 31.88 13.01 4.35
C ASP F 122 32.74 14.26 4.49
N ALA F 123 32.69 14.93 5.65
CA ALA F 123 33.50 16.10 5.92
C ALA F 123 34.95 15.79 6.29
N ILE F 124 35.28 14.55 6.69
CA ILE F 124 36.67 14.16 6.93
C ILE F 124 37.20 13.22 5.87
N LYS F 125 36.35 12.58 5.05
CA LYS F 125 36.81 11.79 3.93
C LYS F 125 37.28 12.65 2.77
N LYS F 126 36.55 13.72 2.41
CA LYS F 126 36.92 14.67 1.36
C LYS F 126 38.32 15.27 1.51
N LYS F 127 38.75 15.56 2.76
CA LYS F 127 40.07 16.08 3.05
C LYS F 127 41.17 15.03 3.01
N PHE F 128 40.83 13.74 3.06
CA PHE F 128 41.77 12.64 2.91
C PHE F 128 41.85 12.20 1.46
N THR F 129 42.69 12.89 0.65
CA THR F 129 42.87 12.58 -0.76
C THR F 129 43.49 11.20 -1.00
N GLY F 130 42.93 10.39 -1.90
CA GLY F 130 43.59 9.17 -2.39
C GLY F 130 43.48 7.95 -1.51
N ILE F 131 42.71 8.01 -0.42
CA ILE F 131 42.48 6.88 0.46
C ILE F 131 41.46 5.89 -0.14
N LYS F 132 41.90 4.66 -0.45
CA LYS F 132 41.10 3.77 -1.27
C LYS F 132 40.12 2.93 -0.47
N HIS F 133 40.60 2.31 0.62
CA HIS F 133 39.80 1.34 1.35
C HIS F 133 39.04 1.97 2.50
N GLU F 134 37.77 2.31 2.25
CA GLU F 134 36.80 2.57 3.30
C GLU F 134 36.25 1.29 3.88
N TRP F 135 36.02 1.24 5.20
CA TRP F 135 35.46 0.08 5.84
C TRP F 135 34.65 0.52 7.05
N GLN F 136 33.30 0.59 6.92
CA GLN F 136 32.48 0.82 8.10
C GLN F 136 32.41 -0.46 8.91
N VAL F 137 32.52 -0.34 10.24
CA VAL F 137 32.43 -1.45 11.15
C VAL F 137 31.43 -1.09 12.22
N ASN F 138 30.52 -2.02 12.54
CA ASN F 138 29.61 -1.86 13.64
C ASN F 138 29.97 -2.84 14.74
N GLY F 139 29.51 -4.10 14.67
CA GLY F 139 29.84 -5.11 15.68
C GLY F 139 31.31 -5.44 15.83
N LEU F 140 31.72 -5.86 17.04
CA LEU F 140 33.08 -6.32 17.34
C LEU F 140 33.49 -7.52 16.51
N ASP F 141 32.60 -8.52 16.40
CA ASP F 141 32.77 -9.75 15.65
C ASP F 141 33.16 -9.56 14.17
N ASP F 142 32.79 -8.43 13.55
CA ASP F 142 33.15 -8.10 12.19
C ASP F 142 34.57 -7.58 12.03
N ILE F 143 35.22 -7.03 13.08
CA ILE F 143 36.58 -6.49 13.00
C ILE F 143 37.59 -7.33 13.74
N LYS F 144 37.16 -8.13 14.73
CA LYS F 144 38.04 -8.86 15.64
C LYS F 144 38.94 -9.88 14.96
N ASP F 145 38.38 -10.68 14.04
CA ASP F 145 39.10 -11.68 13.27
C ASP F 145 40.07 -11.03 12.26
N ARG F 146 41.17 -11.72 11.89
CA ARG F 146 42.17 -11.18 11.00
C ARG F 146 41.72 -11.29 9.55
N SER F 147 40.92 -12.33 9.25
CA SER F 147 40.46 -12.64 7.91
C SER F 147 39.45 -11.63 7.38
N THR F 148 38.75 -10.90 8.27
CA THR F 148 37.75 -9.93 7.84
C THR F 148 38.31 -8.58 7.44
N LEU F 149 39.60 -8.29 7.71
CA LEU F 149 40.27 -7.18 7.07
C LEU F 149 40.70 -7.56 5.66
N GLY F 150 41.25 -8.79 5.47
CA GLY F 150 41.66 -9.25 4.15
C GLY F 150 40.53 -9.51 3.20
N GLU F 151 39.31 -9.66 3.73
CA GLU F 151 38.07 -9.71 2.98
C GLU F 151 37.74 -8.40 2.29
N LYS F 152 37.92 -7.24 2.97
CA LYS F 152 37.69 -5.95 2.35
C LYS F 152 38.80 -5.56 1.39
N LEU F 153 40.06 -5.87 1.75
CA LEU F 153 41.25 -5.52 0.97
C LEU F 153 41.34 -6.20 -0.39
N GLY F 154 41.28 -7.55 -0.45
CA GLY F 154 41.23 -8.24 -1.73
C GLY F 154 40.24 -9.36 -1.87
N GLY F 155 39.47 -9.69 -0.82
CA GLY F 155 38.58 -10.86 -0.85
C GLY F 155 39.32 -12.17 -0.75
N ASN F 156 39.51 -12.86 -1.90
CA ASN F 156 40.12 -14.17 -1.96
C ASN F 156 41.55 -14.13 -2.49
N VAL F 157 42.09 -12.95 -2.87
CA VAL F 157 43.42 -12.87 -3.47
C VAL F 157 44.51 -12.52 -2.46
N VAL F 158 44.16 -12.16 -1.21
CA VAL F 158 45.16 -11.92 -0.17
C VAL F 158 45.70 -13.26 0.33
N VAL F 159 47.04 -13.39 0.52
CA VAL F 159 47.62 -14.64 1.00
C VAL F 159 48.42 -14.46 2.28
N SER F 160 48.78 -13.23 2.66
CA SER F 160 49.52 -12.99 3.89
C SER F 160 49.25 -11.59 4.38
N LEU F 161 48.62 -11.45 5.55
CA LEU F 161 48.23 -10.18 6.13
C LEU F 161 49.02 -9.93 7.40
N GLU F 162 49.86 -8.89 7.40
CA GLU F 162 50.75 -8.50 8.49
C GLU F 162 51.77 -9.59 8.84
N GLY F 163 52.21 -10.35 7.82
CA GLY F 163 53.25 -11.37 7.90
C GLY F 163 52.73 -12.76 8.18
N LYS F 164 51.49 -12.88 8.68
CA LYS F 164 50.85 -14.14 9.01
C LYS F 164 49.99 -14.68 7.87
N PRO F 165 50.03 -15.95 7.50
CA PRO F 165 49.23 -16.47 6.39
C PRO F 165 47.76 -16.61 6.79
N LEU F 166 46.85 -16.47 5.81
CA LEU F 166 45.42 -16.60 6.02
C LEU F 166 44.92 -18.02 5.60
N SER G 3 -20.59 -29.54 -11.33
CA SER G 3 -21.99 -29.49 -10.77
C SER G 3 -23.07 -30.01 -11.70
N GLY G 4 -23.01 -31.30 -12.10
CA GLY G 4 -24.02 -31.94 -12.92
C GLY G 4 -23.54 -32.33 -14.30
N VAL G 5 -24.20 -31.77 -15.34
CA VAL G 5 -24.14 -32.15 -16.74
C VAL G 5 -22.75 -32.23 -17.37
N THR G 6 -22.50 -33.27 -18.21
CA THR G 6 -21.32 -33.40 -19.07
C THR G 6 -21.62 -33.09 -20.52
N VAL G 7 -20.60 -32.72 -21.32
CA VAL G 7 -20.79 -32.38 -22.73
C VAL G 7 -20.61 -33.64 -23.58
N ASN G 8 -21.48 -33.85 -24.60
CA ASN G 8 -21.40 -34.97 -25.51
C ASN G 8 -20.21 -34.87 -26.47
N ASP G 9 -19.69 -36.02 -26.96
CA ASP G 9 -18.52 -36.02 -27.84
C ASP G 9 -18.81 -35.56 -29.26
N GLU G 10 -20.10 -35.44 -29.65
CA GLU G 10 -20.47 -34.83 -30.92
C GLU G 10 -20.35 -33.32 -30.90
N VAL G 11 -20.35 -32.69 -29.71
CA VAL G 11 -20.08 -31.26 -29.54
C VAL G 11 -18.62 -30.94 -29.79
N ILE G 12 -17.70 -31.78 -29.26
CA ILE G 12 -16.26 -31.55 -29.36
C ILE G 12 -15.76 -31.72 -30.80
N LYS G 13 -16.40 -32.60 -31.58
CA LYS G 13 -16.15 -32.76 -32.99
C LYS G 13 -16.58 -31.55 -33.83
N VAL G 14 -17.68 -30.87 -33.44
CA VAL G 14 -18.14 -29.64 -34.07
C VAL G 14 -17.24 -28.47 -33.72
N PHE G 15 -16.70 -28.44 -32.49
CA PHE G 15 -15.74 -27.43 -32.07
C PHE G 15 -14.40 -27.57 -32.81
N ASN G 16 -13.90 -28.81 -33.03
CA ASN G 16 -12.68 -29.03 -33.79
C ASN G 16 -12.82 -28.82 -35.29
N ASP G 17 -14.05 -28.78 -35.84
CA ASP G 17 -14.28 -28.33 -37.20
C ASP G 17 -14.26 -26.80 -37.32
N MET G 18 -14.42 -26.06 -36.21
CA MET G 18 -14.40 -24.61 -36.22
C MET G 18 -13.07 -24.02 -35.77
N LYS G 19 -12.47 -24.52 -34.68
CA LYS G 19 -11.24 -23.93 -34.16
C LYS G 19 -10.04 -24.07 -35.07
N VAL G 20 -9.79 -25.27 -35.62
CA VAL G 20 -8.70 -25.49 -36.55
C VAL G 20 -9.30 -25.85 -37.89
N ARG G 21 -9.19 -24.95 -38.87
CA ARG G 21 -9.58 -25.23 -40.23
C ARG G 21 -8.40 -25.81 -40.99
N LYS G 22 -8.67 -26.44 -42.13
CA LYS G 22 -7.67 -27.18 -42.86
C LYS G 22 -8.00 -27.18 -44.33
N SER G 23 -7.09 -27.68 -45.20
CA SER G 23 -7.20 -27.59 -46.65
C SER G 23 -8.48 -28.18 -47.19
N SER G 24 -9.20 -27.40 -48.00
CA SER G 24 -10.58 -27.68 -48.35
C SER G 24 -10.84 -27.34 -49.79
N THR G 25 -11.62 -28.19 -50.47
CA THR G 25 -12.20 -27.93 -51.78
C THR G 25 -13.18 -26.75 -51.73
N PRO G 26 -13.51 -26.05 -52.81
CA PRO G 26 -14.46 -24.93 -52.78
C PRO G 26 -15.86 -25.39 -52.39
N GLU G 27 -16.23 -26.67 -52.62
CA GLU G 27 -17.42 -27.27 -52.04
C GLU G 27 -17.37 -27.43 -50.52
N GLU G 28 -16.26 -27.93 -49.94
CA GLU G 28 -16.18 -28.22 -48.52
C GLU G 28 -15.97 -26.98 -47.65
N ILE G 29 -15.38 -25.90 -48.19
CA ILE G 29 -15.20 -24.67 -47.43
C ILE G 29 -16.49 -23.88 -47.31
N LYS G 30 -17.49 -24.24 -48.13
CA LYS G 30 -18.85 -23.76 -48.01
C LYS G 30 -19.73 -24.66 -47.13
N LYS G 31 -19.13 -25.63 -46.42
CA LYS G 31 -19.83 -26.45 -45.44
C LYS G 31 -19.22 -26.34 -44.05
N ARG G 32 -18.27 -25.41 -43.82
CA ARG G 32 -17.87 -25.00 -42.49
C ARG G 32 -18.96 -24.16 -41.81
N LYS G 33 -19.00 -24.14 -40.47
CA LYS G 33 -20.08 -23.55 -39.70
C LYS G 33 -19.74 -22.17 -39.16
N LYS G 34 -20.54 -21.14 -39.52
CA LYS G 34 -20.34 -19.78 -39.07
C LYS G 34 -20.95 -19.54 -37.70
N ALA G 35 -22.02 -20.29 -37.35
CA ALA G 35 -22.68 -20.17 -36.07
C ALA G 35 -23.39 -21.46 -35.69
N VAL G 36 -23.19 -21.97 -34.45
CA VAL G 36 -23.77 -23.21 -33.97
C VAL G 36 -24.45 -23.01 -32.61
N LEU G 37 -25.65 -23.59 -32.37
CA LEU G 37 -26.31 -23.57 -31.07
C LEU G 37 -26.23 -24.93 -30.34
N PHE G 38 -25.75 -24.95 -29.08
CA PHE G 38 -25.72 -26.15 -28.25
C PHE G 38 -26.85 -26.12 -27.22
N CYS G 39 -27.57 -27.24 -27.04
CA CYS G 39 -28.75 -27.37 -26.19
C CYS G 39 -28.58 -28.53 -25.22
N LEU G 40 -29.63 -28.89 -24.48
CA LEU G 40 -29.65 -29.97 -23.51
C LEU G 40 -30.61 -31.04 -23.99
N SER G 41 -30.30 -32.31 -23.69
CA SER G 41 -31.12 -33.45 -24.09
C SER G 41 -32.40 -33.52 -23.27
N ASP G 42 -33.37 -34.37 -23.67
CA ASP G 42 -34.70 -34.44 -23.09
C ASP G 42 -34.74 -34.78 -21.59
N ASP G 43 -33.82 -35.65 -21.12
CA ASP G 43 -33.67 -36.03 -19.74
C ASP G 43 -32.64 -35.19 -18.99
N LYS G 44 -32.05 -34.19 -19.66
CA LYS G 44 -31.15 -33.19 -19.10
C LYS G 44 -29.88 -33.72 -18.43
N LYS G 45 -29.20 -34.70 -19.07
CA LYS G 45 -27.93 -35.21 -18.60
C LYS G 45 -26.75 -34.80 -19.46
N GLN G 46 -26.96 -34.41 -20.74
CA GLN G 46 -25.88 -34.11 -21.67
C GLN G 46 -26.16 -32.90 -22.56
N ILE G 47 -25.14 -32.04 -22.75
CA ILE G 47 -25.12 -30.98 -23.77
C ILE G 47 -24.92 -31.57 -25.16
N ILE G 48 -25.86 -31.36 -26.08
CA ILE G 48 -25.84 -31.86 -27.44
C ILE G 48 -25.82 -30.72 -28.46
N VAL G 49 -25.40 -31.01 -29.71
CA VAL G 49 -25.55 -30.06 -30.82
C VAL G 49 -27.00 -30.00 -31.27
N GLU G 50 -27.65 -28.82 -31.25
CA GLU G 50 -29.04 -28.72 -31.67
C GLU G 50 -29.19 -28.92 -33.18
N GLU G 51 -30.25 -29.64 -33.60
CA GLU G 51 -30.26 -30.32 -34.88
C GLU G 51 -30.31 -29.40 -36.10
N ALA G 52 -31.23 -28.43 -36.12
CA ALA G 52 -31.48 -27.60 -37.27
C ALA G 52 -31.44 -26.11 -36.92
N LYS G 53 -30.48 -25.71 -36.08
CA LYS G 53 -30.20 -24.30 -35.82
C LYS G 53 -28.71 -24.06 -35.94
N GLN G 54 -28.27 -23.73 -37.17
CA GLN G 54 -26.89 -23.46 -37.48
C GLN G 54 -26.81 -22.67 -38.77
N ILE G 55 -25.74 -21.88 -38.96
CA ILE G 55 -25.52 -21.08 -40.15
C ILE G 55 -24.24 -21.59 -40.80
N LEU G 56 -24.28 -21.99 -42.08
CA LEU G 56 -23.09 -22.40 -42.79
C LEU G 56 -22.43 -21.22 -43.47
N VAL G 57 -21.11 -21.29 -43.73
CA VAL G 57 -20.35 -20.27 -44.44
C VAL G 57 -20.80 -20.13 -45.89
N GLY G 58 -21.21 -21.25 -46.51
CA GLY G 58 -21.71 -21.27 -47.89
C GLY G 58 -23.08 -20.70 -48.11
N ASP G 59 -23.83 -20.38 -47.04
CA ASP G 59 -25.19 -19.90 -47.17
C ASP G 59 -25.24 -18.39 -46.96
N ILE G 60 -24.07 -17.76 -46.71
CA ILE G 60 -23.90 -16.32 -46.61
C ILE G 60 -23.87 -15.65 -47.98
N GLY G 61 -24.68 -14.58 -48.15
CA GLY G 61 -24.76 -13.77 -49.36
C GLY G 61 -25.89 -14.16 -50.26
N ASP G 62 -26.61 -15.24 -49.91
CA ASP G 62 -27.74 -15.75 -50.67
C ASP G 62 -29.03 -15.83 -49.84
N THR G 63 -29.26 -16.93 -49.11
CA THR G 63 -30.37 -17.07 -48.18
C THR G 63 -30.15 -16.25 -46.92
N VAL G 64 -28.93 -16.28 -46.36
CA VAL G 64 -28.52 -15.42 -45.27
C VAL G 64 -27.84 -14.19 -45.83
N GLU G 65 -28.52 -13.03 -45.78
CA GLU G 65 -27.98 -11.77 -46.27
C GLU G 65 -26.80 -11.25 -45.45
N ASP G 66 -26.84 -11.44 -44.12
CA ASP G 66 -25.86 -10.93 -43.19
C ASP G 66 -25.66 -12.00 -42.11
N PRO G 67 -24.45 -12.38 -41.72
CA PRO G 67 -24.23 -13.54 -40.86
C PRO G 67 -24.54 -13.23 -39.41
N TYR G 68 -24.73 -11.95 -39.02
CA TYR G 68 -24.97 -11.60 -37.63
C TYR G 68 -26.44 -11.32 -37.41
N THR G 69 -27.13 -10.63 -38.33
CA THR G 69 -28.57 -10.37 -38.19
C THR G 69 -29.37 -11.66 -38.30
N ALA G 70 -28.89 -12.64 -39.09
CA ALA G 70 -29.53 -13.94 -39.18
C ALA G 70 -29.09 -14.92 -38.10
N PHE G 71 -28.19 -14.52 -37.19
CA PHE G 71 -27.84 -15.30 -36.02
C PHE G 71 -28.71 -14.95 -34.81
N VAL G 72 -29.11 -13.67 -34.65
CA VAL G 72 -29.97 -13.24 -33.57
C VAL G 72 -31.36 -13.87 -33.69
N LYS G 73 -31.84 -14.11 -34.92
CA LYS G 73 -33.10 -14.76 -35.18
C LYS G 73 -33.13 -16.26 -34.90
N LEU G 74 -31.97 -16.95 -34.77
CA LEU G 74 -31.95 -18.35 -34.38
C LEU G 74 -32.38 -18.57 -32.93
N LEU G 75 -31.89 -17.71 -32.02
CA LEU G 75 -32.03 -17.84 -30.59
C LEU G 75 -33.49 -17.79 -30.10
N PRO G 76 -33.98 -18.73 -29.27
CA PRO G 76 -35.35 -18.69 -28.77
C PRO G 76 -35.48 -17.67 -27.65
N LEU G 77 -36.60 -16.93 -27.55
CA LEU G 77 -36.72 -15.84 -26.58
C LEU G 77 -37.29 -16.28 -25.25
N ASN G 78 -37.73 -17.55 -25.13
CA ASN G 78 -38.35 -18.08 -23.92
C ASN G 78 -37.58 -19.28 -23.39
N ASP G 79 -36.35 -19.50 -23.87
CA ASP G 79 -35.52 -20.62 -23.44
C ASP G 79 -34.06 -20.22 -23.60
N CYS G 80 -33.15 -20.99 -22.98
CA CYS G 80 -31.74 -20.68 -22.90
C CYS G 80 -30.90 -21.55 -23.83
N ARG G 81 -29.73 -21.06 -24.26
CA ARG G 81 -28.83 -21.77 -25.16
C ARG G 81 -27.39 -21.39 -24.94
N TYR G 82 -26.45 -22.31 -25.24
CA TYR G 82 -25.10 -21.90 -25.58
C TYR G 82 -25.01 -21.70 -27.08
N ALA G 83 -24.08 -20.87 -27.54
CA ALA G 83 -23.87 -20.67 -28.94
C ALA G 83 -22.39 -20.45 -29.19
N LEU G 84 -22.00 -20.46 -30.46
CA LEU G 84 -20.62 -20.44 -30.85
C LEU G 84 -20.50 -19.81 -32.22
N TYR G 85 -20.00 -18.57 -32.28
CA TYR G 85 -20.07 -17.72 -33.45
C TYR G 85 -18.67 -17.36 -33.95
N ASP G 86 -18.35 -17.65 -35.23
CA ASP G 86 -17.05 -17.36 -35.83
C ASP G 86 -17.06 -15.94 -36.42
N ALA G 87 -16.54 -14.95 -35.66
CA ALA G 87 -16.64 -13.55 -35.99
C ALA G 87 -15.56 -13.09 -36.96
N THR G 88 -15.90 -12.15 -37.85
CA THR G 88 -14.95 -11.59 -38.82
C THR G 88 -14.88 -10.11 -38.62
N TYR G 89 -13.76 -9.61 -38.05
CA TYR G 89 -13.66 -8.20 -37.70
C TYR G 89 -12.30 -7.61 -38.03
N GLU G 90 -12.31 -6.36 -38.50
CA GLU G 90 -11.12 -5.61 -38.83
C GLU G 90 -10.92 -4.53 -37.78
N THR G 91 -9.74 -4.50 -37.13
CA THR G 91 -9.39 -3.47 -36.17
C THR G 91 -8.73 -2.31 -36.90
N LYS G 92 -8.20 -1.31 -36.17
CA LYS G 92 -7.53 -0.17 -36.78
C LYS G 92 -6.28 -0.56 -37.58
N GLU G 93 -5.45 -1.47 -37.04
CA GLU G 93 -4.20 -1.85 -37.67
C GLU G 93 -4.20 -3.22 -38.33
N SER G 94 -5.19 -4.10 -38.05
CA SER G 94 -5.09 -5.51 -38.40
C SER G 94 -6.43 -6.13 -38.75
N LYS G 95 -6.45 -7.14 -39.63
CA LYS G 95 -7.67 -7.85 -39.99
C LYS G 95 -7.70 -9.24 -39.37
N LYS G 96 -8.67 -9.51 -38.49
CA LYS G 96 -8.65 -10.63 -37.60
C LYS G 96 -9.82 -11.56 -37.84
N GLU G 97 -9.83 -12.73 -37.19
CA GLU G 97 -10.95 -13.65 -37.26
C GLU G 97 -10.87 -14.60 -36.07
N ASP G 98 -11.77 -14.44 -35.08
CA ASP G 98 -11.77 -15.23 -33.86
C ASP G 98 -13.18 -15.72 -33.59
N LEU G 99 -13.35 -16.68 -32.66
CA LEU G 99 -14.65 -17.28 -32.41
C LEU G 99 -15.11 -17.11 -30.98
N VAL G 100 -16.40 -16.76 -30.83
CA VAL G 100 -16.99 -16.18 -29.65
C VAL G 100 -17.97 -17.16 -29.02
N PHE G 101 -17.84 -17.41 -27.71
CA PHE G 101 -18.73 -18.24 -26.94
C PHE G 101 -19.84 -17.38 -26.36
N ILE G 102 -21.10 -17.67 -26.74
CA ILE G 102 -22.24 -16.89 -26.28
C ILE G 102 -23.07 -17.74 -25.34
N PHE G 103 -23.24 -17.27 -24.11
CA PHE G 103 -24.14 -17.86 -23.15
C PHE G 103 -25.44 -17.05 -23.18
N TRP G 104 -26.46 -17.55 -23.88
CA TRP G 104 -27.75 -16.90 -23.99
C TRP G 104 -28.66 -17.42 -22.89
N ALA G 105 -29.18 -16.53 -22.04
CA ALA G 105 -30.10 -16.89 -20.99
C ALA G 105 -31.08 -15.76 -20.73
N PRO G 106 -32.16 -15.62 -21.49
CA PRO G 106 -33.05 -14.48 -21.40
C PRO G 106 -33.81 -14.42 -20.09
N GLU G 107 -34.34 -13.24 -19.74
CA GLU G 107 -35.02 -13.01 -18.49
C GLU G 107 -36.42 -13.62 -18.47
N SER G 108 -36.95 -13.99 -19.66
CA SER G 108 -38.26 -14.60 -19.81
C SER G 108 -38.22 -16.12 -19.78
N ALA G 109 -37.04 -16.74 -19.59
CA ALA G 109 -36.90 -18.18 -19.52
C ALA G 109 -37.28 -18.73 -18.12
N PRO G 110 -37.70 -19.99 -17.96
CA PRO G 110 -38.06 -20.54 -16.66
C PRO G 110 -36.81 -20.88 -15.85
N LEU G 111 -36.90 -20.92 -14.49
CA LEU G 111 -35.71 -21.04 -13.66
C LEU G 111 -35.03 -22.39 -13.74
N LYS G 112 -35.75 -23.45 -14.19
CA LYS G 112 -35.17 -24.77 -14.33
C LYS G 112 -34.35 -24.90 -15.61
N SER G 113 -34.45 -23.90 -16.52
CA SER G 113 -33.60 -23.83 -17.69
C SER G 113 -32.56 -22.71 -17.55
N LYS G 114 -32.65 -21.86 -16.51
CA LYS G 114 -31.66 -20.82 -16.30
C LYS G 114 -30.60 -21.29 -15.32
N MET G 115 -30.98 -22.03 -14.27
CA MET G 115 -30.06 -22.64 -13.33
C MET G 115 -29.23 -23.76 -13.90
N ILE G 116 -29.78 -24.56 -14.83
CA ILE G 116 -29.11 -25.78 -15.25
C ILE G 116 -28.05 -25.52 -16.31
N TYR G 117 -28.07 -24.36 -16.98
CA TYR G 117 -26.99 -23.98 -17.87
C TYR G 117 -25.94 -23.13 -17.15
N ALA G 118 -26.31 -22.33 -16.13
CA ALA G 118 -25.33 -21.54 -15.40
C ALA G 118 -24.35 -22.38 -14.59
N SER G 119 -24.80 -23.53 -14.06
CA SER G 119 -23.97 -24.50 -13.36
C SER G 119 -23.22 -25.45 -14.28
N SER G 120 -23.62 -25.55 -15.56
CA SER G 120 -23.02 -26.44 -16.54
C SER G 120 -22.09 -25.72 -17.50
N LYS G 121 -22.00 -24.38 -17.43
CA LYS G 121 -21.15 -23.58 -18.28
C LYS G 121 -19.67 -23.87 -18.12
N ASP G 122 -19.20 -24.09 -16.88
CA ASP G 122 -17.81 -24.41 -16.61
C ASP G 122 -17.45 -25.81 -17.11
N ALA G 123 -18.43 -26.71 -17.21
CA ALA G 123 -18.24 -28.05 -17.73
C ALA G 123 -18.14 -28.13 -19.25
N ILE G 124 -18.60 -27.10 -20.01
CA ILE G 124 -18.43 -27.07 -21.46
C ILE G 124 -17.41 -26.04 -21.89
N LYS G 125 -17.03 -25.07 -21.03
CA LYS G 125 -15.96 -24.14 -21.35
C LYS G 125 -14.59 -24.79 -21.23
N LYS G 126 -14.33 -25.58 -20.16
CA LYS G 126 -13.08 -26.31 -19.95
C LYS G 126 -12.66 -27.20 -21.13
N LYS G 127 -13.64 -27.84 -21.81
CA LYS G 127 -13.38 -28.69 -22.96
C LYS G 127 -13.14 -27.90 -24.26
N PHE G 128 -13.51 -26.60 -24.29
CA PHE G 128 -13.23 -25.73 -25.40
C PHE G 128 -11.92 -24.98 -25.18
N THR G 129 -10.78 -25.60 -25.54
CA THR G 129 -9.46 -25.02 -25.39
C THR G 129 -9.25 -23.79 -26.26
N GLY G 130 -8.71 -22.68 -25.70
CA GLY G 130 -8.24 -21.55 -26.49
C GLY G 130 -9.28 -20.57 -26.96
N ILE G 131 -10.55 -20.73 -26.55
CA ILE G 131 -11.62 -19.80 -26.89
C ILE G 131 -11.56 -18.53 -26.03
N LYS G 132 -11.32 -17.37 -26.68
CA LYS G 132 -10.97 -16.16 -25.95
C LYS G 132 -12.16 -15.35 -25.50
N HIS G 133 -13.12 -15.12 -26.41
CA HIS G 133 -14.22 -14.22 -26.14
C HIS G 133 -15.43 -14.92 -25.60
N GLU G 134 -15.58 -14.93 -24.27
CA GLU G 134 -16.83 -15.23 -23.60
C GLU G 134 -17.76 -14.03 -23.60
N TRP G 135 -19.07 -14.25 -23.79
CA TRP G 135 -20.03 -13.18 -23.76
C TRP G 135 -21.35 -13.72 -23.23
N GLN G 136 -21.68 -13.49 -21.95
CA GLN G 136 -23.02 -13.81 -21.46
C GLN G 136 -23.99 -12.77 -21.97
N VAL G 137 -25.17 -13.22 -22.41
CA VAL G 137 -26.21 -12.35 -22.90
C VAL G 137 -27.49 -12.74 -22.17
N ASN G 138 -28.24 -11.75 -21.68
CA ASN G 138 -29.54 -11.98 -21.10
C ASN G 138 -30.59 -11.38 -22.02
N GLY G 139 -30.88 -10.07 -21.91
CA GLY G 139 -31.88 -9.41 -22.77
C GLY G 139 -31.57 -9.43 -24.25
N LEU G 140 -32.63 -9.38 -25.10
CA LEU G 140 -32.52 -9.30 -26.54
C LEU G 140 -31.80 -8.04 -27.00
N ASP G 141 -32.16 -6.89 -26.42
CA ASP G 141 -31.59 -5.58 -26.69
C ASP G 141 -30.07 -5.49 -26.58
N ASP G 142 -29.43 -6.35 -25.75
CA ASP G 142 -27.99 -6.41 -25.61
C ASP G 142 -27.29 -7.17 -26.74
N ILE G 143 -27.97 -8.06 -27.49
CA ILE G 143 -27.34 -8.83 -28.57
C ILE G 143 -27.83 -8.40 -29.95
N LYS G 144 -29.03 -7.79 -30.04
CA LYS G 144 -29.68 -7.49 -31.30
C LYS G 144 -28.92 -6.53 -32.21
N ASP G 145 -28.37 -5.44 -31.64
CA ASP G 145 -27.56 -4.47 -32.35
C ASP G 145 -26.20 -5.04 -32.78
N ARG G 146 -25.61 -4.52 -33.87
CA ARG G 146 -24.35 -5.03 -34.40
C ARG G 146 -23.19 -4.49 -33.60
N SER G 147 -23.34 -3.27 -33.05
CA SER G 147 -22.29 -2.58 -32.32
C SER G 147 -21.98 -3.20 -30.97
N THR G 148 -22.92 -3.97 -30.38
CA THR G 148 -22.70 -4.59 -29.08
C THR G 148 -21.93 -5.89 -29.13
N LEU G 149 -21.71 -6.49 -30.32
CA LEU G 149 -20.71 -7.53 -30.47
C LEU G 149 -19.33 -6.92 -30.56
N GLY G 150 -19.16 -5.83 -31.34
CA GLY G 150 -17.86 -5.16 -31.47
C GLY G 150 -17.39 -4.47 -30.20
N GLU G 151 -18.33 -4.19 -29.28
CA GLU G 151 -18.04 -3.71 -27.94
C GLU G 151 -17.31 -4.75 -27.09
N LYS G 152 -17.70 -6.03 -27.14
CA LYS G 152 -17.00 -7.08 -26.41
C LYS G 152 -15.67 -7.46 -27.06
N LEU G 153 -15.62 -7.48 -28.41
CA LEU G 153 -14.46 -7.89 -29.18
C LEU G 153 -13.27 -6.94 -29.06
N GLY G 154 -13.45 -5.63 -29.34
CA GLY G 154 -12.37 -4.66 -29.11
C GLY G 154 -12.76 -3.36 -28.45
N GLY G 155 -14.04 -3.13 -28.13
CA GLY G 155 -14.50 -1.84 -27.62
C GLY G 155 -14.55 -0.76 -28.67
N ASN G 156 -13.52 0.12 -28.70
CA ASN G 156 -13.47 1.26 -29.60
C ASN G 156 -12.50 1.06 -30.76
N VAL G 157 -11.78 -0.08 -30.83
CA VAL G 157 -10.77 -0.29 -31.86
C VAL G 157 -11.27 -1.08 -33.06
N VAL G 158 -12.50 -1.63 -33.00
CA VAL G 158 -13.10 -2.31 -34.15
C VAL G 158 -13.58 -1.27 -35.16
N VAL G 159 -13.35 -1.46 -36.47
CA VAL G 159 -13.79 -0.50 -37.47
C VAL G 159 -14.68 -1.12 -38.53
N SER G 160 -14.72 -2.46 -38.64
CA SER G 160 -15.59 -3.12 -39.61
C SER G 160 -15.91 -4.51 -39.13
N LEU G 161 -17.19 -4.80 -38.85
CA LEU G 161 -17.65 -6.07 -38.32
C LEU G 161 -18.54 -6.75 -39.34
N GLU G 162 -18.09 -7.91 -39.85
CA GLU G 162 -18.75 -8.72 -40.87
C GLU G 162 -18.90 -7.97 -42.20
N GLY G 163 -17.93 -7.10 -42.51
CA GLY G 163 -17.81 -6.35 -43.76
C GLY G 163 -18.47 -4.99 -43.73
N LYS G 164 -19.37 -4.75 -42.77
CA LYS G 164 -20.08 -3.49 -42.61
C LYS G 164 -19.39 -2.54 -41.63
N PRO G 165 -19.24 -1.24 -41.90
CA PRO G 165 -18.56 -0.33 -40.98
C PRO G 165 -19.43 0.00 -39.77
N LEU G 166 -18.81 0.28 -38.62
CA LEU G 166 -19.50 0.64 -37.40
C LEU G 166 -19.51 2.19 -37.20
N SER H 3 -27.43 30.29 24.91
CA SER H 3 -28.42 30.39 26.06
C SER H 3 -28.00 31.32 27.19
N GLY H 4 -27.81 32.63 26.89
CA GLY H 4 -27.48 33.64 27.90
C GLY H 4 -26.10 34.24 27.75
N VAL H 5 -25.27 34.07 28.79
CA VAL H 5 -24.00 34.75 29.05
C VAL H 5 -22.96 34.69 27.91
N THR H 6 -22.27 35.82 27.65
CA THR H 6 -21.09 35.92 26.78
C THR H 6 -19.79 36.01 27.56
N VAL H 7 -18.66 35.64 26.94
CA VAL H 7 -17.36 35.69 27.61
C VAL H 7 -16.70 37.05 27.36
N ASN H 8 -16.08 37.67 28.39
CA ASN H 8 -15.39 38.93 28.27
C ASN H 8 -14.09 38.82 27.47
N ASP H 9 -13.62 39.91 26.83
CA ASP H 9 -12.43 39.89 26.00
C ASP H 9 -11.13 39.84 26.80
N GLU H 10 -11.17 40.09 28.14
CA GLU H 10 -10.03 39.87 29.00
C GLU H 10 -9.76 38.41 29.28
N VAL H 11 -10.77 37.52 29.11
CA VAL H 11 -10.61 36.08 29.20
C VAL H 11 -9.84 35.54 28.01
N ILE H 12 -10.15 36.02 26.79
CA ILE H 12 -9.55 35.54 25.55
C ILE H 12 -8.07 35.93 25.45
N LYS H 13 -7.70 37.08 26.03
CA LYS H 13 -6.33 37.51 26.16
C LYS H 13 -5.51 36.64 27.12
N VAL H 14 -6.13 36.13 28.20
CA VAL H 14 -5.50 35.20 29.13
C VAL H 14 -5.34 33.82 28.51
N PHE H 15 -6.30 33.39 27.66
CA PHE H 15 -6.20 32.15 26.93
C PHE H 15 -5.10 32.18 25.87
N ASN H 16 -4.93 33.31 25.15
CA ASN H 16 -3.85 33.45 24.18
C ASN H 16 -2.46 33.64 24.79
N ASP H 17 -2.35 33.97 26.09
CA ASP H 17 -1.10 33.91 26.82
C ASP H 17 -0.73 32.47 27.24
N MET H 18 -1.70 31.54 27.27
CA MET H 18 -1.46 30.16 27.63
C MET H 18 -1.34 29.23 26.44
N LYS H 19 -2.24 29.33 25.43
CA LYS H 19 -2.22 28.40 24.32
C LYS H 19 -0.99 28.50 23.44
N VAL H 20 -0.58 29.73 23.05
CA VAL H 20 0.61 29.93 22.25
C VAL H 20 1.59 30.71 23.08
N ARG H 21 2.68 30.06 23.50
CA ARG H 21 3.77 30.73 24.18
C ARG H 21 4.78 31.21 23.15
N LYS H 22 5.66 32.14 23.57
CA LYS H 22 6.56 32.80 22.64
C LYS H 22 7.81 33.22 23.37
N SER H 23 8.83 33.71 22.65
CA SER H 23 10.16 33.98 23.19
C SER H 23 10.14 34.93 24.37
N SER H 24 10.78 34.52 25.48
CA SER H 24 10.60 35.14 26.76
C SER H 24 11.90 35.21 27.51
N THR H 25 12.15 36.33 28.20
CA THR H 25 13.21 36.51 29.18
C THR H 25 13.02 35.58 30.38
N PRO H 26 14.03 35.22 31.17
CA PRO H 26 13.86 34.36 32.33
C PRO H 26 12.95 34.98 33.39
N GLU H 27 12.85 36.31 33.46
CA GLU H 27 11.82 37.00 34.23
C GLU H 27 10.39 36.79 33.71
N GLU H 28 10.15 36.89 32.38
CA GLU H 28 8.81 36.83 31.83
C GLU H 28 8.26 35.40 31.71
N ILE H 29 9.13 34.38 31.61
CA ILE H 29 8.68 33.00 31.54
C ILE H 29 8.27 32.48 32.92
N LYS H 30 8.63 33.22 33.98
CA LYS H 30 8.14 33.01 35.33
C LYS H 30 6.90 33.83 35.63
N LYS H 31 6.28 34.48 34.62
CA LYS H 31 5.01 35.16 34.77
C LYS H 31 3.93 34.61 33.84
N ARG H 32 4.19 33.48 33.15
CA ARG H 32 3.14 32.68 32.52
C ARG H 32 2.29 31.96 33.56
N LYS H 33 1.03 31.63 33.21
CA LYS H 33 0.04 31.12 34.14
C LYS H 33 -0.12 29.60 34.03
N LYS H 34 0.10 28.87 35.15
CA LYS H 34 -0.02 27.43 35.20
C LYS H 34 -1.47 27.00 35.44
N ALA H 35 -2.27 27.84 36.12
CA ALA H 35 -3.66 27.57 36.40
C ALA H 35 -4.46 28.85 36.60
N VAL H 36 -5.61 29.00 35.92
CA VAL H 36 -6.46 30.19 35.99
C VAL H 36 -7.92 29.83 36.28
N LEU H 37 -8.63 30.56 37.17
CA LEU H 37 -10.07 30.37 37.40
C LEU H 37 -10.93 31.47 36.77
N PHE H 38 -11.93 31.10 35.95
CA PHE H 38 -12.89 32.04 35.37
C PHE H 38 -14.22 32.00 36.13
N CYS H 39 -14.80 33.18 36.45
CA CYS H 39 -16.00 33.33 37.26
C CYS H 39 -17.03 34.18 36.52
N LEU H 40 -18.13 34.56 37.17
CA LEU H 40 -19.20 35.37 36.62
C LEU H 40 -19.24 36.69 37.36
N SER H 41 -19.63 37.76 36.66
CA SER H 41 -19.70 39.10 37.23
C SER H 41 -20.91 39.24 38.15
N ASP H 42 -21.00 40.33 38.93
CA ASP H 42 -21.99 40.53 39.97
C ASP H 42 -23.45 40.52 39.49
N ASP H 43 -23.71 41.05 38.28
CA ASP H 43 -25.01 41.06 37.65
C ASP H 43 -25.23 39.87 36.70
N LYS H 44 -24.25 38.96 36.61
CA LYS H 44 -24.31 37.70 35.89
C LYS H 44 -24.60 37.80 34.40
N LYS H 45 -23.93 38.73 33.70
CA LYS H 45 -24.03 38.86 32.25
C LYS H 45 -22.76 38.44 31.51
N GLN H 46 -21.59 38.40 32.18
CA GLN H 46 -20.32 38.11 31.54
C GLN H 46 -19.39 37.22 32.36
N ILE H 47 -18.72 36.25 31.71
CA ILE H 47 -17.62 35.48 32.27
C ILE H 47 -16.35 36.32 32.32
N ILE H 48 -15.77 36.53 33.51
CA ILE H 48 -14.58 37.31 33.74
C ILE H 48 -13.44 36.47 34.31
N VAL H 49 -12.18 36.95 34.22
CA VAL H 49 -11.07 36.33 34.92
C VAL H 49 -11.11 36.68 36.39
N GLU H 50 -11.17 35.68 37.30
CA GLU H 50 -11.22 35.95 38.73
C GLU H 50 -9.91 36.53 39.24
N GLU H 51 -9.98 37.53 40.15
CA GLU H 51 -8.90 38.48 40.34
C GLU H 51 -7.63 37.90 40.97
N ALA H 52 -7.77 37.16 42.09
CA ALA H 52 -6.64 36.68 42.87
C ALA H 52 -6.73 35.19 43.14
N LYS H 53 -7.12 34.41 42.11
CA LYS H 53 -7.05 32.96 42.16
C LYS H 53 -6.41 32.46 40.87
N GLN H 54 -5.07 32.34 40.91
CA GLN H 54 -4.27 31.88 39.80
C GLN H 54 -2.92 31.41 40.31
N ILE H 55 -2.27 30.48 39.59
CA ILE H 55 -0.96 29.97 39.93
C ILE H 55 -0.01 30.35 38.81
N LEU H 56 1.10 31.03 39.11
CA LEU H 56 2.09 31.34 38.09
C LEU H 56 3.13 30.24 38.00
N VAL H 57 3.81 30.11 36.84
CA VAL H 57 4.87 29.15 36.61
C VAL H 57 6.09 29.45 37.48
N GLY H 58 6.36 30.74 37.74
CA GLY H 58 7.47 31.18 38.59
C GLY H 58 7.31 30.96 40.06
N ASP H 59 6.12 30.57 40.53
CA ASP H 59 5.86 30.41 41.94
C ASP H 59 5.88 28.93 42.34
N ILE H 60 6.15 28.04 41.36
CA ILE H 60 6.34 26.62 41.54
C ILE H 60 7.73 26.29 42.09
N GLY H 61 7.77 25.48 43.16
CA GLY H 61 9.00 25.00 43.80
C GLY H 61 9.40 25.82 45.00
N ASP H 62 8.67 26.91 45.28
CA ASP H 62 8.92 27.80 46.39
C ASP H 62 7.71 27.93 47.32
N THR H 63 6.78 28.86 47.04
CA THR H 63 5.51 29.00 47.75
C THR H 63 4.55 27.88 47.41
N VAL H 64 4.44 27.53 46.12
CA VAL H 64 3.69 26.38 45.66
C VAL H 64 4.62 25.20 45.52
N GLU H 65 4.54 24.22 46.44
CA GLU H 65 5.38 23.02 46.42
C GLU H 65 5.09 22.11 45.23
N ASP H 66 3.81 21.98 44.84
CA ASP H 66 3.35 21.09 43.81
C ASP H 66 2.25 21.81 43.02
N PRO H 67 2.23 21.83 41.70
CA PRO H 67 1.33 22.70 40.95
C PRO H 67 -0.08 22.12 40.89
N TYR H 68 -0.31 20.86 41.30
CA TYR H 68 -1.62 20.24 41.22
C TYR H 68 -2.28 20.23 42.59
N THR H 69 -1.54 19.92 43.67
CA THR H 69 -2.11 19.94 45.02
C THR H 69 -2.48 21.35 45.45
N ALA H 70 -1.75 22.36 44.97
CA ALA H 70 -2.08 23.75 45.24
C ALA H 70 -3.10 24.34 44.27
N PHE H 71 -3.57 23.56 43.28
CA PHE H 71 -4.67 23.97 42.42
C PHE H 71 -6.01 23.53 42.97
N VAL H 72 -6.10 22.36 43.63
CA VAL H 72 -7.33 21.87 44.23
C VAL H 72 -7.78 22.77 45.38
N LYS H 73 -6.83 23.38 46.10
CA LYS H 73 -7.11 24.32 47.17
C LYS H 73 -7.63 25.68 46.72
N LEU H 74 -7.46 26.07 45.43
CA LEU H 74 -8.04 27.31 44.93
C LEU H 74 -9.57 27.28 44.85
N LEU H 75 -10.11 26.15 44.37
CA LEU H 75 -11.51 25.96 44.06
C LEU H 75 -12.45 26.09 45.27
N PRO H 76 -13.53 26.89 45.24
CA PRO H 76 -14.44 27.01 46.37
C PRO H 76 -15.37 25.81 46.43
N LEU H 77 -15.72 25.30 47.64
CA LEU H 77 -16.48 24.06 47.76
C LEU H 77 -17.99 24.28 47.79
N ASN H 78 -18.44 25.55 47.82
CA ASN H 78 -19.85 25.90 47.91
C ASN H 78 -20.28 26.77 46.74
N ASP H 79 -19.45 26.84 45.67
CA ASP H 79 -19.76 27.63 44.50
C ASP H 79 -19.06 27.01 43.29
N CYS H 80 -19.45 27.41 42.09
CA CYS H 80 -19.01 26.80 40.83
C CYS H 80 -18.01 27.68 40.09
N ARG H 81 -17.13 27.08 39.28
CA ARG H 81 -16.11 27.79 38.52
C ARG H 81 -15.77 27.09 37.22
N TYR H 82 -15.32 27.84 36.21
CA TYR H 82 -14.49 27.26 35.16
C TYR H 82 -13.04 27.39 35.57
N ALA H 83 -12.17 26.53 35.05
CA ALA H 83 -10.77 26.62 35.30
C ALA H 83 -10.01 26.17 34.09
N LEU H 84 -8.70 26.40 34.09
CA LEU H 84 -7.88 26.20 32.93
C LEU H 84 -6.46 25.89 33.38
N TYR H 85 -6.04 24.62 33.27
CA TYR H 85 -4.85 24.09 33.88
C TYR H 85 -3.86 23.61 32.84
N ASP H 86 -2.61 24.11 32.83
CA ASP H 86 -1.57 23.70 31.89
C ASP H 86 -0.80 22.50 32.43
N ALA H 87 -1.18 21.28 32.01
CA ALA H 87 -0.68 20.04 32.56
C ALA H 87 0.66 19.61 31.96
N THR H 88 1.52 18.99 32.78
CA THR H 88 2.82 18.49 32.34
C THR H 88 2.89 17.02 32.61
N TYR H 89 2.81 16.18 31.55
CA TYR H 89 2.74 14.76 31.72
C TYR H 89 3.60 13.99 30.72
N GLU H 90 4.23 12.91 31.19
CA GLU H 90 5.06 12.03 30.39
C GLU H 90 4.31 10.73 30.19
N THR H 91 4.11 10.31 28.93
CA THR H 91 3.50 9.03 28.60
C THR H 91 4.57 7.96 28.50
N LYS H 92 4.23 6.74 28.08
CA LYS H 92 5.20 5.66 27.94
C LYS H 92 6.29 5.96 26.92
N GLU H 93 5.94 6.54 25.75
CA GLU H 93 6.88 6.79 24.67
C GLU H 93 7.27 8.25 24.51
N SER H 94 6.56 9.22 25.12
CA SER H 94 6.68 10.62 24.74
C SER H 94 6.46 11.56 25.92
N LYS H 95 7.11 12.74 25.92
CA LYS H 95 6.93 13.74 26.95
C LYS H 95 6.13 14.93 26.44
N LYS H 96 4.94 15.17 27.01
CA LYS H 96 3.94 16.04 26.43
C LYS H 96 3.63 17.21 27.35
N GLU H 97 2.83 18.17 26.85
CA GLU H 97 2.38 19.29 27.66
C GLU H 97 1.15 19.90 26.99
N ASP H 98 -0.04 19.69 27.57
CA ASP H 98 -1.30 20.16 27.02
C ASP H 98 -2.10 20.85 28.12
N LEU H 99 -3.18 21.58 27.75
CA LEU H 99 -3.93 22.36 28.72
C LEU H 99 -5.39 21.95 28.78
N VAL H 100 -5.90 21.85 30.02
CA VAL H 100 -7.11 21.14 30.38
C VAL H 100 -8.17 22.11 30.84
N PHE H 101 -9.39 22.01 30.27
CA PHE H 101 -10.53 22.81 30.65
C PHE H 101 -11.30 22.08 31.74
N ILE H 102 -11.42 22.69 32.93
CA ILE H 102 -12.10 22.08 34.06
C ILE H 102 -13.37 22.84 34.32
N PHE H 103 -14.51 22.14 34.27
CA PHE H 103 -15.80 22.65 34.66
C PHE H 103 -16.07 22.15 36.07
N TRP H 104 -15.83 22.98 37.08
CA TRP H 104 -16.07 22.65 38.48
C TRP H 104 -17.48 23.08 38.87
N ALA H 105 -18.30 22.14 39.34
CA ALA H 105 -19.64 22.42 39.78
C ALA H 105 -20.03 21.49 40.91
N PRO H 106 -19.65 21.74 42.16
CA PRO H 106 -19.86 20.82 43.26
C PRO H 106 -21.32 20.62 43.60
N GLU H 107 -21.63 19.51 44.29
CA GLU H 107 -23.00 19.14 44.63
C GLU H 107 -23.58 19.99 45.75
N SER H 108 -22.71 20.73 46.48
CA SER H 108 -23.11 21.61 47.57
C SER H 108 -23.35 23.05 47.12
N ALA H 109 -23.24 23.35 45.82
CA ALA H 109 -23.48 24.68 45.28
C ALA H 109 -24.98 24.95 45.09
N PRO H 110 -25.48 26.19 45.10
CA PRO H 110 -26.90 26.49 44.91
C PRO H 110 -27.29 26.38 43.44
N LEU H 111 -28.58 26.11 43.13
CA LEU H 111 -28.98 25.80 41.76
C LEU H 111 -28.89 26.96 40.80
N LYS H 112 -28.88 28.21 41.31
CA LYS H 112 -28.77 29.38 40.46
C LYS H 112 -27.31 29.63 40.04
N SER H 113 -26.35 28.93 40.67
CA SER H 113 -24.97 28.96 40.22
C SER H 113 -24.57 27.65 39.53
N LYS H 114 -25.43 26.61 39.55
CA LYS H 114 -25.14 25.38 38.85
C LYS H 114 -25.76 25.38 37.46
N MET H 115 -26.99 25.92 37.32
CA MET H 115 -27.66 26.09 36.04
C MET H 115 -27.01 27.13 35.13
N ILE H 116 -26.47 28.23 35.70
CA ILE H 116 -26.05 29.34 34.88
C ILE H 116 -24.67 29.13 34.27
N TYR H 117 -23.86 28.18 34.79
CA TYR H 117 -22.62 27.80 34.15
C TYR H 117 -22.79 26.63 33.21
N ALA H 118 -23.75 25.70 33.46
CA ALA H 118 -23.97 24.59 32.57
C ALA H 118 -24.54 25.00 31.21
N SER H 119 -25.36 26.06 31.17
CA SER H 119 -25.89 26.65 29.94
C SER H 119 -24.93 27.62 29.26
N SER H 120 -23.89 28.09 29.98
CA SER H 120 -22.92 29.05 29.46
C SER H 120 -21.60 28.40 29.08
N LYS H 121 -21.43 27.08 29.33
CA LYS H 121 -20.22 26.36 28.99
C LYS H 121 -19.93 26.29 27.51
N ASP H 122 -20.96 26.12 26.66
CA ASP H 122 -20.79 26.08 25.23
C ASP H 122 -20.43 27.45 24.67
N ALA H 123 -20.81 28.54 25.37
CA ALA H 123 -20.48 29.88 24.97
C ALA H 123 -19.04 30.30 25.30
N ILE H 124 -18.32 29.60 26.21
CA ILE H 124 -16.92 29.87 26.48
C ILE H 124 -16.00 28.78 25.92
N LYS H 125 -16.53 27.58 25.60
CA LYS H 125 -15.73 26.56 24.95
C LYS H 125 -15.48 26.87 23.47
N LYS H 126 -16.52 27.32 22.72
CA LYS H 126 -16.41 27.72 21.32
C LYS H 126 -15.32 28.75 21.04
N LYS H 127 -15.11 29.72 21.96
CA LYS H 127 -14.09 30.74 21.83
C LYS H 127 -12.69 30.24 22.18
N PHE H 128 -12.56 29.10 22.87
CA PHE H 128 -11.29 28.46 23.17
C PHE H 128 -10.94 27.43 22.10
N THR H 129 -10.34 27.88 20.99
CA THR H 129 -9.94 27.03 19.87
C THR H 129 -8.88 26.02 20.26
N GLY H 130 -9.05 24.73 19.90
CA GLY H 130 -7.96 23.73 19.99
C GLY H 130 -7.71 23.13 21.35
N ILE H 131 -8.55 23.43 22.35
CA ILE H 131 -8.45 22.85 23.68
C ILE H 131 -9.01 21.43 23.72
N LYS H 132 -8.16 20.43 23.98
CA LYS H 132 -8.54 19.04 23.77
C LYS H 132 -9.22 18.40 24.96
N HIS H 133 -8.66 18.58 26.16
CA HIS H 133 -9.12 17.88 27.33
C HIS H 133 -10.15 18.68 28.11
N GLU H 134 -11.44 18.41 27.87
CA GLU H 134 -12.52 18.79 28.75
C GLU H 134 -12.64 17.82 29.93
N TRP H 135 -12.94 18.34 31.12
CA TRP H 135 -13.12 17.51 32.29
C TRP H 135 -14.13 18.17 33.21
N GLN H 136 -15.41 17.71 33.21
CA GLN H 136 -16.35 18.17 34.22
C GLN H 136 -16.04 17.50 35.53
N VAL H 137 -16.09 18.27 36.63
CA VAL H 137 -15.86 17.77 37.96
C VAL H 137 -17.01 18.23 38.81
N ASN H 138 -17.57 17.32 39.63
CA ASN H 138 -18.57 17.67 40.61
C ASN H 138 -17.98 17.52 42.00
N GLY H 139 -17.97 16.30 42.58
CA GLY H 139 -17.40 16.08 43.91
C GLY H 139 -15.92 16.39 44.05
N LEU H 140 -15.48 16.75 45.28
CA LEU H 140 -14.09 16.99 45.62
C LEU H 140 -13.22 15.75 45.42
N ASP H 141 -13.71 14.58 45.88
CA ASP H 141 -13.06 13.30 45.79
C ASP H 141 -12.65 12.87 44.37
N ASP H 142 -13.33 13.38 43.32
CA ASP H 142 -12.99 13.11 41.94
C ASP H 142 -11.82 13.96 41.41
N ILE H 143 -11.50 15.11 42.02
CA ILE H 143 -10.41 15.96 41.55
C ILE H 143 -9.21 15.98 42.50
N LYS H 144 -9.43 15.65 43.80
CA LYS H 144 -8.43 15.80 44.84
C LYS H 144 -7.18 14.95 44.65
N ASP H 145 -7.35 13.67 44.27
CA ASP H 145 -6.28 12.75 43.99
C ASP H 145 -5.52 13.12 42.71
N ARG H 146 -4.23 12.76 42.61
CA ARG H 146 -3.39 13.12 41.47
C ARG H 146 -3.66 12.18 40.31
N SER H 147 -4.03 10.93 40.61
CA SER H 147 -4.23 9.88 39.62
C SER H 147 -5.50 10.10 38.78
N THR H 148 -6.48 10.88 39.29
CA THR H 148 -7.71 11.13 38.55
C THR H 148 -7.62 12.22 37.50
N LEU H 149 -6.53 13.03 37.49
CA LEU H 149 -6.22 13.85 36.32
C LEU H 149 -5.58 13.01 35.23
N GLY H 150 -4.63 12.11 35.59
CA GLY H 150 -3.97 11.25 34.61
C GLY H 150 -4.88 10.20 34.01
N GLU H 151 -6.00 9.91 34.68
CA GLU H 151 -7.08 9.09 34.16
C GLU H 151 -7.79 9.72 32.96
N LYS H 152 -8.07 11.04 33.00
CA LYS H 152 -8.69 11.73 31.87
C LYS H 152 -7.69 11.96 30.73
N LEU H 153 -6.43 12.29 31.07
CA LEU H 153 -5.39 12.62 30.11
C LEU H 153 -4.96 11.46 29.23
N GLY H 154 -4.56 10.31 29.82
CA GLY H 154 -4.25 9.11 29.02
C GLY H 154 -4.79 7.81 29.54
N GLY H 155 -5.47 7.78 30.69
CA GLY H 155 -5.90 6.52 31.31
C GLY H 155 -4.76 5.74 31.93
N ASN H 156 -4.26 4.71 31.23
CA ASN H 156 -3.23 3.82 31.74
C ASN H 156 -1.86 4.08 31.12
N VAL H 157 -1.73 5.05 30.18
CA VAL H 157 -0.47 5.28 29.48
C VAL H 157 0.35 6.41 30.09
N VAL H 158 -0.20 7.17 31.05
CA VAL H 158 0.56 8.21 31.75
C VAL H 158 1.50 7.55 32.76
N VAL H 159 2.76 7.99 32.87
CA VAL H 159 3.70 7.40 33.81
C VAL H 159 4.29 8.42 34.77
N SER H 160 4.17 9.73 34.49
CA SER H 160 4.67 10.75 35.39
C SER H 160 3.90 12.03 35.18
N LEU H 161 3.17 12.49 36.21
CA LEU H 161 2.33 13.66 36.14
C LEU H 161 2.87 14.74 37.07
N GLU H 162 3.32 15.87 36.49
CA GLU H 162 3.92 17.01 37.18
C GLU H 162 5.21 16.64 37.90
N GLY H 163 5.97 15.68 37.31
CA GLY H 163 7.29 15.24 37.77
C GLY H 163 7.26 14.07 38.73
N LYS H 164 6.09 13.80 39.34
CA LYS H 164 5.91 12.71 40.29
C LYS H 164 5.38 11.43 39.62
N PRO H 165 5.88 10.24 39.90
CA PRO H 165 5.40 9.02 39.26
C PRO H 165 4.05 8.60 39.80
N LEU H 166 3.22 7.94 38.98
CA LEU H 166 1.91 7.45 39.36
C LEU H 166 1.96 5.93 39.71
MG MG I . 53.57 -3.96 -21.51
PB ADP J . 50.20 -3.10 -20.83
O1B ADP J . 51.62 -3.08 -20.41
O2B ADP J . 49.44 -2.20 -19.93
O3B ADP J . 49.95 -2.92 -22.36
PA ADP J . 50.21 -5.76 -19.58
O1A ADP J . 51.40 -6.48 -20.06
O2A ADP J . 50.31 -5.24 -18.19
O3A ADP J . 49.75 -4.60 -20.56
O5' ADP J . 49.02 -6.83 -19.69
C5' ADP J . 47.69 -6.43 -19.22
C4' ADP J . 46.69 -7.24 -20.05
O4' ADP J . 46.97 -8.65 -19.81
C3' ADP J . 45.22 -6.99 -19.59
O3' ADP J . 44.42 -6.99 -20.79
C2' ADP J . 44.92 -8.25 -18.79
O2' ADP J . 43.52 -8.60 -18.79
C1' ADP J . 45.81 -9.28 -19.41
N9 ADP J . 46.10 -10.44 -18.58
C8 ADP J . 46.65 -10.48 -17.33
N7 ADP J . 46.76 -11.65 -16.79
C5 ADP J . 46.29 -12.45 -17.74
C6 ADP J . 46.14 -13.82 -17.76
N6 ADP J . 46.50 -14.61 -16.74
N1 ADP J . 45.61 -14.33 -18.87
C2 ADP J . 45.23 -13.55 -19.94
N3 ADP J . 45.32 -12.22 -20.00
C4 ADP J . 45.86 -11.76 -18.85
MG MG K . 10.76 -6.60 -33.66
PB ADP L . 9.14 -6.89 -30.53
O1B ADP L . 9.23 -7.30 -31.95
O2B ADP L . 8.19 -7.81 -29.85
O3B ADP L . 10.50 -6.67 -29.81
PA ADP L . 7.57 -4.66 -31.60
O1A ADP L . 8.30 -4.11 -32.75
O2A ADP L . 6.38 -5.51 -31.95
O3A ADP L . 8.49 -5.44 -30.60
O5' ADP L . 7.10 -3.37 -30.77
C5' ADP L . 6.29 -3.61 -29.57
C4' ADP L . 6.59 -2.44 -28.62
O4' ADP L . 6.24 -1.22 -29.33
C3' ADP L . 5.72 -2.49 -27.33
O3' ADP L . 6.57 -2.05 -26.25
C2' ADP L . 4.67 -1.41 -27.61
O2' ADP L . 4.15 -0.80 -26.42
C1' ADP L . 5.38 -0.46 -28.53
N9 ADP L . 4.53 0.38 -29.34
C8 ADP L . 3.54 0.01 -30.21
N7 ADP L . 2.88 0.99 -30.79
C5 ADP L . 3.49 2.06 -30.30
C6 ADP L . 3.24 3.40 -30.52
N6 ADP L . 2.29 3.84 -31.34
N1 ADP L . 4.01 4.25 -29.85
C2 ADP L . 5.01 3.83 -28.98
N3 ADP L . 5.30 2.57 -28.70
C4 ADP L . 4.49 1.76 -29.40
MG MG M . 7.36 7.38 8.53
PB ADP N . 3.87 7.25 9.04
O1B ADP N . 5.14 7.95 9.26
O2B ADP N . 2.77 8.15 9.49
O3B ADP N . 3.68 6.59 7.64
PA ADP N . 4.68 5.69 11.39
O1A ADP N . 6.08 5.28 11.20
O2A ADP N . 4.48 6.82 12.35
O3A ADP N . 3.93 6.01 10.04
O5' ADP N . 3.94 4.36 11.93
C5' ADP N . 2.53 4.47 12.27
C4' ADP N . 1.94 3.08 12.03
O4' ADP N . 2.67 2.14 12.88
C3' ADP N . 0.44 3.00 12.45
O3' ADP N . -0.21 2.15 11.48
C2' ADP N . 0.51 2.25 13.78
O2' ADP N . -0.67 1.49 14.08
C1' ADP N . 1.76 1.42 13.64
N9 ADP N . 2.37 0.98 14.88
C8 ADP N . 2.78 1.74 15.94
N7 ADP N . 3.25 1.07 16.97
C5 ADP N . 3.16 -0.19 16.55
C6 ADP N . 3.50 -1.35 17.20
N6 ADP N . 4.02 -1.39 18.43
N1 ADP N . 3.27 -2.48 16.53
C2 ADP N . 2.73 -2.48 15.25
N3 ADP N . 2.37 -1.41 14.57
C4 ADP N . 2.62 -0.31 15.30
MG MG O . -30.78 -15.10 3.31
PB ADP P . -32.45 -14.39 6.34
O1B ADP P . -32.12 -15.36 5.30
O2B ADP P . -33.09 -15.13 7.47
O3B ADP P . -31.32 -13.41 6.74
PA ADP P . -34.61 -13.62 4.51
O1A ADP P . -34.02 -13.47 3.18
O2A ADP P . -35.39 -14.87 4.73
O3A ADP P . -33.55 -13.47 5.68
O5' ADP P . -35.56 -12.34 4.68
C5' ADP P . -36.33 -12.23 5.93
C4' ADP P . -36.53 -10.73 6.17
O4' ADP P . -37.22 -10.19 5.01
C3' ADP P . -37.43 -10.46 7.41
O3' ADP P . -36.88 -9.29 8.07
C2' ADP P . -38.77 -10.07 6.76
O2' ADP P . -39.56 -9.19 7.56
C1' ADP P . -38.34 -9.51 5.43
N9 ADP P . -39.37 -9.49 4.40
C8 ADP P . -40.10 -10.54 3.91
N7 ADP P . -41.00 -10.24 3.01
C5 ADP P . -40.84 -8.93 2.88
C6 ADP P . -41.51 -8.04 2.08
N6 ADP P . -42.49 -8.40 1.23
N1 ADP P . -41.14 -6.76 2.19
C2 ADP P . -40.13 -6.35 3.05
N3 ADP P . -39.45 -7.14 3.86
C4 ADP P . -39.87 -8.41 3.71
MG MG Q . -42.21 15.18 33.97
PB ADP R . -45.48 14.13 34.82
O1B ADP R . -44.54 15.24 34.56
O2B ADP R . -46.85 14.70 34.90
O3B ADP R . -45.31 12.88 33.93
PA ADP R . -44.38 14.27 37.54
O1A ADP R . -42.90 14.32 37.42
O2A ADP R . -45.02 15.57 37.87
O3A ADP R . -45.07 13.64 36.28
O5' ADP R . -44.64 13.20 38.71
C5' ADP R . -46.04 12.97 39.10
C4' ADP R . -46.09 11.52 39.61
O4' ADP R . -45.16 11.42 40.72
C3' ADP R . -47.50 11.15 40.16
O3' ADP R . -47.74 9.78 39.77
C2' ADP R . -47.27 11.20 41.67
O2' ADP R . -48.15 10.33 42.40
C1' ADP R . -45.81 10.89 41.82
N9 ADP R . -45.20 11.33 43.05
C8 ADP R . -45.16 12.58 43.58
N7 ADP R . -44.57 12.69 44.75
C5 ADP R . -44.18 11.44 44.99
C6 ADP R . -43.52 10.92 46.08
N6 ADP R . -43.13 11.66 47.12
N1 ADP R . -43.30 9.61 46.04
C2 ADP R . -43.70 8.81 44.97
N3 ADP R . -44.35 9.24 43.90
C4 ADP R . -44.55 10.57 44.01
#